data_6YN7
#
_entry.id   6YN7
#
_cell.length_a   100.045
_cell.length_b   93.350
_cell.length_c   106.383
_cell.angle_alpha   90.000
_cell.angle_beta   98.692
_cell.angle_gamma   90.000
#
_symmetry.space_group_name_H-M   'P 1 21 1'
#
loop_
_entity.id
_entity.type
_entity.pdbx_description
1 polymer 'AHE, beta-glucosidase enzyme'
2 non-polymer 1,2-ETHANEDIOL
3 non-polymer 'NICKEL (II) ION'
4 non-polymer 'TRIETHYLENE GLYCOL'
5 non-polymer DI(HYDROXYETHYL)ETHER
6 water water
#
_entity_poly.entity_id   1
_entity_poly.type   'polypeptide(L)'
_entity_poly.pdbx_seq_one_letter_code
;MTREFISFPQDFLFGTATASYQIEGAVHEDGRGESIWDRFSHTPGKVYQGHTGDVACDHYHRYREDVALMKELGIPAYRF
SIAWPRIFPEKGMKNEAGLDFYRRLLEALHEADIRSFVTLYHWDLPQWLQDRGGWANRDTAEYFAEYASLIYERLGDGID
AFITHNEPWCAAFLGHGFGVHAPGHTDWREAFQAAHHILYSHGLAVQAHRASSHKGQIGITLNFTWVDAATDSATDQAAA
EVSHAFNNRWFLEPVAGRGYPQEFQQLVEQRIGQFDFVRQGDLAVIAEPIDFLGINFYTRSVVAANPDDALFGLRTLEAP
ADNRTEMGWEIHPDSLYRLLTWVQSVTGQLPLYITENGAAFADEPVNGRVEDVRRIHYIADHLEAAKRFVDAGGPLKGYF
LWSFMDNFEWALGYSKRFGMVYVDYESQQRLVKDSGRWFSEQIAAHKGQVRA
;
_entity_poly.pdbx_strand_id   A,B,C,D
#
# COMPACT_ATOMS: atom_id res chain seq x y z
N THR A 2 -12.01 -14.58 55.17
CA THR A 2 -12.89 -15.74 55.11
C THR A 2 -13.86 -15.61 53.93
N ARG A 3 -13.86 -16.62 53.07
CA ARG A 3 -14.77 -16.69 51.93
C ARG A 3 -15.22 -18.13 51.74
N GLU A 4 -16.35 -18.29 51.07
CA GLU A 4 -16.83 -19.63 50.73
C GLU A 4 -16.13 -20.14 49.48
N PHE A 5 -15.95 -21.46 49.41
CA PHE A 5 -15.25 -22.07 48.30
C PHE A 5 -16.17 -22.26 47.11
N ILE A 6 -15.59 -22.16 45.91
CA ILE A 6 -16.35 -22.15 44.67
C ILE A 6 -16.27 -23.53 44.02
N SER A 7 -17.43 -24.11 43.73
CA SER A 7 -17.49 -25.43 43.14
C SER A 7 -17.27 -25.36 41.63
N PHE A 8 -16.60 -26.37 41.09
CA PHE A 8 -16.25 -26.43 39.68
C PHE A 8 -16.46 -27.85 39.18
N PRO A 9 -16.55 -28.03 37.86
CA PRO A 9 -16.71 -29.38 37.31
C PRO A 9 -15.53 -30.28 37.66
N GLN A 10 -15.66 -31.56 37.28
CA GLN A 10 -14.80 -32.60 37.82
C GLN A 10 -13.34 -32.39 37.42
N ASP A 11 -13.07 -32.27 36.12
CA ASP A 11 -11.70 -32.19 35.63
C ASP A 11 -11.20 -30.75 35.49
N PHE A 12 -11.74 -29.83 36.28
CA PHE A 12 -11.17 -28.49 36.38
C PHE A 12 -9.77 -28.58 37.00
N LEU A 13 -8.83 -27.83 36.43
CA LEU A 13 -7.42 -27.93 36.79
C LEU A 13 -6.95 -26.60 37.39
N PHE A 14 -6.63 -26.61 38.68
CA PHE A 14 -6.08 -25.45 39.35
C PHE A 14 -4.55 -25.50 39.33
N GLY A 15 -3.93 -24.35 39.54
CA GLY A 15 -2.48 -24.30 39.57
C GLY A 15 -2.00 -22.89 39.82
N THR A 16 -0.67 -22.75 39.85
CA THR A 16 0.00 -21.47 39.98
C THR A 16 1.01 -21.30 38.86
N ALA A 17 1.41 -20.05 38.60
CA ALA A 17 2.23 -19.73 37.45
C ALA A 17 3.42 -18.88 37.86
N THR A 18 4.55 -19.09 37.17
CA THR A 18 5.76 -18.31 37.36
C THR A 18 6.39 -18.02 36.00
N ALA A 19 7.51 -17.30 36.01
CA ALA A 19 8.27 -17.00 34.81
C ALA A 19 9.75 -17.17 35.12
N SER A 20 10.49 -17.69 34.13
CA SER A 20 11.87 -18.10 34.37
C SER A 20 12.72 -16.94 34.91
N TYR A 21 12.88 -15.88 34.12
CA TYR A 21 13.71 -14.76 34.56
C TYR A 21 13.16 -14.09 35.82
N GLN A 22 11.86 -14.22 36.09
CA GLN A 22 11.28 -13.57 37.25
C GLN A 22 11.63 -14.27 38.56
N ILE A 23 12.00 -15.56 38.52
CA ILE A 23 12.15 -16.33 39.75
C ILE A 23 13.50 -17.04 39.83
N GLU A 24 14.08 -17.37 38.67
CA GLU A 24 15.21 -18.31 38.67
C GLU A 24 16.47 -17.69 39.27
N GLY A 25 16.91 -16.55 38.74
CA GLY A 25 18.20 -16.07 39.17
C GLY A 25 19.30 -16.94 38.57
N ALA A 26 20.47 -16.88 39.20
CA ALA A 26 21.66 -17.62 38.74
C ALA A 26 21.90 -17.35 37.26
N VAL A 27 21.98 -16.07 36.90
CA VAL A 27 22.01 -15.68 35.50
C VAL A 27 23.34 -16.00 34.83
N HIS A 28 24.40 -16.26 35.62
CA HIS A 28 25.70 -16.58 35.07
C HIS A 28 26.06 -18.06 35.17
N GLU A 29 25.24 -18.87 35.83
CA GLU A 29 25.59 -20.24 36.18
C GLU A 29 25.29 -21.20 35.04
N ASP A 30 26.17 -22.20 34.88
CA ASP A 30 25.99 -23.29 33.92
C ASP A 30 25.88 -22.76 32.48
N GLY A 31 26.66 -21.73 32.19
CA GLY A 31 26.78 -21.24 30.83
C GLY A 31 25.55 -20.60 30.24
N ARG A 32 24.71 -19.99 31.07
CA ARG A 32 23.53 -19.31 30.56
C ARG A 32 23.93 -18.06 29.78
N GLY A 33 23.30 -17.86 28.63
CA GLY A 33 23.58 -16.67 27.84
C GLY A 33 22.82 -15.46 28.32
N GLU A 34 23.30 -14.29 27.92
CA GLU A 34 22.65 -13.04 28.31
C GLU A 34 21.32 -12.90 27.59
N SER A 35 20.27 -12.58 28.34
CA SER A 35 18.96 -12.32 27.78
C SER A 35 18.75 -10.82 27.61
N ILE A 36 17.71 -10.47 26.82
CA ILE A 36 17.40 -9.07 26.61
C ILE A 36 16.97 -8.40 27.90
N TRP A 37 16.48 -9.16 28.87
CA TRP A 37 16.11 -8.58 30.16
C TRP A 37 17.32 -8.42 31.07
N ASP A 38 18.35 -9.25 30.90
CA ASP A 38 19.61 -8.98 31.58
C ASP A 38 20.21 -7.68 31.08
N ARG A 39 20.18 -7.46 29.76
CA ARG A 39 20.67 -6.21 29.20
C ARG A 39 19.77 -5.04 29.57
N PHE A 40 18.46 -5.27 29.59
CA PHE A 40 17.51 -4.19 29.86
C PHE A 40 17.58 -3.75 31.32
N SER A 41 17.56 -4.71 32.25
CA SER A 41 17.51 -4.37 33.67
C SER A 41 18.83 -3.76 34.15
N HIS A 42 19.95 -4.12 33.52
CA HIS A 42 21.23 -3.53 33.87
C HIS A 42 21.48 -2.22 33.15
N THR A 43 20.56 -1.79 32.27
CA THR A 43 20.66 -0.49 31.64
C THR A 43 20.03 0.56 32.54
N PRO A 44 20.74 1.64 32.88
CA PRO A 44 20.24 2.56 33.91
C PRO A 44 18.92 3.22 33.50
N GLY A 45 18.04 3.38 34.49
CA GLY A 45 16.77 4.05 34.30
C GLY A 45 15.65 3.21 33.73
N LYS A 46 15.90 1.94 33.44
CA LYS A 46 14.90 1.10 32.78
C LYS A 46 14.05 0.30 33.75
N VAL A 47 14.54 0.02 34.96
CA VAL A 47 13.80 -0.75 35.96
C VAL A 47 13.83 0.00 37.28
N TYR A 48 12.75 -0.11 38.03
CA TYR A 48 12.59 0.60 39.30
C TYR A 48 13.77 0.35 40.23
N GLN A 49 14.48 1.44 40.56
CA GLN A 49 15.60 1.41 41.51
C GLN A 49 16.66 0.38 41.09
N GLY A 50 16.85 0.21 39.79
CA GLY A 50 17.90 -0.65 39.28
C GLY A 50 17.82 -2.10 39.67
N HIS A 51 16.62 -2.60 39.97
CA HIS A 51 16.47 -4.00 40.32
C HIS A 51 16.66 -4.87 39.07
N THR A 52 17.28 -6.02 39.25
CA THR A 52 17.53 -6.96 38.17
C THR A 52 17.09 -8.35 38.60
N GLY A 53 17.07 -9.26 37.63
CA GLY A 53 16.76 -10.66 37.92
C GLY A 53 18.01 -11.46 38.16
N ASP A 54 19.07 -10.82 38.67
CA ASP A 54 20.32 -11.52 38.95
C ASP A 54 20.10 -12.66 39.93
N VAL A 55 19.44 -12.39 41.04
CA VAL A 55 19.15 -13.38 42.07
C VAL A 55 17.68 -13.78 42.05
N ALA A 56 16.78 -12.80 42.03
CA ALA A 56 15.33 -13.01 42.01
C ALA A 56 14.98 -13.88 43.22
N CYS A 57 14.29 -15.00 43.05
CA CYS A 57 13.98 -15.91 44.15
C CYS A 57 14.97 -17.04 44.28
N ASP A 58 16.02 -17.06 43.44
CA ASP A 58 17.00 -18.14 43.43
C ASP A 58 16.32 -19.50 43.26
N HIS A 59 15.26 -19.52 42.45
CA HIS A 59 14.56 -20.77 42.18
C HIS A 59 15.44 -21.79 41.50
N TYR A 60 16.50 -21.35 40.82
CA TYR A 60 17.45 -22.27 40.20
C TYR A 60 18.10 -23.17 41.25
N HIS A 61 18.17 -22.72 42.49
CA HIS A 61 18.76 -23.50 43.58
C HIS A 61 17.74 -24.05 44.56
N ARG A 62 16.56 -23.43 44.68
CA ARG A 62 15.57 -23.83 45.66
C ARG A 62 14.35 -24.48 45.02
N TYR A 63 14.50 -25.06 43.83
CA TYR A 63 13.34 -25.59 43.11
C TYR A 63 12.77 -26.82 43.79
N ARG A 64 13.60 -27.61 44.48
CA ARG A 64 13.07 -28.78 45.19
C ARG A 64 12.25 -28.36 46.39
N GLU A 65 12.68 -27.32 47.11
CA GLU A 65 11.88 -26.79 48.21
C GLU A 65 10.58 -26.21 47.69
N ASP A 66 10.63 -25.53 46.54
CA ASP A 66 9.42 -24.92 45.99
C ASP A 66 8.44 -25.98 45.48
N VAL A 67 8.94 -27.00 44.79
CA VAL A 67 8.07 -28.09 44.33
C VAL A 67 7.44 -28.80 45.52
N ALA A 68 8.25 -29.11 46.53
CA ALA A 68 7.74 -29.80 47.72
C ALA A 68 6.75 -28.92 48.49
N LEU A 69 6.91 -27.61 48.45
CA LEU A 69 5.92 -26.73 49.04
C LEU A 69 4.60 -26.79 48.26
N MET A 70 4.69 -26.92 46.94
CA MET A 70 3.47 -27.09 46.14
C MET A 70 2.84 -28.46 46.36
N LYS A 71 3.66 -29.47 46.65
CA LYS A 71 3.10 -30.79 46.99
C LYS A 71 2.45 -30.76 48.36
N GLU A 72 3.08 -30.10 49.33
CA GLU A 72 2.51 -29.99 50.67
C GLU A 72 1.17 -29.26 50.63
N LEU A 73 1.11 -28.15 49.89
CA LEU A 73 -0.13 -27.42 49.75
C LEU A 73 -1.14 -28.14 48.85
N GLY A 74 -0.71 -29.15 48.10
CA GLY A 74 -1.60 -29.93 47.26
C GLY A 74 -2.10 -29.19 46.03
N ILE A 75 -1.19 -28.63 45.25
CA ILE A 75 -1.53 -27.90 44.04
C ILE A 75 -1.43 -28.87 42.87
N PRO A 76 -2.49 -29.07 42.08
CA PRO A 76 -2.45 -30.12 41.06
C PRO A 76 -1.59 -29.79 39.86
N ALA A 77 -1.40 -28.51 39.53
CA ALA A 77 -0.66 -28.12 38.34
C ALA A 77 0.28 -26.97 38.68
N TYR A 78 1.18 -26.68 37.74
CA TYR A 78 2.18 -25.64 37.93
C TYR A 78 2.61 -25.14 36.55
N ARG A 79 2.42 -23.86 36.29
CA ARG A 79 2.83 -23.25 35.05
C ARG A 79 4.16 -22.54 35.23
N PHE A 80 5.13 -22.88 34.38
CA PHE A 80 6.44 -22.23 34.41
C PHE A 80 6.95 -22.14 32.99
N SER A 81 7.98 -21.31 32.80
CA SER A 81 8.57 -21.09 31.48
C SER A 81 9.99 -21.63 31.44
N ILE A 82 10.44 -21.96 30.24
CA ILE A 82 11.80 -22.39 29.99
C ILE A 82 12.61 -21.22 29.47
N ALA A 83 13.72 -20.91 30.13
CA ALA A 83 14.57 -19.80 29.73
C ALA A 83 15.33 -20.19 28.46
N TRP A 84 14.93 -19.60 27.34
CA TRP A 84 15.65 -19.79 26.08
C TRP A 84 17.17 -19.59 26.20
N PRO A 85 17.68 -18.58 26.92
CA PRO A 85 19.15 -18.47 27.02
C PRO A 85 19.81 -19.66 27.69
N ARG A 86 19.12 -20.35 28.60
CA ARG A 86 19.73 -21.51 29.25
C ARG A 86 19.93 -22.66 28.29
N ILE A 87 19.17 -22.71 27.20
CA ILE A 87 19.22 -23.83 26.27
C ILE A 87 20.06 -23.51 25.05
N PHE A 88 19.94 -22.30 24.51
CA PHE A 88 20.78 -21.81 23.42
C PHE A 88 21.45 -20.52 23.87
N PRO A 89 22.54 -20.61 24.63
CA PRO A 89 23.20 -19.39 25.12
C PRO A 89 23.83 -18.57 24.02
N GLU A 90 24.34 -19.19 22.96
CA GLU A 90 24.91 -18.51 21.82
C GLU A 90 24.27 -19.05 20.55
N LYS A 91 24.60 -18.42 19.43
CA LYS A 91 24.01 -18.79 18.14
C LYS A 91 24.33 -20.23 17.77
N GLY A 92 23.30 -21.08 17.76
CA GLY A 92 23.46 -22.48 17.41
C GLY A 92 24.41 -23.22 18.34
N MET A 93 24.08 -23.25 19.63
CA MET A 93 24.91 -23.96 20.61
C MET A 93 23.97 -24.52 21.68
N LYS A 94 23.69 -25.82 21.59
CA LYS A 94 22.85 -26.48 22.57
C LYS A 94 23.60 -26.63 23.89
N ASN A 95 22.93 -26.27 24.99
CA ASN A 95 23.53 -26.33 26.33
C ASN A 95 22.84 -27.43 27.12
N GLU A 96 23.59 -28.47 27.47
CA GLU A 96 23.00 -29.61 28.17
C GLU A 96 22.69 -29.29 29.63
N ALA A 97 23.51 -28.45 30.27
CA ALA A 97 23.25 -28.10 31.66
C ALA A 97 21.94 -27.35 31.81
N GLY A 98 21.60 -26.49 30.85
CA GLY A 98 20.32 -25.81 30.88
C GLY A 98 19.17 -26.78 30.70
N LEU A 99 19.30 -27.71 29.74
CA LEU A 99 18.28 -28.74 29.57
C LEU A 99 18.21 -29.66 30.78
N ASP A 100 19.34 -29.89 31.45
CA ASP A 100 19.36 -30.82 32.57
C ASP A 100 18.61 -30.26 33.77
N PHE A 101 18.69 -28.94 33.98
CA PHE A 101 17.99 -28.33 35.11
C PHE A 101 16.48 -28.51 34.98
N TYR A 102 15.93 -28.15 33.82
CA TYR A 102 14.49 -28.31 33.61
C TYR A 102 14.10 -29.79 33.61
N ARG A 103 15.04 -30.68 33.26
CA ARG A 103 14.80 -32.10 33.42
C ARG A 103 14.69 -32.48 34.89
N ARG A 104 15.58 -31.95 35.73
CA ARG A 104 15.50 -32.21 37.17
C ARG A 104 14.22 -31.65 37.76
N LEU A 105 13.82 -30.45 37.32
CA LEU A 105 12.59 -29.84 37.83
C LEU A 105 11.37 -30.66 37.45
N LEU A 106 11.33 -31.16 36.21
CA LEU A 106 10.18 -31.94 35.76
C LEU A 106 10.10 -33.28 36.48
N GLU A 107 11.23 -33.87 36.85
CA GLU A 107 11.20 -35.10 37.64
C GLU A 107 10.63 -34.85 39.03
N ALA A 108 10.92 -33.68 39.61
CA ALA A 108 10.34 -33.33 40.91
C ALA A 108 8.84 -33.14 40.81
N LEU A 109 8.37 -32.54 39.70
CA LEU A 109 6.93 -32.37 39.50
C LEU A 109 6.23 -33.70 39.26
N HIS A 110 6.91 -34.65 38.61
CA HIS A 110 6.30 -35.95 38.36
C HIS A 110 6.14 -36.75 39.65
N GLU A 111 7.16 -36.74 40.52
CA GLU A 111 7.06 -37.44 41.79
C GLU A 111 6.00 -36.82 42.67
N ALA A 112 5.86 -35.50 42.65
CA ALA A 112 4.85 -34.80 43.43
C ALA A 112 3.46 -34.90 42.81
N ASP A 113 3.33 -35.54 41.64
CA ASP A 113 2.05 -35.69 40.95
C ASP A 113 1.42 -34.32 40.66
N ILE A 114 2.21 -33.44 40.07
CA ILE A 114 1.79 -32.09 39.73
C ILE A 114 1.94 -31.91 38.21
N ARG A 115 0.84 -31.60 37.55
CA ARG A 115 0.86 -31.46 36.10
C ARG A 115 1.65 -30.23 35.68
N SER A 116 2.34 -30.34 34.55
CA SER A 116 3.27 -29.32 34.08
C SER A 116 2.75 -28.64 32.82
N PHE A 117 2.66 -27.32 32.86
CA PHE A 117 2.37 -26.49 31.69
C PHE A 117 3.58 -25.58 31.49
N VAL A 118 4.29 -25.76 30.38
CA VAL A 118 5.57 -25.11 30.16
C VAL A 118 5.41 -24.05 29.07
N THR A 119 5.79 -22.82 29.38
CA THR A 119 5.80 -21.73 28.41
C THR A 119 7.16 -21.68 27.72
N LEU A 120 7.15 -21.69 26.39
CA LEU A 120 8.41 -21.74 25.66
C LEU A 120 9.09 -20.37 25.60
N TYR A 121 8.31 -19.30 25.51
CA TYR A 121 8.85 -17.94 25.47
C TYR A 121 8.09 -17.07 26.47
N HIS A 122 8.80 -16.64 27.52
CA HIS A 122 8.24 -15.67 28.45
C HIS A 122 9.14 -14.45 28.56
N TRP A 123 9.47 -13.86 27.41
CA TRP A 123 10.05 -12.53 27.20
C TRP A 123 11.59 -12.50 27.30
N ASP A 124 12.23 -13.59 27.74
CA ASP A 124 13.68 -13.58 27.89
C ASP A 124 14.34 -14.07 26.60
N LEU A 125 14.31 -13.20 25.61
CA LEU A 125 14.99 -13.49 24.35
C LEU A 125 16.50 -13.46 24.54
N PRO A 126 17.23 -14.43 23.98
CA PRO A 126 18.69 -14.39 24.07
C PRO A 126 19.23 -13.15 23.36
N GLN A 127 20.14 -12.45 24.02
CA GLN A 127 20.66 -11.19 23.48
C GLN A 127 21.37 -11.39 22.16
N TRP A 128 21.98 -12.57 21.94
CA TRP A 128 22.61 -12.82 20.65
C TRP A 128 21.58 -12.86 19.52
N LEU A 129 20.32 -13.14 19.83
CA LEU A 129 19.27 -13.00 18.84
C LEU A 129 18.83 -11.55 18.69
N GLN A 130 18.80 -10.80 19.80
CA GLN A 130 18.54 -9.38 19.72
C GLN A 130 19.67 -8.65 19.00
N ASP A 131 20.90 -9.17 19.12
CA ASP A 131 22.01 -8.64 18.33
C ASP A 131 21.77 -8.80 16.84
N ARG A 132 20.95 -9.78 16.44
CA ARG A 132 20.62 -10.01 15.04
C ARG A 132 19.24 -9.48 14.69
N GLY A 133 18.79 -8.42 15.36
CA GLY A 133 17.52 -7.80 15.07
C GLY A 133 16.36 -8.25 15.92
N GLY A 134 16.51 -9.37 16.63
CA GLY A 134 15.44 -9.83 17.51
C GLY A 134 14.16 -10.13 16.74
N TRP A 135 13.04 -9.76 17.35
CA TRP A 135 11.74 -10.04 16.75
C TRP A 135 11.46 -9.18 15.53
N ALA A 136 12.23 -8.12 15.31
CA ALA A 136 12.12 -7.37 14.07
C ALA A 136 12.65 -8.16 12.88
N ASN A 137 13.42 -9.21 13.13
CA ASN A 137 13.97 -10.07 12.09
C ASN A 137 13.11 -11.31 11.96
N ARG A 138 12.73 -11.63 10.72
CA ARG A 138 11.93 -12.82 10.46
C ARG A 138 12.69 -14.10 10.78
N ASP A 139 14.03 -14.05 10.82
CA ASP A 139 14.81 -15.24 11.14
C ASP A 139 14.55 -15.72 12.56
N THR A 140 14.16 -14.82 13.46
CA THR A 140 13.91 -15.21 14.84
C THR A 140 12.80 -16.25 14.95
N ALA A 141 11.80 -16.19 14.06
CA ALA A 141 10.71 -17.15 14.11
C ALA A 141 11.20 -18.57 13.86
N GLU A 142 12.19 -18.73 12.97
CA GLU A 142 12.72 -20.06 12.68
C GLU A 142 13.62 -20.56 13.81
N TYR A 143 14.42 -19.68 14.41
CA TYR A 143 15.22 -20.07 15.56
C TYR A 143 14.33 -20.46 16.75
N PHE A 144 13.15 -19.84 16.87
CA PHE A 144 12.22 -20.26 17.90
C PHE A 144 11.62 -21.63 17.58
N ALA A 145 11.28 -21.87 16.32
CA ALA A 145 10.81 -23.20 15.93
C ALA A 145 11.88 -24.26 16.10
N GLU A 146 13.15 -23.87 15.97
CA GLU A 146 14.25 -24.78 16.29
C GLU A 146 14.27 -25.10 17.78
N TYR A 147 14.30 -24.06 18.61
CA TYR A 147 14.38 -24.26 20.06
C TYR A 147 13.12 -24.90 20.61
N ALA A 148 11.96 -24.59 20.03
CA ALA A 148 10.73 -25.25 20.46
C ALA A 148 10.76 -26.73 20.11
N SER A 149 11.30 -27.09 18.94
CA SER A 149 11.36 -28.48 18.55
C SER A 149 12.31 -29.28 19.43
N LEU A 150 13.37 -28.64 19.93
CA LEU A 150 14.31 -29.33 20.81
C LEU A 150 13.65 -29.65 22.15
N ILE A 151 12.81 -28.75 22.66
CA ILE A 151 12.16 -28.97 23.95
C ILE A 151 11.15 -30.11 23.86
N TYR A 152 10.48 -30.25 22.71
CA TYR A 152 9.51 -31.33 22.55
C TYR A 152 10.18 -32.69 22.66
N GLU A 153 11.39 -32.83 22.11
CA GLU A 153 12.03 -34.13 22.04
C GLU A 153 12.70 -34.51 23.36
N ARG A 154 13.52 -33.62 23.90
CA ARG A 154 14.32 -33.95 25.08
C ARG A 154 13.58 -33.74 26.39
N LEU A 155 12.43 -33.09 26.38
CA LEU A 155 11.69 -32.81 27.62
C LEU A 155 10.21 -33.09 27.52
N GLY A 156 9.71 -33.58 26.39
CA GLY A 156 8.27 -33.72 26.22
C GLY A 156 7.64 -34.77 27.12
N ASP A 157 8.42 -35.76 27.56
CA ASP A 157 7.85 -36.87 28.31
C ASP A 157 7.36 -36.41 29.69
N GLY A 158 8.07 -35.49 30.32
CA GLY A 158 7.66 -34.96 31.61
C GLY A 158 6.78 -33.73 31.54
N ILE A 159 6.24 -33.41 30.36
CA ILE A 159 5.46 -32.19 30.15
C ILE A 159 4.07 -32.58 29.66
N ASP A 160 3.05 -32.04 30.33
CA ASP A 160 1.67 -32.33 29.95
C ASP A 160 1.19 -31.42 28.83
N ALA A 161 1.44 -30.12 28.96
CA ALA A 161 0.98 -29.15 27.98
C ALA A 161 2.06 -28.12 27.71
N PHE A 162 2.10 -27.64 26.46
CA PHE A 162 3.04 -26.64 26.02
C PHE A 162 2.33 -25.32 25.76
N ILE A 163 3.00 -24.22 26.07
CA ILE A 163 2.53 -22.88 25.73
C ILE A 163 3.63 -22.20 24.93
N THR A 164 3.32 -21.82 23.69
CA THR A 164 4.34 -21.24 22.82
C THR A 164 4.79 -19.88 23.32
N HIS A 165 3.86 -18.94 23.43
CA HIS A 165 4.17 -17.56 23.80
C HIS A 165 3.29 -17.11 24.95
N ASN A 166 3.85 -16.27 25.81
CA ASN A 166 3.11 -15.64 26.90
C ASN A 166 3.00 -14.15 26.62
N GLU A 167 1.76 -13.67 26.50
CA GLU A 167 1.44 -12.26 26.31
C GLU A 167 2.25 -11.66 25.17
N PRO A 168 1.96 -12.01 23.91
CA PRO A 168 2.68 -11.38 22.79
C PRO A 168 2.42 -9.90 22.68
N TRP A 169 1.33 -9.40 23.28
CA TRP A 169 1.04 -7.97 23.21
C TRP A 169 2.09 -7.16 23.94
N CYS A 170 2.59 -7.65 25.08
CA CYS A 170 3.60 -6.92 25.81
C CYS A 170 4.96 -7.04 25.14
N ALA A 171 5.34 -8.26 24.72
CA ALA A 171 6.65 -8.46 24.10
C ALA A 171 6.79 -7.63 22.83
N ALA A 172 5.69 -7.42 22.11
CA ALA A 172 5.72 -6.65 20.87
C ALA A 172 5.59 -5.15 21.09
N PHE A 173 4.59 -4.73 21.87
CA PHE A 173 4.26 -3.32 21.99
C PHE A 173 4.90 -2.63 23.19
N LEU A 174 5.18 -3.36 24.27
CA LEU A 174 5.89 -2.77 25.39
C LEU A 174 7.40 -2.84 25.25
N GLY A 175 7.90 -3.74 24.40
CA GLY A 175 9.34 -3.88 24.23
C GLY A 175 9.86 -3.19 22.98
N HIS A 176 8.97 -2.90 22.03
CA HIS A 176 9.36 -2.26 20.79
C HIS A 176 8.57 -0.99 20.46
N GLY A 177 7.40 -0.79 21.07
CA GLY A 177 6.61 0.40 20.82
C GLY A 177 6.76 1.43 21.90
N PHE A 178 6.24 1.13 23.10
CA PHE A 178 6.38 2.05 24.22
C PHE A 178 7.81 2.05 24.75
N GLY A 179 8.44 0.89 24.83
CA GLY A 179 9.82 0.81 25.24
C GLY A 179 10.05 0.66 26.72
N VAL A 180 9.01 0.33 27.50
CA VAL A 180 9.18 0.16 28.94
C VAL A 180 9.65 -1.23 29.32
N HIS A 181 9.60 -2.19 28.40
CA HIS A 181 10.12 -3.53 28.60
C HIS A 181 11.25 -3.78 27.62
N ALA A 182 11.97 -4.89 27.82
CA ALA A 182 13.04 -5.24 26.91
C ALA A 182 12.48 -5.54 25.52
N PRO A 183 13.23 -5.22 24.46
CA PRO A 183 14.57 -4.62 24.46
C PRO A 183 14.58 -3.10 24.64
N GLY A 184 13.41 -2.49 24.81
CA GLY A 184 13.35 -1.07 25.07
C GLY A 184 13.35 -0.19 23.84
N HIS A 185 12.89 -0.70 22.71
CA HIS A 185 12.84 0.11 21.50
C HIS A 185 11.57 0.95 21.48
N THR A 186 11.62 2.05 20.71
CA THR A 186 10.51 2.98 20.58
C THR A 186 10.29 3.25 19.09
N ASP A 187 9.76 2.26 18.38
CA ASP A 187 9.45 2.38 16.96
C ASP A 187 8.22 1.54 16.69
N TRP A 188 7.10 2.20 16.37
CA TRP A 188 5.83 1.49 16.25
C TRP A 188 5.80 0.60 15.02
N ARG A 189 6.54 0.94 13.97
CA ARG A 189 6.65 0.03 12.84
C ARG A 189 7.40 -1.25 13.24
N GLU A 190 8.49 -1.11 14.01
CA GLU A 190 9.17 -2.29 14.53
C GLU A 190 8.27 -3.07 15.48
N ALA A 191 7.39 -2.39 16.20
CA ALA A 191 6.50 -3.07 17.14
C ALA A 191 5.53 -3.99 16.42
N PHE A 192 4.80 -3.46 15.44
CA PHE A 192 3.84 -4.28 14.72
C PHE A 192 4.54 -5.31 13.83
N GLN A 193 5.76 -5.02 13.39
CA GLN A 193 6.53 -6.02 12.67
C GLN A 193 6.98 -7.13 13.59
N ALA A 194 7.42 -6.79 14.80
CA ALA A 194 7.76 -7.81 15.79
C ALA A 194 6.53 -8.64 16.17
N ALA A 195 5.37 -7.99 16.24
CA ALA A 195 4.15 -8.70 16.62
C ALA A 195 3.81 -9.78 15.59
N HIS A 196 3.99 -9.49 14.30
CA HIS A 196 3.70 -10.48 13.28
C HIS A 196 4.70 -11.63 13.33
N HIS A 197 5.99 -11.33 13.53
CA HIS A 197 6.99 -12.38 13.63
C HIS A 197 6.80 -13.22 14.89
N ILE A 198 6.22 -12.64 15.94
CA ILE A 198 5.89 -13.42 17.12
C ILE A 198 4.76 -14.39 16.80
N LEU A 199 3.71 -13.90 16.12
CA LEU A 199 2.62 -14.77 15.69
C LEU A 199 3.11 -15.85 14.74
N TYR A 200 4.06 -15.49 13.85
CA TYR A 200 4.61 -16.46 12.93
C TYR A 200 5.40 -17.54 13.67
N SER A 201 6.13 -17.15 14.71
CA SER A 201 6.89 -18.13 15.50
C SER A 201 5.96 -19.09 16.23
N HIS A 202 4.77 -18.63 16.64
CA HIS A 202 3.82 -19.51 17.30
C HIS A 202 3.32 -20.59 16.35
N GLY A 203 2.92 -20.19 15.13
CA GLY A 203 2.45 -21.17 14.17
C GLY A 203 3.53 -22.17 13.79
N LEU A 204 4.76 -21.69 13.60
CA LEU A 204 5.88 -22.60 13.33
C LEU A 204 6.08 -23.58 14.48
N ALA A 205 5.90 -23.12 15.71
CA ALA A 205 6.08 -24.01 16.87
C ALA A 205 4.97 -25.03 16.96
N VAL A 206 3.74 -24.66 16.58
CA VAL A 206 2.63 -25.62 16.60
C VAL A 206 2.81 -26.64 15.49
N GLN A 207 3.24 -26.20 14.30
CA GLN A 207 3.57 -27.14 13.24
C GLN A 207 4.67 -28.10 13.69
N ALA A 208 5.69 -27.59 14.37
CA ALA A 208 6.74 -28.46 14.90
C ALA A 208 6.21 -29.40 15.96
N HIS A 209 5.18 -28.98 16.69
CA HIS A 209 4.63 -29.83 17.76
C HIS A 209 3.82 -30.99 17.19
N ARG A 210 3.13 -30.77 16.07
CA ARG A 210 2.34 -31.84 15.48
C ARG A 210 3.22 -32.95 14.90
N ALA A 211 4.45 -32.62 14.50
CA ALA A 211 5.43 -33.60 14.07
C ALA A 211 6.43 -33.95 15.16
N SER A 212 6.18 -33.51 16.39
CA SER A 212 7.16 -33.65 17.47
C SER A 212 7.12 -35.00 18.16
N SER A 213 6.02 -35.75 18.00
CA SER A 213 5.74 -36.99 18.72
C SER A 213 5.44 -36.74 20.20
N HIS A 214 5.33 -35.49 20.63
CA HIS A 214 4.78 -35.18 21.94
C HIS A 214 3.27 -35.28 21.87
N LYS A 215 2.68 -36.12 22.72
CA LYS A 215 1.26 -36.42 22.65
C LYS A 215 0.42 -35.54 23.56
N GLY A 216 1.01 -34.55 24.22
CA GLY A 216 0.26 -33.61 25.03
C GLY A 216 -0.28 -32.46 24.20
N GLN A 217 -0.91 -31.52 24.90
CA GLN A 217 -1.52 -30.37 24.26
C GLN A 217 -0.51 -29.24 24.09
N ILE A 218 -0.81 -28.34 23.15
CA ILE A 218 -0.03 -27.13 22.95
C ILE A 218 -0.99 -25.99 22.61
N GLY A 219 -0.68 -24.80 23.08
CA GLY A 219 -1.54 -23.65 22.87
C GLY A 219 -0.75 -22.35 22.96
N ILE A 220 -1.45 -21.28 23.28
CA ILE A 220 -0.88 -19.94 23.35
C ILE A 220 -1.56 -19.19 24.47
N THR A 221 -0.79 -18.37 25.18
CA THR A 221 -1.32 -17.55 26.28
C THR A 221 -1.35 -16.10 25.83
N LEU A 222 -2.55 -15.53 25.81
CA LEU A 222 -2.75 -14.14 25.43
C LEU A 222 -3.34 -13.37 26.60
N ASN A 223 -2.83 -12.16 26.83
CA ASN A 223 -3.37 -11.29 27.86
C ASN A 223 -4.42 -10.37 27.26
N PHE A 224 -5.47 -10.10 28.03
CA PHE A 224 -6.55 -9.25 27.58
C PHE A 224 -6.82 -8.17 28.60
N THR A 225 -7.42 -7.07 28.14
CA THR A 225 -7.82 -5.96 28.99
C THR A 225 -9.20 -5.52 28.52
N TRP A 226 -10.23 -5.92 29.24
CA TRP A 226 -11.59 -5.55 28.87
C TRP A 226 -11.74 -4.03 28.87
N VAL A 227 -12.32 -3.49 27.80
CA VAL A 227 -12.47 -2.05 27.63
C VAL A 227 -13.93 -1.67 27.86
N ASP A 228 -14.13 -0.52 28.50
CA ASP A 228 -15.45 0.04 28.70
C ASP A 228 -15.40 1.51 28.34
N ALA A 229 -16.34 1.96 27.51
CA ALA A 229 -16.37 3.36 27.11
C ALA A 229 -16.69 4.22 28.32
N ALA A 230 -15.88 5.27 28.52
CA ALA A 230 -16.10 6.17 29.65
C ALA A 230 -17.45 6.87 29.56
N THR A 231 -17.94 7.09 28.34
CA THR A 231 -19.23 7.73 28.12
C THR A 231 -19.96 6.96 27.04
N ASP A 232 -21.26 7.23 26.92
CA ASP A 232 -22.01 6.84 25.74
C ASP A 232 -21.73 7.75 24.55
N SER A 233 -20.77 8.65 24.68
CA SER A 233 -20.42 9.57 23.61
C SER A 233 -19.85 8.82 22.42
N ALA A 234 -20.28 9.23 21.21
CA ALA A 234 -19.86 8.55 20.00
C ALA A 234 -18.35 8.61 19.81
N THR A 235 -17.69 9.63 20.36
CA THR A 235 -16.23 9.70 20.26
C THR A 235 -15.57 8.83 21.31
N ASP A 236 -16.23 8.57 22.44
CA ASP A 236 -15.69 7.65 23.44
C ASP A 236 -15.98 6.20 23.07
N GLN A 237 -17.13 5.94 22.46
CA GLN A 237 -17.44 4.59 22.00
C GLN A 237 -16.47 4.14 20.92
N ALA A 238 -16.13 5.04 20.00
CA ALA A 238 -15.20 4.69 18.94
C ALA A 238 -13.81 4.42 19.49
N ALA A 239 -13.35 5.24 20.43
CA ALA A 239 -12.03 5.04 21.02
C ALA A 239 -11.96 3.71 21.76
N ALA A 240 -13.00 3.38 22.52
CA ALA A 240 -13.05 2.10 23.21
C ALA A 240 -12.99 0.94 22.23
N GLU A 241 -13.57 1.10 21.04
CA GLU A 241 -13.43 0.08 20.01
C GLU A 241 -12.00 -0.02 19.52
N VAL A 242 -11.33 1.12 19.34
CA VAL A 242 -9.93 1.11 18.94
C VAL A 242 -9.07 0.45 20.01
N SER A 243 -9.37 0.73 21.29
CA SER A 243 -8.62 0.10 22.36
C SER A 243 -8.89 -1.40 22.43
N HIS A 244 -10.14 -1.80 22.17
CA HIS A 244 -10.48 -3.22 22.19
C HIS A 244 -9.74 -3.98 21.11
N ALA A 245 -9.61 -3.39 19.91
CA ALA A 245 -8.89 -4.05 18.84
C ALA A 245 -7.40 -4.10 19.12
N PHE A 246 -6.86 -3.04 19.74
CA PHE A 246 -5.43 -2.97 20.02
C PHE A 246 -5.01 -4.06 21.01
N ASN A 247 -5.72 -4.17 22.13
CA ASN A 247 -5.32 -5.07 23.20
C ASN A 247 -5.82 -6.49 23.01
N ASN A 248 -7.08 -6.66 22.60
CA ASN A 248 -7.71 -7.97 22.64
C ASN A 248 -7.85 -8.64 21.28
N ARG A 249 -7.97 -7.87 20.19
CA ARG A 249 -8.23 -8.46 18.88
C ARG A 249 -6.98 -8.70 18.04
N TRP A 250 -5.87 -8.02 18.33
CA TRP A 250 -4.75 -8.02 17.40
C TRP A 250 -4.06 -9.38 17.33
N PHE A 251 -4.09 -10.16 18.40
CA PHE A 251 -3.41 -11.45 18.43
C PHE A 251 -4.35 -12.64 18.47
N LEU A 252 -5.53 -12.50 19.08
CA LEU A 252 -6.45 -13.62 19.17
C LEU A 252 -7.05 -13.96 17.81
N GLU A 253 -7.56 -12.94 17.11
CA GLU A 253 -8.22 -13.19 15.83
C GLU A 253 -7.29 -13.77 14.77
N PRO A 254 -6.02 -13.37 14.65
CA PRO A 254 -5.13 -14.10 13.74
C PRO A 254 -4.93 -15.55 14.13
N VAL A 255 -4.77 -15.83 15.43
CA VAL A 255 -4.63 -17.21 15.88
C VAL A 255 -5.91 -17.99 15.60
N ALA A 256 -7.07 -17.34 15.75
CA ALA A 256 -8.35 -17.98 15.48
C ALA A 256 -8.66 -18.09 13.99
N GLY A 257 -7.69 -17.82 13.11
CA GLY A 257 -7.90 -18.02 11.69
C GLY A 257 -8.74 -16.96 11.03
N ARG A 258 -8.80 -15.76 11.60
CA ARG A 258 -9.61 -14.68 11.04
C ARG A 258 -8.78 -13.49 10.59
N GLY A 259 -7.46 -13.53 10.71
CA GLY A 259 -6.62 -12.43 10.31
C GLY A 259 -6.68 -11.26 11.28
N TYR A 260 -5.89 -10.25 10.97
CA TYR A 260 -5.85 -9.06 11.81
C TYR A 260 -7.16 -8.29 11.70
N PRO A 261 -7.57 -7.60 12.77
CA PRO A 261 -8.75 -6.72 12.68
C PRO A 261 -8.54 -5.64 11.62
N GLN A 262 -9.34 -5.70 10.55
CA GLN A 262 -9.02 -4.95 9.35
C GLN A 262 -9.21 -3.45 9.53
N GLU A 263 -10.32 -3.05 10.19
CA GLU A 263 -10.57 -1.62 10.36
C GLU A 263 -9.50 -0.97 11.22
N PHE A 264 -9.07 -1.66 12.29
CA PHE A 264 -8.00 -1.13 13.12
C PHE A 264 -6.64 -1.23 12.42
N GLN A 265 -6.44 -2.25 11.59
CA GLN A 265 -5.18 -2.38 10.87
C GLN A 265 -5.01 -1.25 9.87
N GLN A 266 -6.08 -0.86 9.18
CA GLN A 266 -5.98 0.24 8.23
C GLN A 266 -5.70 1.57 8.93
N LEU A 267 -6.11 1.70 10.19
CA LEU A 267 -5.71 2.87 10.97
C LEU A 267 -4.24 2.80 11.34
N VAL A 268 -3.76 1.61 11.71
CA VAL A 268 -2.34 1.43 12.00
C VAL A 268 -1.51 1.74 10.76
N GLU A 269 -1.96 1.28 9.59
CA GLU A 269 -1.24 1.55 8.36
C GLU A 269 -1.25 3.03 8.01
N GLN A 270 -2.32 3.75 8.37
CA GLN A 270 -2.36 5.19 8.12
C GLN A 270 -1.34 5.92 8.99
N ARG A 271 -1.15 5.46 10.22
CA ARG A 271 -0.16 6.09 11.10
C ARG A 271 1.26 5.71 10.69
N ILE A 272 1.45 4.50 10.19
CA ILE A 272 2.78 4.02 9.79
C ILE A 272 2.83 3.88 8.27
N GLY A 273 2.47 2.70 7.77
CA GLY A 273 2.51 2.45 6.35
C GLY A 273 2.01 1.06 6.06
N GLN A 274 2.22 0.62 4.82
CA GLN A 274 1.76 -0.69 4.41
C GLN A 274 2.49 -1.78 5.18
N PHE A 275 1.81 -2.91 5.39
CA PHE A 275 2.39 -4.04 6.11
C PHE A 275 3.15 -4.91 5.13
N ASP A 276 4.40 -4.51 4.87
CA ASP A 276 5.25 -5.25 3.95
C ASP A 276 5.90 -6.47 4.59
N PHE A 277 5.57 -6.79 5.85
CA PHE A 277 6.16 -7.92 6.55
C PHE A 277 5.24 -9.12 6.62
N VAL A 278 4.01 -9.02 6.12
CA VAL A 278 3.06 -10.13 6.10
C VAL A 278 3.14 -10.76 4.71
N ARG A 279 3.70 -11.95 4.64
CA ARG A 279 3.86 -12.66 3.37
C ARG A 279 2.71 -13.63 3.16
N GLN A 280 2.58 -14.11 1.92
CA GLN A 280 1.53 -15.06 1.60
C GLN A 280 1.77 -16.38 2.34
N GLY A 281 0.72 -16.89 2.96
CA GLY A 281 0.80 -18.09 3.77
C GLY A 281 1.11 -17.86 5.23
N ASP A 282 1.60 -16.67 5.59
CA ASP A 282 1.86 -16.37 7.00
C ASP A 282 0.59 -16.48 7.82
N LEU A 283 -0.53 -16.01 7.28
CA LEU A 283 -1.79 -16.04 8.02
C LEU A 283 -2.23 -17.47 8.31
N ALA A 284 -2.08 -18.37 7.34
CA ALA A 284 -2.43 -19.77 7.57
C ALA A 284 -1.51 -20.41 8.59
N VAL A 285 -0.22 -20.06 8.56
CA VAL A 285 0.73 -20.61 9.53
C VAL A 285 0.37 -20.18 10.94
N ILE A 286 0.15 -18.88 11.13
CA ILE A 286 -0.25 -18.37 12.44
C ILE A 286 -1.53 -19.05 12.90
N ALA A 287 -2.42 -19.36 11.95
CA ALA A 287 -3.71 -19.97 12.26
C ALA A 287 -3.62 -21.49 12.38
N GLU A 288 -2.43 -22.05 12.58
CA GLU A 288 -2.33 -23.48 12.76
C GLU A 288 -3.12 -23.90 13.99
N PRO A 289 -3.98 -24.92 13.88
CA PRO A 289 -4.92 -25.22 14.98
C PRO A 289 -4.19 -25.58 16.27
N ILE A 290 -4.67 -25.00 17.36
CA ILE A 290 -4.12 -25.26 18.69
C ILE A 290 -5.12 -26.10 19.47
N ASP A 291 -4.66 -26.64 20.60
CA ASP A 291 -5.52 -27.46 21.45
C ASP A 291 -6.25 -26.66 22.52
N PHE A 292 -5.71 -25.51 22.90
CA PHE A 292 -6.36 -24.67 23.90
C PHE A 292 -5.82 -23.26 23.77
N LEU A 293 -6.47 -22.33 24.47
CA LEU A 293 -6.04 -20.94 24.53
C LEU A 293 -5.88 -20.53 25.99
N GLY A 294 -4.70 -20.01 26.32
CA GLY A 294 -4.45 -19.49 27.65
C GLY A 294 -4.89 -18.05 27.76
N ILE A 295 -5.60 -17.74 28.83
CA ILE A 295 -6.19 -16.41 29.02
C ILE A 295 -5.55 -15.76 30.23
N ASN A 296 -4.96 -14.58 30.03
CA ASN A 296 -4.42 -13.77 31.11
C ASN A 296 -5.32 -12.57 31.29
N PHE A 297 -5.99 -12.49 32.44
CA PHE A 297 -6.86 -11.37 32.77
C PHE A 297 -6.51 -10.85 34.15
N TYR A 298 -6.50 -9.53 34.28
CA TYR A 298 -6.21 -8.89 35.56
C TYR A 298 -7.18 -7.77 35.88
N THR A 299 -7.54 -6.93 34.91
CA THR A 299 -8.35 -5.74 35.17
C THR A 299 -9.04 -5.33 33.88
N ARG A 300 -9.84 -4.27 33.99
CA ARG A 300 -10.46 -3.62 32.85
C ARG A 300 -9.76 -2.28 32.60
N SER A 301 -10.25 -1.55 31.61
CA SER A 301 -9.78 -0.19 31.37
C SER A 301 -10.95 0.61 30.81
N VAL A 302 -11.28 1.72 31.47
CA VAL A 302 -12.34 2.61 31.02
C VAL A 302 -11.69 3.64 30.10
N VAL A 303 -11.98 3.55 28.80
CA VAL A 303 -11.26 4.28 27.77
C VAL A 303 -12.07 5.50 27.34
N ALA A 304 -11.40 6.65 27.27
CA ALA A 304 -11.98 7.88 26.73
C ALA A 304 -11.08 8.41 25.62
N ALA A 305 -11.71 9.00 24.60
CA ALA A 305 -10.96 9.51 23.47
C ALA A 305 -10.11 10.71 23.87
N ASN A 306 -8.97 10.85 23.20
CA ASN A 306 -8.06 11.96 23.46
C ASN A 306 -7.25 12.29 22.21
N PRO A 307 -7.44 13.47 21.61
CA PRO A 307 -6.65 13.83 20.44
C PRO A 307 -5.19 14.11 20.74
N ASP A 308 -4.79 14.15 22.02
CA ASP A 308 -3.39 14.38 22.34
C ASP A 308 -2.52 13.22 21.90
N ASP A 309 -3.02 11.99 22.03
CA ASP A 309 -2.30 10.80 21.57
C ASP A 309 -2.40 10.71 20.06
N ALA A 310 -1.29 10.97 19.37
CA ALA A 310 -1.29 11.02 17.92
C ALA A 310 -1.29 9.63 17.27
N LEU A 311 -1.07 8.57 18.04
CA LEU A 311 -1.04 7.23 17.46
C LEU A 311 -2.46 6.66 17.33
N PHE A 312 -3.09 6.33 18.45
CA PHE A 312 -4.43 5.76 18.44
C PHE A 312 -5.49 6.69 18.99
N GLY A 313 -5.11 7.77 19.69
CA GLY A 313 -6.09 8.71 20.20
C GLY A 313 -6.89 8.21 21.38
N LEU A 314 -6.26 7.47 22.29
CA LEU A 314 -6.94 6.86 23.42
C LEU A 314 -6.40 7.43 24.73
N ARG A 315 -7.21 7.29 25.78
CA ARG A 315 -6.82 7.70 27.12
C ARG A 315 -7.47 6.76 28.13
N THR A 316 -6.66 6.19 29.01
CA THR A 316 -7.14 5.27 30.03
C THR A 316 -7.30 6.03 31.34
N LEU A 317 -8.49 5.93 31.94
CA LEU A 317 -8.78 6.66 33.16
C LEU A 317 -8.23 5.93 34.39
N GLU A 318 -8.02 6.69 35.46
CA GLU A 318 -7.50 6.13 36.70
C GLU A 318 -8.52 5.22 37.36
N ALA A 319 -8.03 4.22 38.08
CA ALA A 319 -8.89 3.24 38.76
C ALA A 319 -9.55 3.84 40.00
N ASP A 322 -8.86 3.77 46.41
CA ASP A 322 -10.20 3.50 45.90
C ASP A 322 -10.51 2.02 45.97
N ASN A 323 -10.59 1.38 44.80
CA ASN A 323 -10.83 -0.07 44.68
C ASN A 323 -9.87 -0.60 43.62
N ARG A 324 -8.58 -0.60 43.95
CA ARG A 324 -7.55 -0.92 42.98
C ARG A 324 -6.40 -1.64 43.66
N THR A 325 -5.48 -2.14 42.85
CA THR A 325 -4.31 -2.87 43.32
C THR A 325 -3.11 -1.92 43.40
N GLU A 326 -1.97 -2.45 43.85
CA GLU A 326 -0.76 -1.65 43.94
C GLU A 326 -0.14 -1.34 42.58
N MET A 327 -0.65 -1.93 41.50
CA MET A 327 -0.31 -1.54 40.14
C MET A 327 -1.23 -0.45 39.60
N GLY A 328 -2.16 0.02 40.42
CA GLY A 328 -3.17 0.95 39.95
C GLY A 328 -4.21 0.32 39.07
N TRP A 329 -4.39 -1.00 39.16
CA TRP A 329 -5.36 -1.74 38.35
C TRP A 329 -6.65 -1.90 39.13
N GLU A 330 -7.77 -1.52 38.50
CA GLU A 330 -9.06 -1.63 39.14
C GLU A 330 -9.45 -3.09 39.32
N ILE A 331 -10.02 -3.41 40.49
CA ILE A 331 -10.50 -4.77 40.76
C ILE A 331 -11.95 -4.83 40.32
N HIS A 332 -12.19 -5.35 39.11
CA HIS A 332 -13.50 -5.39 38.50
C HIS A 332 -13.77 -6.80 38.01
N PRO A 333 -14.29 -7.69 38.89
CA PRO A 333 -14.41 -9.12 38.52
C PRO A 333 -15.41 -9.40 37.40
N ASP A 334 -16.47 -8.59 37.26
CA ASP A 334 -17.44 -8.85 36.20
C ASP A 334 -16.81 -8.75 34.82
N SER A 335 -15.76 -7.92 34.68
CA SER A 335 -15.10 -7.81 33.38
C SER A 335 -14.47 -9.12 32.95
N LEU A 336 -14.03 -9.94 33.91
CA LEU A 336 -13.54 -11.27 33.58
C LEU A 336 -14.63 -12.12 32.92
N TYR A 337 -15.82 -12.14 33.53
CA TYR A 337 -16.92 -12.88 32.95
C TYR A 337 -17.25 -12.40 31.55
N ARG A 338 -17.26 -11.08 31.36
CA ARG A 338 -17.61 -10.52 30.06
C ARG A 338 -16.51 -10.72 29.03
N LEU A 339 -15.27 -10.92 29.47
CA LEU A 339 -14.19 -11.21 28.54
C LEU A 339 -14.22 -12.67 28.09
N LEU A 340 -14.43 -13.60 29.03
CA LEU A 340 -14.52 -15.00 28.67
C LEU A 340 -15.68 -15.24 27.70
N THR A 341 -16.78 -14.51 27.87
CA THR A 341 -17.92 -14.68 26.97
C THR A 341 -17.58 -14.23 25.56
N TRP A 342 -16.79 -13.16 25.43
CA TRP A 342 -16.43 -12.69 24.10
C TRP A 342 -15.39 -13.59 23.45
N VAL A 343 -14.40 -14.05 24.22
CA VAL A 343 -13.44 -15.01 23.68
C VAL A 343 -14.14 -16.27 23.19
N GLN A 344 -15.16 -16.70 23.93
CA GLN A 344 -15.95 -17.86 23.48
C GLN A 344 -16.65 -17.56 22.17
N SER A 345 -17.16 -16.34 22.01
CA SER A 345 -17.82 -15.97 20.76
C SER A 345 -16.85 -15.98 19.58
N VAL A 346 -15.55 -15.94 19.83
CA VAL A 346 -14.54 -16.00 18.80
C VAL A 346 -13.98 -17.41 18.64
N THR A 347 -13.63 -18.05 19.76
CA THR A 347 -12.99 -19.36 19.72
C THR A 347 -13.97 -20.52 19.69
N GLY A 348 -15.21 -20.31 20.13
CA GLY A 348 -16.19 -21.39 20.10
C GLY A 348 -15.92 -22.39 21.21
N GLN A 349 -15.92 -23.67 20.85
CA GLN A 349 -15.70 -24.75 21.81
CA GLN A 349 -15.70 -24.77 21.80
C GLN A 349 -14.22 -25.04 22.05
N LEU A 350 -13.35 -24.11 21.70
CA LEU A 350 -11.92 -24.30 21.96
C LEU A 350 -11.69 -24.30 23.46
N PRO A 351 -11.01 -25.31 24.01
CA PRO A 351 -10.76 -25.34 25.46
C PRO A 351 -10.00 -24.11 25.91
N LEU A 352 -10.42 -23.55 27.05
CA LEU A 352 -9.87 -22.33 27.60
C LEU A 352 -9.23 -22.59 28.96
N TYR A 353 -8.10 -21.93 29.20
CA TYR A 353 -7.45 -21.95 30.50
C TYR A 353 -7.14 -20.52 30.91
N ILE A 354 -7.37 -20.20 32.18
CA ILE A 354 -6.90 -18.95 32.76
C ILE A 354 -5.50 -19.24 33.30
N THR A 355 -4.49 -18.94 32.47
CA THR A 355 -3.12 -19.24 32.83
C THR A 355 -2.49 -18.17 33.73
N GLU A 356 -3.18 -17.06 33.96
CA GLU A 356 -2.70 -16.02 34.86
C GLU A 356 -3.88 -15.24 35.41
N ASN A 357 -3.92 -15.08 36.73
CA ASN A 357 -4.87 -14.21 37.39
C ASN A 357 -4.45 -13.96 38.83
N GLY A 358 -4.44 -12.71 39.25
CA GLY A 358 -4.02 -12.39 40.60
C GLY A 358 -3.96 -10.88 40.79
N ALA A 359 -3.35 -10.49 41.90
CA ALA A 359 -3.26 -9.08 42.24
C ALA A 359 -2.00 -8.83 43.07
N ALA A 360 -1.55 -7.58 43.06
CA ALA A 360 -0.40 -7.15 43.86
C ALA A 360 -0.90 -6.29 45.01
N PHE A 361 -0.55 -6.69 46.24
CA PHE A 361 -0.97 -5.98 47.44
C PHE A 361 0.21 -5.77 48.36
N ALA A 362 0.16 -4.68 49.13
CA ALA A 362 1.23 -4.36 50.07
C ALA A 362 1.25 -5.35 51.23
N ASP A 363 2.00 -6.44 51.09
CA ASP A 363 2.02 -7.51 52.07
C ASP A 363 3.20 -7.32 53.02
N GLU A 364 2.89 -7.22 54.31
CA GLU A 364 3.91 -7.07 55.34
C GLU A 364 3.76 -8.19 56.36
N PRO A 365 4.73 -9.10 56.49
CA PRO A 365 4.58 -10.23 57.42
C PRO A 365 4.60 -9.80 58.87
N VAL A 366 3.45 -9.92 59.54
CA VAL A 366 3.31 -9.57 60.95
C VAL A 366 3.15 -10.87 61.74
N ASN A 367 3.96 -11.04 62.78
CA ASN A 367 3.92 -12.22 63.65
C ASN A 367 4.16 -13.51 62.86
N GLY A 368 4.96 -13.42 61.79
CA GLY A 368 5.39 -14.60 61.08
C GLY A 368 4.40 -15.16 60.08
N ARG A 369 3.47 -14.36 59.59
CA ARG A 369 2.58 -14.77 58.50
C ARG A 369 1.83 -13.54 58.00
N VAL A 370 1.41 -13.61 56.74
CA VAL A 370 0.87 -12.47 56.02
C VAL A 370 -0.64 -12.62 55.93
N GLU A 371 -1.36 -11.71 56.59
CA GLU A 371 -2.83 -11.69 56.56
C GLU A 371 -3.27 -10.82 55.39
N ASP A 372 -3.14 -11.38 54.19
CA ASP A 372 -3.51 -10.65 52.97
C ASP A 372 -4.96 -10.97 52.61
N VAL A 373 -5.85 -10.48 53.48
CA VAL A 373 -7.29 -10.63 53.28
C VAL A 373 -7.71 -10.09 51.92
N ARG A 374 -7.06 -9.02 51.45
CA ARG A 374 -7.47 -8.37 50.21
C ARG A 374 -7.23 -9.25 48.99
N ARG A 375 -6.23 -10.14 49.05
CA ARG A 375 -6.03 -11.06 47.93
C ARG A 375 -7.02 -12.21 47.96
N ILE A 376 -7.46 -12.62 49.15
CA ILE A 376 -8.51 -13.63 49.27
C ILE A 376 -9.74 -13.19 48.48
N HIS A 377 -10.15 -11.94 48.67
CA HIS A 377 -11.34 -11.45 48.00
C HIS A 377 -11.14 -11.36 46.49
N TYR A 378 -9.92 -11.08 46.03
CA TYR A 378 -9.67 -11.03 44.59
C TYR A 378 -9.85 -12.40 43.95
N ILE A 379 -9.16 -13.42 44.49
CA ILE A 379 -9.25 -14.76 43.93
C ILE A 379 -10.67 -15.30 44.02
N ALA A 380 -11.34 -15.04 45.15
CA ALA A 380 -12.69 -15.56 45.33
C ALA A 380 -13.67 -14.91 44.37
N ASP A 381 -13.55 -13.58 44.17
CA ASP A 381 -14.48 -12.88 43.29
C ASP A 381 -14.32 -13.31 41.85
N HIS A 382 -13.09 -13.58 41.42
CA HIS A 382 -12.86 -13.94 40.02
C HIS A 382 -13.17 -15.40 39.75
N LEU A 383 -12.90 -16.28 40.72
CA LEU A 383 -13.36 -17.66 40.59
C LEU A 383 -14.88 -17.73 40.58
N GLU A 384 -15.53 -16.82 41.30
CA GLU A 384 -16.98 -16.69 41.19
C GLU A 384 -17.39 -16.33 39.78
N ALA A 385 -16.78 -15.29 39.21
CA ALA A 385 -17.06 -14.92 37.83
C ALA A 385 -16.61 -15.99 36.86
N ALA A 386 -15.59 -16.77 37.22
CA ALA A 386 -15.17 -17.88 36.37
C ALA A 386 -16.21 -19.00 36.38
N LYS A 387 -16.74 -19.34 37.56
CA LYS A 387 -17.74 -20.40 37.65
C LYS A 387 -19.00 -20.03 36.87
N ARG A 388 -19.42 -18.76 36.92
CA ARG A 388 -20.59 -18.34 36.17
C ARG A 388 -20.39 -18.49 34.68
N PHE A 389 -19.15 -18.29 34.19
CA PHE A 389 -18.84 -18.58 32.80
C PHE A 389 -18.95 -20.06 32.49
N VAL A 390 -18.68 -20.91 33.48
CA VAL A 390 -18.86 -22.35 33.29
C VAL A 390 -20.34 -22.70 33.27
N ASP A 391 -21.12 -22.12 34.18
CA ASP A 391 -22.54 -22.40 34.24
C ASP A 391 -23.26 -21.90 32.99
N ALA A 392 -22.73 -20.88 32.33
CA ALA A 392 -23.28 -20.42 31.06
C ALA A 392 -22.95 -21.35 29.91
N GLY A 393 -22.10 -22.35 30.13
CA GLY A 393 -21.70 -23.27 29.08
C GLY A 393 -20.30 -23.04 28.53
N GLY A 394 -19.55 -22.10 29.09
CA GLY A 394 -18.23 -21.79 28.61
C GLY A 394 -17.24 -22.92 28.84
N PRO A 395 -16.35 -23.15 27.87
CA PRO A 395 -15.38 -24.24 27.94
C PRO A 395 -14.13 -23.91 28.75
N LEU A 396 -14.34 -23.31 29.92
CA LEU A 396 -13.23 -23.02 30.81
C LEU A 396 -12.77 -24.31 31.49
N LYS A 397 -11.48 -24.62 31.35
CA LYS A 397 -10.95 -25.90 31.81
C LYS A 397 -10.01 -25.78 33.00
N GLY A 398 -9.64 -24.58 33.42
CA GLY A 398 -8.71 -24.46 34.53
C GLY A 398 -8.50 -23.03 34.94
N TYR A 399 -7.67 -22.85 35.97
CA TYR A 399 -7.37 -21.54 36.52
C TYR A 399 -5.99 -21.59 37.16
N PHE A 400 -5.07 -20.76 36.68
CA PHE A 400 -3.73 -20.67 37.21
C PHE A 400 -3.56 -19.34 37.91
N LEU A 401 -3.24 -19.39 39.21
CA LEU A 401 -3.06 -18.18 40.00
C LEU A 401 -1.65 -17.62 39.79
N TRP A 402 -1.56 -16.33 39.48
CA TRP A 402 -0.29 -15.64 39.41
C TRP A 402 -0.16 -14.74 40.64
N SER A 403 0.87 -14.97 41.44
CA SER A 403 1.85 -16.02 41.15
C SER A 403 2.01 -16.96 42.32
N PHE A 404 2.85 -17.98 42.16
CA PHE A 404 3.12 -18.90 43.28
C PHE A 404 3.88 -18.18 44.39
N MET A 405 4.77 -17.27 44.02
CA MET A 405 5.56 -16.53 45.00
C MET A 405 5.89 -15.15 44.43
N ASP A 406 6.17 -14.21 45.32
CA ASP A 406 6.60 -12.88 44.89
C ASP A 406 7.85 -13.00 44.04
N ASN A 407 7.97 -12.13 43.03
CA ASN A 407 9.05 -12.25 42.07
C ASN A 407 9.33 -10.89 41.45
N PHE A 408 10.24 -10.89 40.47
CA PHE A 408 10.66 -9.70 39.76
C PHE A 408 9.55 -9.25 38.82
N GLU A 409 8.84 -8.17 39.20
CA GLU A 409 7.72 -7.67 38.40
C GLU A 409 8.22 -6.69 37.34
N TRP A 410 9.11 -7.21 36.49
CA TRP A 410 9.57 -6.56 35.25
C TRP A 410 10.02 -5.14 35.56
N ALA A 411 9.50 -4.12 34.87
CA ALA A 411 10.00 -2.76 35.05
C ALA A 411 9.75 -2.22 36.45
N LEU A 412 8.78 -2.76 37.17
CA LEU A 412 8.52 -2.34 38.54
C LEU A 412 9.37 -3.07 39.56
N GLY A 413 10.23 -3.99 39.12
CA GLY A 413 11.15 -4.65 40.03
C GLY A 413 10.44 -5.53 41.03
N TYR A 414 10.97 -5.57 42.25
CA TYR A 414 10.43 -6.39 43.33
C TYR A 414 9.46 -5.62 44.21
N SER A 415 9.05 -4.42 43.81
CA SER A 415 8.13 -3.61 44.58
C SER A 415 6.68 -4.03 44.42
N LYS A 416 6.42 -5.13 43.71
CA LYS A 416 5.07 -5.66 43.52
C LYS A 416 5.09 -7.13 43.90
N ARG A 417 4.22 -7.50 44.85
CA ARG A 417 4.17 -8.86 45.38
C ARG A 417 2.88 -9.52 44.90
N PHE A 418 2.98 -10.32 43.85
CA PHE A 418 1.84 -11.03 43.27
C PHE A 418 1.65 -12.42 43.85
N GLY A 419 2.63 -12.94 44.59
CA GLY A 419 2.60 -14.33 44.96
C GLY A 419 1.59 -14.65 46.04
N MET A 420 1.25 -15.94 46.12
CA MET A 420 0.52 -16.50 47.25
C MET A 420 1.46 -17.01 48.33
N VAL A 421 2.76 -16.94 48.09
CA VAL A 421 3.78 -17.24 49.09
C VAL A 421 4.70 -16.03 49.16
N TYR A 422 4.91 -15.50 50.36
CA TYR A 422 5.76 -14.34 50.53
C TYR A 422 7.22 -14.76 50.44
N VAL A 423 8.02 -13.91 49.79
CA VAL A 423 9.45 -14.14 49.64
C VAL A 423 10.18 -12.96 50.28
N ASP A 424 10.99 -13.27 51.30
CA ASP A 424 11.85 -12.27 51.92
C ASP A 424 13.23 -12.40 51.27
N TYR A 425 13.51 -11.51 50.32
CA TYR A 425 14.66 -11.65 49.44
C TYR A 425 16.00 -11.56 50.15
N GLU A 426 16.03 -11.11 51.42
CA GLU A 426 17.30 -11.08 52.14
C GLU A 426 17.74 -12.48 52.55
N SER A 427 16.81 -13.28 53.07
CA SER A 427 17.08 -14.65 53.46
C SER A 427 16.55 -15.67 52.47
N GLN A 428 15.85 -15.21 51.42
CA GLN A 428 15.18 -16.07 50.44
C GLN A 428 14.19 -17.02 51.08
N GLN A 429 13.72 -16.70 52.29
CA GLN A 429 12.73 -17.52 52.95
C GLN A 429 11.36 -17.34 52.31
N ARG A 430 10.63 -18.43 52.15
CA ARG A 430 9.27 -18.39 51.62
C ARG A 430 8.28 -18.56 52.76
N LEU A 431 7.34 -17.62 52.84
CA LEU A 431 6.31 -17.64 53.88
C LEU A 431 4.95 -17.72 53.21
N VAL A 432 4.28 -18.87 53.36
CA VAL A 432 2.96 -19.05 52.77
C VAL A 432 2.02 -18.00 53.35
N LYS A 433 1.41 -17.19 52.49
CA LYS A 433 0.47 -16.21 52.96
C LYS A 433 -0.90 -16.83 53.18
N ASP A 434 -1.80 -16.04 53.78
CA ASP A 434 -3.18 -16.47 53.96
C ASP A 434 -3.84 -16.77 52.61
N SER A 435 -3.41 -16.08 51.55
CA SER A 435 -3.90 -16.40 50.22
C SER A 435 -3.52 -17.82 49.82
N GLY A 436 -2.31 -18.25 50.18
CA GLY A 436 -1.90 -19.61 49.87
C GLY A 436 -2.73 -20.64 50.62
N ARG A 437 -3.05 -20.35 51.89
CA ARG A 437 -3.86 -21.29 52.67
C ARG A 437 -5.25 -21.42 52.11
N TRP A 438 -5.92 -20.29 51.84
CA TRP A 438 -7.27 -20.33 51.28
C TRP A 438 -7.28 -21.00 49.92
N PHE A 439 -6.34 -20.63 49.04
CA PHE A 439 -6.26 -21.25 47.73
C PHE A 439 -5.97 -22.75 47.85
N SER A 440 -5.21 -23.16 48.87
CA SER A 440 -4.96 -24.58 49.06
C SER A 440 -6.21 -25.31 49.53
N GLU A 441 -7.03 -24.65 50.35
CA GLU A 441 -8.29 -25.26 50.77
C GLU A 441 -9.30 -25.31 49.63
N GLN A 442 -9.26 -24.33 48.72
CA GLN A 442 -10.12 -24.38 47.54
C GLN A 442 -9.80 -25.59 46.68
N ILE A 443 -8.54 -26.01 46.62
CA ILE A 443 -8.19 -27.23 45.90
C ILE A 443 -8.82 -28.44 46.56
N ALA A 444 -8.59 -28.59 47.87
CA ALA A 444 -9.06 -29.78 48.58
C ALA A 444 -10.58 -29.88 48.53
N ALA A 445 -11.28 -28.76 48.69
CA ALA A 445 -12.74 -28.77 48.58
C ALA A 445 -13.17 -29.24 47.20
N HIS A 446 -12.48 -28.77 46.15
CA HIS A 446 -12.75 -29.26 44.81
C HIS A 446 -12.34 -30.71 44.63
N LYS A 447 -11.33 -31.16 45.37
CA LYS A 447 -10.90 -32.55 45.27
C LYS A 447 -11.85 -33.51 45.97
N GLY A 448 -12.47 -33.08 47.06
CA GLY A 448 -13.30 -33.97 47.85
C GLY A 448 -14.79 -33.79 47.68
N GLN A 449 -15.21 -33.24 46.55
CA GLN A 449 -16.62 -33.08 46.25
C GLN A 449 -17.14 -34.33 45.56
N VAL A 450 -18.36 -34.73 45.90
CA VAL A 450 -18.98 -35.92 45.31
C VAL A 450 -19.82 -35.52 44.09
N THR B 2 36.15 40.20 3.83
CA THR B 2 37.39 40.47 3.09
C THR B 2 38.61 39.94 3.84
N ARG B 3 39.30 38.98 3.22
CA ARG B 3 40.50 38.39 3.79
C ARG B 3 41.48 38.08 2.66
N GLU B 4 42.76 38.02 3.02
CA GLU B 4 43.79 37.65 2.07
C GLU B 4 43.81 36.13 1.87
N PHE B 5 44.21 35.71 0.67
CA PHE B 5 44.18 34.30 0.34
C PHE B 5 45.45 33.60 0.86
N ILE B 6 45.33 32.30 1.07
CA ILE B 6 46.37 31.50 1.69
C ILE B 6 47.10 30.70 0.61
N SER B 7 48.42 30.59 0.76
CA SER B 7 49.25 29.87 -0.19
C SER B 7 49.45 28.44 0.30
N PHE B 8 49.51 27.51 -0.64
CA PHE B 8 49.67 26.09 -0.36
C PHE B 8 50.56 25.46 -1.42
N PRO B 9 51.16 24.32 -1.12
CA PRO B 9 51.97 23.63 -2.14
C PRO B 9 51.14 23.28 -3.37
N GLN B 10 51.85 22.91 -4.44
CA GLN B 10 51.21 22.77 -5.75
C GLN B 10 50.19 21.64 -5.76
N ASP B 11 50.55 20.49 -5.19
CA ASP B 11 49.67 19.32 -5.23
C ASP B 11 48.46 19.45 -4.30
N PHE B 12 48.31 20.57 -3.59
CA PHE B 12 47.19 20.75 -2.68
C PHE B 12 45.86 20.71 -3.44
N LEU B 13 44.87 20.06 -2.86
CA LEU B 13 43.59 19.82 -3.50
C LEU B 13 42.46 20.39 -2.65
N PHE B 14 41.76 21.39 -3.18
CA PHE B 14 40.58 21.93 -2.53
C PHE B 14 39.33 21.25 -3.05
N GLY B 15 38.24 21.40 -2.32
CA GLY B 15 36.96 20.84 -2.75
C GLY B 15 35.88 21.11 -1.73
N THR B 16 34.68 20.64 -2.06
CA THR B 16 33.53 20.72 -1.17
C THR B 16 33.00 19.31 -0.92
N ALA B 17 32.25 19.16 0.18
CA ALA B 17 31.77 17.86 0.63
C ALA B 17 30.28 17.91 0.91
N THR B 18 29.58 16.84 0.55
CA THR B 18 28.17 16.65 0.88
C THR B 18 27.97 15.21 1.36
N ALA B 19 26.72 14.84 1.57
CA ALA B 19 26.38 13.47 1.93
C ALA B 19 25.03 13.14 1.30
N SER B 20 24.84 11.85 1.01
CA SER B 20 23.71 11.41 0.18
C SER B 20 22.38 11.82 0.78
N TYR B 21 22.05 11.31 1.97
CA TYR B 21 20.72 11.51 2.52
C TYR B 21 20.43 12.97 2.82
N GLN B 22 21.46 13.78 3.05
CA GLN B 22 21.23 15.17 3.41
C GLN B 22 20.98 16.09 2.22
N ILE B 23 21.23 15.62 1.00
CA ILE B 23 21.12 16.50 -0.17
C ILE B 23 20.24 15.88 -1.24
N GLU B 24 20.22 14.56 -1.33
CA GLU B 24 19.64 13.89 -2.49
C GLU B 24 18.12 14.04 -2.53
N GLY B 25 17.44 13.65 -1.47
CA GLY B 25 15.99 13.62 -1.55
C GLY B 25 15.54 12.51 -2.48
N ALA B 26 14.29 12.63 -2.93
CA ALA B 26 13.67 11.63 -3.82
C ALA B 26 13.88 10.22 -3.27
N VAL B 27 13.48 10.03 -2.01
CA VAL B 27 13.83 8.80 -1.30
C VAL B 27 12.94 7.63 -1.70
N HIS B 28 11.84 7.87 -2.40
CA HIS B 28 11.00 6.79 -2.91
C HIS B 28 11.30 6.45 -4.38
N GLU B 29 12.09 7.26 -5.06
CA GLU B 29 12.23 7.18 -6.50
C GLU B 29 13.25 6.12 -6.90
N ASP B 30 12.96 5.46 -8.03
CA ASP B 30 13.85 4.48 -8.65
C ASP B 30 14.19 3.33 -7.68
N GLY B 31 13.19 2.87 -6.95
CA GLY B 31 13.33 1.68 -6.13
C GLY B 31 14.25 1.81 -4.94
N ARG B 32 14.50 3.02 -4.47
CA ARG B 32 15.37 3.19 -3.30
C ARG B 32 14.72 2.58 -2.07
N GLY B 33 15.52 1.83 -1.30
CA GLY B 33 15.02 1.23 -0.08
C GLY B 33 15.07 2.20 1.09
N GLU B 34 14.34 1.84 2.15
CA GLU B 34 14.27 2.68 3.33
C GLU B 34 15.58 2.61 4.11
N SER B 35 16.10 3.77 4.49
CA SER B 35 17.30 3.85 5.31
C SER B 35 16.93 4.08 6.77
N ILE B 36 17.90 3.87 7.66
CA ILE B 36 17.65 4.10 9.08
C ILE B 36 17.34 5.55 9.35
N TRP B 37 17.86 6.46 8.52
CA TRP B 37 17.57 7.87 8.69
C TRP B 37 16.21 8.26 8.12
N ASP B 38 15.69 7.50 7.16
CA ASP B 38 14.29 7.67 6.78
C ASP B 38 13.38 7.23 7.92
N ARG B 39 13.71 6.10 8.56
CA ARG B 39 12.91 5.63 9.69
C ARG B 39 13.08 6.52 10.91
N PHE B 40 14.30 6.98 11.17
CA PHE B 40 14.56 7.82 12.34
C PHE B 40 13.89 9.19 12.21
N SER B 41 14.01 9.81 11.03
CA SER B 41 13.48 11.16 10.86
C SER B 41 11.96 11.18 10.84
N HIS B 42 11.33 10.08 10.46
CA HIS B 42 9.87 9.99 10.47
C HIS B 42 9.33 9.46 11.80
N THR B 43 10.20 9.23 12.78
CA THR B 43 9.80 8.92 14.15
C THR B 43 9.61 10.21 14.92
N PRO B 44 8.46 10.40 15.58
CA PRO B 44 8.20 11.70 16.22
C PRO B 44 9.21 12.04 17.30
N GLY B 45 9.56 13.32 17.36
CA GLY B 45 10.44 13.84 18.39
C GLY B 45 11.91 13.57 18.19
N LYS B 46 12.31 12.92 17.10
CA LYS B 46 13.70 12.56 16.89
C LYS B 46 14.48 13.63 16.13
N VAL B 47 13.82 14.44 15.32
CA VAL B 47 14.48 15.49 14.54
C VAL B 47 13.74 16.80 14.78
N TYR B 48 14.49 17.90 14.76
CA TYR B 48 13.95 19.23 15.02
C TYR B 48 12.77 19.56 14.12
N GLN B 49 11.61 19.79 14.74
CA GLN B 49 10.38 20.16 14.04
C GLN B 49 9.98 19.13 12.98
N GLY B 50 10.39 17.88 13.17
CA GLY B 50 9.98 16.82 12.28
C GLY B 50 10.53 16.91 10.87
N HIS B 51 11.69 17.54 10.72
CA HIS B 51 12.30 17.65 9.39
C HIS B 51 12.83 16.29 8.95
N THR B 52 12.73 16.02 7.64
CA THR B 52 13.18 14.76 7.07
C THR B 52 14.03 15.05 5.83
N GLY B 53 14.69 14.00 5.35
CA GLY B 53 15.44 14.10 4.12
C GLY B 53 14.61 13.68 2.92
N ASP B 54 13.29 13.84 3.03
CA ASP B 54 12.39 13.46 1.95
C ASP B 54 12.72 14.23 0.67
N VAL B 55 12.76 15.56 0.75
CA VAL B 55 13.10 16.41 -0.38
C VAL B 55 14.52 16.91 -0.30
N ALA B 56 14.90 17.52 0.83
CA ALA B 56 16.24 18.05 1.07
C ALA B 56 16.54 19.06 -0.05
N CYS B 57 17.68 18.96 -0.74
CA CYS B 57 18.00 19.85 -1.83
C CYS B 57 17.59 19.31 -3.19
N ASP B 58 16.97 18.12 -3.23
CA ASP B 58 16.56 17.49 -4.47
C ASP B 58 17.73 17.32 -5.42
N HIS B 59 18.91 17.05 -4.85
CA HIS B 59 20.10 16.85 -5.66
C HIS B 59 19.96 15.66 -6.61
N TYR B 60 19.04 14.73 -6.32
CA TYR B 60 18.79 13.62 -7.22
C TYR B 60 18.30 14.11 -8.58
N HIS B 61 17.65 15.27 -8.62
CA HIS B 61 17.16 15.85 -9.87
C HIS B 61 18.00 17.00 -10.38
N ARG B 62 18.69 17.72 -9.48
CA ARG B 62 19.43 18.93 -9.86
C ARG B 62 20.94 18.72 -9.81
N TYR B 63 21.39 17.48 -9.97
CA TYR B 63 22.82 17.21 -9.85
C TYR B 63 23.61 17.81 -11.01
N ARG B 64 23.01 17.88 -12.21
CA ARG B 64 23.69 18.51 -13.33
C ARG B 64 23.87 20.00 -13.09
N GLU B 65 22.85 20.68 -12.55
CA GLU B 65 22.98 22.09 -12.24
C GLU B 65 23.96 22.33 -11.10
N ASP B 66 24.03 21.41 -10.14
CA ASP B 66 24.97 21.56 -9.04
C ASP B 66 26.41 21.29 -9.50
N VAL B 67 26.61 20.27 -10.32
CA VAL B 67 27.93 20.02 -10.89
C VAL B 67 28.40 21.20 -11.71
N ALA B 68 27.50 21.75 -12.54
CA ALA B 68 27.87 22.90 -13.37
C ALA B 68 28.22 24.11 -12.53
N LEU B 69 27.59 24.28 -11.37
CA LEU B 69 27.95 25.38 -10.48
C LEU B 69 29.34 25.18 -9.91
N MET B 70 29.71 23.94 -9.58
CA MET B 70 31.09 23.66 -9.19
C MET B 70 32.05 24.01 -10.31
N LYS B 71 31.68 23.69 -11.54
CA LYS B 71 32.53 24.00 -12.69
C LYS B 71 32.68 25.51 -12.86
N GLU B 72 31.59 26.25 -12.75
CA GLU B 72 31.65 27.70 -12.87
C GLU B 72 32.56 28.32 -11.82
N LEU B 73 32.37 27.94 -10.56
CA LEU B 73 33.23 28.43 -9.49
C LEU B 73 34.64 27.84 -9.55
N GLY B 74 34.84 26.79 -10.33
CA GLY B 74 36.17 26.22 -10.48
C GLY B 74 36.62 25.35 -9.34
N ILE B 75 35.73 24.57 -8.75
CA ILE B 75 36.09 23.67 -7.65
C ILE B 75 36.83 22.46 -8.24
N PRO B 76 38.05 22.19 -7.80
CA PRO B 76 38.83 21.12 -8.43
C PRO B 76 38.38 19.72 -8.01
N ALA B 77 37.85 19.59 -6.80
CA ALA B 77 37.43 18.30 -6.27
C ALA B 77 36.03 18.42 -5.66
N TYR B 78 35.43 17.26 -5.40
CA TYR B 78 34.09 17.20 -4.85
C TYR B 78 33.94 15.89 -4.09
N ARG B 79 33.52 15.98 -2.83
CA ARG B 79 33.32 14.82 -1.98
C ARG B 79 31.83 14.58 -1.82
N PHE B 80 31.41 13.34 -2.07
CA PHE B 80 30.02 12.95 -1.89
C PHE B 80 29.96 11.49 -1.47
N SER B 81 28.83 11.10 -0.90
CA SER B 81 28.63 9.74 -0.43
C SER B 81 27.62 9.02 -1.33
N ILE B 82 27.74 7.70 -1.37
CA ILE B 82 26.84 6.84 -2.14
C ILE B 82 25.82 6.26 -1.18
N ALA B 83 24.54 6.48 -1.48
CA ALA B 83 23.46 5.98 -0.63
C ALA B 83 23.35 4.47 -0.80
N TRP B 84 23.80 3.73 0.20
CA TRP B 84 23.64 2.28 0.22
C TRP B 84 22.23 1.80 -0.12
N PRO B 85 21.15 2.40 0.40
CA PRO B 85 19.81 1.90 0.04
C PRO B 85 19.50 1.98 -1.45
N ARG B 86 20.10 2.92 -2.18
CA ARG B 86 19.83 3.01 -3.61
C ARG B 86 20.46 1.86 -4.38
N ILE B 87 21.44 1.18 -3.82
CA ILE B 87 22.15 0.10 -4.50
C ILE B 87 21.61 -1.26 -4.05
N PHE B 88 21.41 -1.45 -2.75
CA PHE B 88 20.80 -2.65 -2.19
C PHE B 88 19.56 -2.24 -1.41
N PRO B 89 18.43 -2.06 -2.08
CA PRO B 89 17.21 -1.69 -1.36
C PRO B 89 16.70 -2.77 -0.43
N GLU B 90 16.89 -4.04 -0.79
CA GLU B 90 16.47 -5.17 0.04
C GLU B 90 17.64 -6.15 0.15
N LYS B 91 17.43 -7.19 0.97
CA LYS B 91 18.45 -8.21 1.12
C LYS B 91 18.68 -8.92 -0.21
N GLY B 92 19.92 -8.87 -0.70
CA GLY B 92 20.26 -9.48 -1.97
C GLY B 92 19.44 -8.98 -3.14
N MET B 93 19.42 -7.66 -3.34
CA MET B 93 18.69 -7.05 -4.45
C MET B 93 19.53 -5.91 -5.00
N LYS B 94 20.28 -6.19 -6.07
CA LYS B 94 21.08 -5.17 -6.73
C LYS B 94 20.19 -4.32 -7.62
N ASN B 95 20.17 -3.01 -7.38
CA ASN B 95 19.31 -2.08 -8.11
C ASN B 95 20.16 -1.33 -9.13
N GLU B 96 19.91 -1.58 -10.41
CA GLU B 96 20.71 -0.95 -11.46
C GLU B 96 20.39 0.53 -11.59
N ALA B 97 19.16 0.94 -11.28
CA ALA B 97 18.81 2.36 -11.37
C ALA B 97 19.60 3.19 -10.38
N GLY B 98 19.85 2.65 -9.19
CA GLY B 98 20.66 3.37 -8.21
C GLY B 98 22.11 3.51 -8.66
N LEU B 99 22.68 2.41 -9.16
CA LEU B 99 24.03 2.48 -9.72
C LEU B 99 24.07 3.38 -10.94
N ASP B 100 22.98 3.45 -11.70
CA ASP B 100 22.97 4.28 -12.91
C ASP B 100 23.03 5.76 -12.56
N PHE B 101 22.39 6.16 -11.46
CA PHE B 101 22.39 7.58 -11.08
C PHE B 101 23.80 8.04 -10.76
N TYR B 102 24.49 7.34 -9.86
CA TYR B 102 25.85 7.71 -9.52
C TYR B 102 26.80 7.58 -10.70
N ARG B 103 26.47 6.72 -11.67
CA ARG B 103 27.21 6.73 -12.93
C ARG B 103 27.02 8.05 -13.66
N ARG B 104 25.79 8.57 -13.69
CA ARG B 104 25.53 9.83 -14.36
C ARG B 104 26.22 10.99 -13.63
N LEU B 105 26.22 10.98 -12.30
CA LEU B 105 26.86 12.05 -11.55
C LEU B 105 28.38 12.05 -11.77
N LEU B 106 28.98 10.87 -11.85
CA LEU B 106 30.43 10.79 -12.00
C LEU B 106 30.87 11.25 -13.38
N GLU B 107 30.09 10.92 -14.42
CA GLU B 107 30.42 11.40 -15.76
C GLU B 107 30.25 12.90 -15.87
N ALA B 108 29.29 13.48 -15.14
CA ALA B 108 29.19 14.93 -15.09
C ALA B 108 30.42 15.54 -14.43
N LEU B 109 30.90 14.91 -13.36
CA LEU B 109 32.13 15.37 -12.72
C LEU B 109 33.35 15.13 -13.61
N HIS B 110 33.28 14.12 -14.49
CA HIS B 110 34.39 13.85 -15.39
C HIS B 110 34.50 14.93 -16.46
N GLU B 111 33.36 15.36 -17.01
CA GLU B 111 33.39 16.40 -18.04
C GLU B 111 33.82 17.75 -17.46
N ALA B 112 33.39 18.04 -16.23
CA ALA B 112 33.77 19.28 -15.57
C ALA B 112 35.20 19.26 -15.03
N ASP B 113 35.93 18.16 -15.21
CA ASP B 113 37.31 18.02 -14.74
C ASP B 113 37.39 18.20 -13.22
N ILE B 114 36.49 17.52 -12.51
CA ILE B 114 36.41 17.59 -11.05
C ILE B 114 36.70 16.20 -10.51
N ARG B 115 37.80 16.07 -9.78
CA ARG B 115 38.14 14.80 -9.16
C ARG B 115 37.14 14.46 -8.06
N SER B 116 36.87 13.17 -7.90
CA SER B 116 35.79 12.68 -7.06
C SER B 116 36.33 11.90 -5.87
N PHE B 117 35.85 12.24 -4.68
CA PHE B 117 36.09 11.47 -3.46
C PHE B 117 34.76 10.90 -3.01
N VAL B 118 34.65 9.57 -3.00
CA VAL B 118 33.37 8.89 -2.80
C VAL B 118 33.38 8.20 -1.45
N THR B 119 32.47 8.60 -0.57
CA THR B 119 32.29 7.95 0.72
C THR B 119 31.29 6.81 0.57
N LEU B 120 31.62 5.65 1.14
CA LEU B 120 30.79 4.48 0.96
C LEU B 120 29.68 4.37 2.00
N TYR B 121 29.92 4.84 3.22
CA TYR B 121 28.91 4.83 4.27
C TYR B 121 28.91 6.18 4.98
N HIS B 122 27.91 7.01 4.69
CA HIS B 122 27.68 8.22 5.45
C HIS B 122 26.37 8.11 6.20
N TRP B 123 26.21 7.01 6.94
CA TRP B 123 25.22 6.80 8.01
C TRP B 123 23.89 6.25 7.51
N ASP B 124 23.54 6.45 6.24
CA ASP B 124 22.24 6.00 5.74
C ASP B 124 22.29 4.48 5.51
N LEU B 125 22.24 3.75 6.62
CA LEU B 125 22.22 2.29 6.55
C LEU B 125 20.83 1.82 6.12
N PRO B 126 20.75 0.80 5.25
CA PRO B 126 19.43 0.27 4.88
C PRO B 126 18.70 -0.28 6.10
N GLN B 127 17.38 -0.02 6.14
CA GLN B 127 16.59 -0.48 7.28
C GLN B 127 16.46 -2.00 7.30
N TRP B 128 16.49 -2.65 6.13
CA TRP B 128 16.45 -4.10 6.12
C TRP B 128 17.69 -4.70 6.77
N LEU B 129 18.80 -3.98 6.78
CA LEU B 129 19.97 -4.43 7.52
C LEU B 129 19.83 -4.15 9.01
N GLN B 130 19.21 -3.02 9.36
CA GLN B 130 18.97 -2.73 10.76
C GLN B 130 17.89 -3.63 11.34
N ASP B 131 16.94 -4.07 10.50
CA ASP B 131 16.00 -5.10 10.92
C ASP B 131 16.71 -6.37 11.37
N ARG B 132 17.90 -6.62 10.83
CA ARG B 132 18.73 -7.75 11.21
C ARG B 132 19.80 -7.36 12.22
N GLY B 133 19.58 -6.29 12.98
CA GLY B 133 20.48 -5.87 14.03
C GLY B 133 21.38 -4.71 13.67
N GLY B 134 21.59 -4.46 12.37
CA GLY B 134 22.44 -3.35 11.98
C GLY B 134 23.87 -3.56 12.40
N TRP B 135 24.51 -2.47 12.86
CA TRP B 135 25.91 -2.53 13.24
C TRP B 135 26.15 -3.31 14.53
N ALA B 136 25.09 -3.62 15.29
CA ALA B 136 25.23 -4.54 16.41
C ALA B 136 25.47 -5.97 15.95
N ASN B 137 25.24 -6.26 14.66
CA ASN B 137 25.47 -7.58 14.08
C ASN B 137 26.77 -7.55 13.29
N ARG B 138 27.63 -8.55 13.54
CA ARG B 138 28.87 -8.66 12.78
C ARG B 138 28.62 -8.98 11.31
N ASP B 139 27.46 -9.58 10.99
CA ASP B 139 27.13 -9.85 9.60
C ASP B 139 27.08 -8.58 8.77
N THR B 140 26.76 -7.44 9.38
CA THR B 140 26.69 -6.19 8.65
C THR B 140 28.03 -5.81 8.04
N ALA B 141 29.13 -6.14 8.72
CA ALA B 141 30.45 -5.84 8.18
C ALA B 141 30.71 -6.59 6.88
N GLU B 142 30.20 -7.83 6.79
CA GLU B 142 30.36 -8.59 5.55
C GLU B 142 29.54 -8.00 4.42
N TYR B 143 28.30 -7.60 4.72
CA TYR B 143 27.46 -6.98 3.69
C TYR B 143 28.05 -5.66 3.22
N PHE B 144 28.73 -4.93 4.10
CA PHE B 144 29.36 -3.67 3.68
C PHE B 144 30.52 -3.93 2.72
N ALA B 145 31.36 -4.92 3.03
CA ALA B 145 32.41 -5.30 2.09
C ALA B 145 31.82 -5.83 0.79
N GLU B 146 30.63 -6.43 0.85
CA GLU B 146 29.94 -6.83 -0.37
C GLU B 146 29.56 -5.60 -1.19
N TYR B 147 28.90 -4.63 -0.57
CA TYR B 147 28.44 -3.45 -1.28
C TYR B 147 29.61 -2.56 -1.69
N ALA B 148 30.67 -2.52 -0.90
CA ALA B 148 31.85 -1.75 -1.28
C ALA B 148 32.54 -2.36 -2.48
N SER B 149 32.59 -3.70 -2.54
CA SER B 149 33.25 -4.36 -3.68
C SER B 149 32.49 -4.13 -4.97
N LEU B 150 31.17 -3.98 -4.92
CA LEU B 150 30.40 -3.71 -6.11
C LEU B 150 30.66 -2.30 -6.63
N ILE B 151 30.81 -1.35 -5.72
CA ILE B 151 31.10 0.03 -6.13
C ILE B 151 32.48 0.13 -6.77
N TYR B 152 33.43 -0.69 -6.32
CA TYR B 152 34.78 -0.65 -6.89
C TYR B 152 34.76 -1.05 -8.36
N GLU B 153 33.97 -2.07 -8.70
CA GLU B 153 33.98 -2.61 -10.06
C GLU B 153 33.01 -1.89 -10.99
N ARG B 154 31.88 -1.40 -10.48
CA ARG B 154 30.88 -0.77 -11.32
C ARG B 154 31.13 0.71 -11.54
N LEU B 155 31.82 1.37 -10.62
CA LEU B 155 32.01 2.81 -10.69
C LEU B 155 33.44 3.29 -10.46
N GLY B 156 34.39 2.36 -10.29
CA GLY B 156 35.74 2.77 -9.93
C GLY B 156 36.43 3.61 -10.98
N ASP B 157 36.00 3.49 -12.24
CA ASP B 157 36.69 4.20 -13.32
C ASP B 157 36.48 5.70 -13.23
N GLY B 158 35.34 6.14 -12.72
CA GLY B 158 35.08 7.56 -12.55
C GLY B 158 35.36 8.09 -11.16
N ILE B 159 36.03 7.32 -10.31
CA ILE B 159 36.27 7.68 -8.92
C ILE B 159 37.77 7.73 -8.69
N ASP B 160 38.25 8.87 -8.18
CA ASP B 160 39.68 9.04 -7.95
C ASP B 160 40.11 8.50 -6.60
N ALA B 161 39.25 8.60 -5.58
CA ALA B 161 39.61 8.16 -4.24
C ALA B 161 38.35 7.67 -3.53
N PHE B 162 38.55 6.71 -2.63
CA PHE B 162 37.44 6.12 -1.88
C PHE B 162 37.61 6.42 -0.40
N ILE B 163 36.48 6.68 0.26
CA ILE B 163 36.43 6.84 1.72
C ILE B 163 35.42 5.83 2.23
N THR B 164 35.86 4.93 3.09
CA THR B 164 34.99 3.85 3.56
C THR B 164 33.88 4.39 4.45
N HIS B 165 34.23 4.90 5.62
CA HIS B 165 33.27 5.40 6.59
C HIS B 165 33.52 6.87 6.87
N ASN B 166 32.44 7.59 7.18
CA ASN B 166 32.51 8.98 7.59
C ASN B 166 32.08 9.08 9.05
N GLU B 167 32.99 9.51 9.90
CA GLU B 167 32.74 9.72 11.33
C GLU B 167 32.10 8.49 11.97
N PRO B 168 32.84 7.40 12.14
CA PRO B 168 32.26 6.24 12.83
C PRO B 168 31.98 6.51 14.30
N TRP B 169 32.54 7.59 14.87
CA TRP B 169 32.29 7.91 16.26
C TRP B 169 30.83 8.24 16.50
N CYS B 170 30.19 8.93 15.55
CA CYS B 170 28.79 9.30 15.72
C CYS B 170 27.86 8.15 15.35
N ALA B 171 28.11 7.50 14.22
CA ALA B 171 27.28 6.37 13.80
C ALA B 171 27.20 5.30 14.87
N ALA B 172 28.27 5.11 15.63
CA ALA B 172 28.30 4.13 16.71
C ALA B 172 27.74 4.70 18.01
N PHE B 173 28.29 5.81 18.47
CA PHE B 173 27.94 6.34 19.79
C PHE B 173 26.71 7.23 19.76
N LEU B 174 26.57 8.08 18.75
CA LEU B 174 25.36 8.89 18.65
C LEU B 174 24.16 8.10 18.14
N GLY B 175 24.40 6.97 17.47
CA GLY B 175 23.32 6.16 16.95
C GLY B 175 22.87 5.07 17.87
N HIS B 176 23.77 4.59 18.73
CA HIS B 176 23.46 3.50 19.62
C HIS B 176 23.73 3.79 21.09
N GLY B 177 24.41 4.88 21.42
CA GLY B 177 24.66 5.21 22.81
C GLY B 177 23.77 6.32 23.33
N PHE B 178 23.94 7.53 22.77
CA PHE B 178 23.09 8.64 23.17
C PHE B 178 21.71 8.56 22.55
N GLY B 179 21.61 8.03 21.33
CA GLY B 179 20.33 7.85 20.68
C GLY B 179 19.83 9.04 19.88
N VAL B 180 20.63 10.11 19.78
CA VAL B 180 20.19 11.30 19.05
C VAL B 180 20.34 11.15 17.55
N HIS B 181 20.98 10.09 17.08
CA HIS B 181 21.08 9.81 15.66
C HIS B 181 20.54 8.42 15.38
N ALA B 182 20.29 8.15 14.10
CA ALA B 182 19.80 6.85 13.71
C ALA B 182 20.82 5.77 14.08
N PRO B 183 20.38 4.59 14.54
CA PRO B 183 18.99 4.17 14.69
C PRO B 183 18.29 4.62 15.97
N GLY B 184 18.95 5.44 16.78
CA GLY B 184 18.32 5.95 17.98
C GLY B 184 18.30 5.01 19.17
N HIS B 185 19.24 4.07 19.23
CA HIS B 185 19.31 3.17 20.38
C HIS B 185 20.11 3.81 21.51
N THR B 186 19.89 3.31 22.72
CA THR B 186 20.56 3.83 23.92
C THR B 186 21.08 2.64 24.74
N ASP B 187 22.12 1.99 24.20
CA ASP B 187 22.78 0.86 24.86
C ASP B 187 24.27 1.01 24.62
N TRP B 188 25.02 1.30 25.67
CA TRP B 188 26.45 1.59 25.49
C TRP B 188 27.25 0.33 25.18
N ARG B 189 26.79 -0.83 25.62
CA ARG B 189 27.40 -2.08 25.16
C ARG B 189 27.19 -2.24 23.66
N GLU B 190 25.96 -2.00 23.19
CA GLU B 190 25.69 -2.07 21.76
C GLU B 190 26.47 -1.01 20.99
N ALA B 191 26.69 0.16 21.60
CA ALA B 191 27.40 1.23 20.91
C ALA B 191 28.85 0.86 20.64
N PHE B 192 29.54 0.37 21.67
CA PHE B 192 30.94 -0.05 21.48
C PHE B 192 31.02 -1.32 20.66
N GLN B 193 29.98 -2.15 20.68
CA GLN B 193 29.92 -3.30 19.79
C GLN B 193 29.74 -2.86 18.34
N ALA B 194 28.88 -1.85 18.13
CA ALA B 194 28.72 -1.31 16.79
C ALA B 194 30.00 -0.66 16.29
N ALA B 195 30.72 0.03 17.20
CA ALA B 195 31.95 0.70 16.81
C ALA B 195 33.00 -0.29 16.33
N HIS B 196 33.04 -1.49 16.91
CA HIS B 196 34.01 -2.48 16.48
C HIS B 196 33.64 -3.08 15.14
N HIS B 197 32.34 -3.34 14.91
CA HIS B 197 31.92 -3.87 13.62
C HIS B 197 32.04 -2.83 12.52
N ILE B 198 31.96 -1.55 12.87
CA ILE B 198 32.21 -0.50 11.88
C ILE B 198 33.68 -0.45 11.51
N LEU B 199 34.56 -0.47 12.52
CA LEU B 199 35.99 -0.57 12.26
C LEU B 199 36.33 -1.83 11.49
N TYR B 200 35.69 -2.95 11.84
CA TYR B 200 35.94 -4.20 11.13
C TYR B 200 35.45 -4.12 9.68
N SER B 201 34.30 -3.48 9.45
CA SER B 201 33.81 -3.32 8.09
C SER B 201 34.75 -2.46 7.25
N HIS B 202 35.43 -1.51 7.87
CA HIS B 202 36.41 -0.70 7.14
C HIS B 202 37.59 -1.55 6.67
N GLY B 203 38.09 -2.43 7.54
CA GLY B 203 39.20 -3.28 7.15
C GLY B 203 38.84 -4.25 6.04
N LEU B 204 37.64 -4.82 6.09
CA LEU B 204 37.19 -5.71 5.02
C LEU B 204 37.04 -4.96 3.70
N ALA B 205 36.61 -3.70 3.74
CA ALA B 205 36.46 -2.94 2.50
C ALA B 205 37.80 -2.55 1.90
N VAL B 206 38.82 -2.33 2.74
CA VAL B 206 40.14 -2.06 2.21
C VAL B 206 40.72 -3.31 1.57
N GLN B 207 40.59 -4.46 2.23
CA GLN B 207 41.05 -5.70 1.64
C GLN B 207 40.37 -5.96 0.31
N ALA B 208 39.07 -5.69 0.23
CA ALA B 208 38.36 -5.82 -1.04
C ALA B 208 38.88 -4.82 -2.06
N HIS B 209 39.34 -3.65 -1.60
CA HIS B 209 39.84 -2.64 -2.53
C HIS B 209 41.20 -3.03 -3.10
N ARG B 210 42.08 -3.58 -2.26
CA ARG B 210 43.40 -3.98 -2.73
C ARG B 210 43.34 -5.09 -3.77
N ALA B 211 42.22 -5.83 -3.84
CA ALA B 211 41.98 -6.82 -4.87
C ALA B 211 40.91 -6.37 -5.86
N SER B 212 40.49 -5.10 -5.80
CA SER B 212 39.36 -4.62 -6.58
C SER B 212 39.74 -4.19 -8.00
N SER B 213 41.03 -4.09 -8.30
CA SER B 213 41.55 -3.55 -9.56
C SER B 213 41.30 -2.06 -9.71
N HIS B 214 40.76 -1.40 -8.70
CA HIS B 214 40.66 0.05 -8.71
C HIS B 214 42.05 0.65 -8.48
N LYS B 215 42.50 1.47 -9.41
CA LYS B 215 43.85 2.02 -9.38
C LYS B 215 43.96 3.29 -8.54
N GLY B 216 42.92 3.64 -7.78
CA GLY B 216 42.92 4.83 -6.98
C GLY B 216 43.15 4.55 -5.50
N GLN B 217 43.16 5.63 -4.73
CA GLN B 217 43.41 5.55 -3.30
C GLN B 217 42.12 5.20 -2.55
N ILE B 218 42.30 4.65 -1.35
CA ILE B 218 41.19 4.40 -0.43
C ILE B 218 41.66 4.72 0.98
N GLY B 219 40.76 5.28 1.79
CA GLY B 219 41.06 5.61 3.16
C GLY B 219 39.82 5.64 4.02
N ILE B 220 39.87 6.37 5.14
CA ILE B 220 38.72 6.49 6.03
C ILE B 220 38.74 7.90 6.64
N THR B 221 37.55 8.42 6.91
CA THR B 221 37.38 9.76 7.44
C THR B 221 36.93 9.69 8.89
N LEU B 222 37.64 10.38 9.78
CA LEU B 222 37.34 10.41 11.20
C LEU B 222 37.16 11.85 11.66
N ASN B 223 36.23 12.07 12.58
CA ASN B 223 36.01 13.39 13.16
C ASN B 223 36.72 13.46 14.50
N PHE B 224 37.44 14.56 14.72
CA PHE B 224 38.17 14.79 15.96
C PHE B 224 37.69 16.10 16.58
N THR B 225 37.63 16.13 17.90
CA THR B 225 37.35 17.34 18.66
C THR B 225 38.48 17.53 19.65
N TRP B 226 39.34 18.51 19.40
CA TRP B 226 40.42 18.81 20.32
C TRP B 226 39.85 19.16 21.69
N VAL B 227 40.48 18.64 22.73
CA VAL B 227 40.01 18.84 24.10
C VAL B 227 41.10 19.53 24.89
N ASP B 228 40.72 20.56 25.64
CA ASP B 228 41.62 21.28 26.52
C ASP B 228 41.06 21.23 27.93
N ALA B 229 41.93 20.98 28.90
CA ALA B 229 41.49 20.92 30.29
C ALA B 229 40.93 22.27 30.72
N ALA B 230 39.81 22.22 31.44
CA ALA B 230 39.22 23.46 31.95
C ALA B 230 40.15 24.15 32.93
N THR B 231 40.79 23.39 33.82
CA THR B 231 41.66 23.96 34.84
C THR B 231 42.99 23.24 34.87
N ASP B 232 43.78 23.54 35.90
CA ASP B 232 44.96 22.74 36.21
C ASP B 232 44.66 21.62 37.21
N SER B 233 43.42 21.49 37.65
CA SER B 233 43.07 20.51 38.68
C SER B 233 43.29 19.09 38.16
N ALA B 234 43.91 18.25 39.01
CA ALA B 234 44.29 16.90 38.62
C ALA B 234 43.13 16.07 38.09
N THR B 235 41.89 16.41 38.45
CA THR B 235 40.75 15.68 37.93
C THR B 235 40.30 16.20 36.58
N ASP B 236 40.40 17.51 36.36
CA ASP B 236 40.07 18.07 35.05
C ASP B 236 41.08 17.62 34.00
N GLN B 237 42.35 17.50 34.39
CA GLN B 237 43.33 16.91 33.50
C GLN B 237 43.00 15.46 33.20
N ALA B 238 42.53 14.72 34.21
CA ALA B 238 42.19 13.32 34.00
C ALA B 238 40.93 13.20 33.14
N ALA B 239 39.94 14.07 33.36
CA ALA B 239 38.72 14.01 32.58
C ALA B 239 38.98 14.35 31.12
N ALA B 240 39.78 15.38 30.86
CA ALA B 240 40.14 15.72 29.48
C ALA B 240 40.86 14.56 28.81
N GLU B 241 41.67 13.81 29.57
CA GLU B 241 42.29 12.61 29.04
C GLU B 241 41.23 11.57 28.68
N VAL B 242 40.20 11.42 29.53
CA VAL B 242 39.14 10.47 29.25
C VAL B 242 38.36 10.87 28.01
N SER B 243 38.07 12.17 27.86
CA SER B 243 37.33 12.62 26.69
C SER B 243 38.20 12.55 25.43
N HIS B 244 39.50 12.84 25.56
CA HIS B 244 40.40 12.75 24.42
C HIS B 244 40.42 11.35 23.84
N ALA B 245 40.49 10.34 24.71
CA ALA B 245 40.46 8.96 24.23
C ALA B 245 39.09 8.60 23.65
N PHE B 246 38.02 9.17 24.21
CA PHE B 246 36.68 8.85 23.74
C PHE B 246 36.45 9.37 22.32
N ASN B 247 36.81 10.62 22.08
CA ASN B 247 36.51 11.27 20.81
C ASN B 247 37.56 11.00 19.73
N ASN B 248 38.85 11.08 20.09
CA ASN B 248 39.91 11.11 19.09
C ASN B 248 40.67 9.81 18.96
N ARG B 249 40.85 9.05 20.04
CA ARG B 249 41.74 7.90 20.02
C ARG B 249 41.03 6.57 19.71
N TRP B 250 39.72 6.50 19.91
CA TRP B 250 39.05 5.20 19.89
C TRP B 250 39.05 4.57 18.50
N PHE B 251 39.12 5.38 17.45
CA PHE B 251 39.06 4.86 16.09
C PHE B 251 40.35 5.06 15.31
N LEU B 252 41.06 6.18 15.52
CA LEU B 252 42.29 6.42 14.79
C LEU B 252 43.36 5.39 15.13
N GLU B 253 43.56 5.14 16.41
CA GLU B 253 44.64 4.27 16.85
C GLU B 253 44.42 2.81 16.43
N PRO B 254 43.20 2.27 16.50
CA PRO B 254 42.99 0.94 15.90
C PRO B 254 43.28 0.90 14.41
N VAL B 255 42.91 1.95 13.69
CA VAL B 255 43.20 2.00 12.25
C VAL B 255 44.69 2.09 12.00
N ALA B 256 45.42 2.83 12.86
CA ALA B 256 46.84 3.10 12.65
C ALA B 256 47.75 1.97 13.12
N GLY B 257 47.28 0.72 13.12
CA GLY B 257 48.10 -0.40 13.52
C GLY B 257 48.18 -0.66 15.00
N ARG B 258 47.91 0.34 15.84
CA ARG B 258 47.81 0.13 17.27
C ARG B 258 46.45 -0.45 17.61
N GLY B 259 46.19 -0.65 18.90
CA GLY B 259 44.92 -1.16 19.36
C GLY B 259 44.02 -0.07 19.90
N TYR B 260 42.96 -0.52 20.60
CA TYR B 260 42.13 0.41 21.33
C TYR B 260 42.92 1.04 22.47
N PRO B 261 42.67 2.31 22.79
CA PRO B 261 43.35 2.94 23.94
C PRO B 261 43.10 2.14 25.22
N GLN B 262 44.15 1.51 25.74
CA GLN B 262 43.98 0.47 26.75
C GLN B 262 43.43 1.04 28.05
N GLU B 263 43.98 2.17 28.51
CA GLU B 263 43.55 2.71 29.80
C GLU B 263 42.09 3.12 29.77
N PHE B 264 41.67 3.80 28.71
CA PHE B 264 40.27 4.18 28.58
C PHE B 264 39.38 2.96 28.33
N GLN B 265 39.91 1.94 27.66
CA GLN B 265 39.10 0.75 27.36
C GLN B 265 38.74 0.01 28.64
N GLN B 266 39.72 -0.20 29.53
CA GLN B 266 39.43 -0.94 30.75
C GLN B 266 38.48 -0.18 31.67
N LEU B 267 38.39 1.14 31.52
CA LEU B 267 37.32 1.88 32.20
C LEU B 267 35.97 1.60 31.54
N VAL B 268 35.96 1.53 30.22
CA VAL B 268 34.73 1.16 29.51
C VAL B 268 34.28 -0.24 29.91
N GLU B 269 35.24 -1.16 30.07
CA GLU B 269 34.89 -2.52 30.48
C GLU B 269 34.36 -2.56 31.90
N GLN B 270 34.82 -1.65 32.76
CA GLN B 270 34.29 -1.58 34.12
C GLN B 270 32.86 -1.07 34.12
N ARG B 271 32.55 -0.12 33.22
CA ARG B 271 31.19 0.38 33.12
C ARG B 271 30.26 -0.66 32.51
N ILE B 272 30.76 -1.45 31.57
CA ILE B 272 29.95 -2.47 30.92
C ILE B 272 30.47 -3.86 31.29
N GLY B 273 31.35 -4.40 30.44
CA GLY B 273 31.89 -5.72 30.67
C GLY B 273 32.98 -6.02 29.67
N GLN B 274 33.40 -7.28 29.67
CA GLN B 274 34.48 -7.70 28.77
C GLN B 274 34.04 -7.56 27.32
N PHE B 275 35.02 -7.25 26.46
CA PHE B 275 34.77 -7.07 25.03
C PHE B 275 34.79 -8.44 24.36
N ASP B 276 33.65 -9.13 24.45
CA ASP B 276 33.50 -10.44 23.82
C ASP B 276 33.20 -10.35 22.33
N PHE B 277 33.27 -9.16 21.74
CA PHE B 277 33.01 -8.97 20.32
C PHE B 277 34.28 -8.72 19.51
N VAL B 278 35.45 -8.70 20.15
CA VAL B 278 36.71 -8.48 19.46
C VAL B 278 37.36 -9.85 19.30
N ARG B 279 37.10 -10.49 18.16
CA ARG B 279 37.69 -11.78 17.87
C ARG B 279 39.12 -11.60 17.38
N GLN B 280 39.93 -12.64 17.54
CA GLN B 280 41.33 -12.55 17.16
C GLN B 280 41.47 -12.39 15.66
N GLY B 281 42.36 -11.48 15.26
CA GLY B 281 42.52 -11.11 13.87
C GLY B 281 41.73 -9.90 13.44
N ASP B 282 40.73 -9.50 14.23
CA ASP B 282 39.93 -8.32 13.88
C ASP B 282 40.80 -7.07 13.85
N LEU B 283 41.74 -6.95 14.80
CA LEU B 283 42.64 -5.80 14.82
C LEU B 283 43.52 -5.78 13.59
N ALA B 284 44.06 -6.93 13.19
CA ALA B 284 44.85 -7.00 11.97
C ALA B 284 44.03 -6.62 10.76
N VAL B 285 42.75 -6.98 10.74
CA VAL B 285 41.86 -6.58 9.65
C VAL B 285 41.61 -5.08 9.70
N ILE B 286 41.28 -4.56 10.89
CA ILE B 286 41.04 -3.13 11.03
C ILE B 286 42.26 -2.32 10.61
N ALA B 287 43.45 -2.80 10.97
CA ALA B 287 44.69 -2.11 10.67
C ALA B 287 45.20 -2.39 9.26
N GLU B 288 44.34 -2.74 8.33
CA GLU B 288 44.77 -2.90 6.94
C GLU B 288 45.27 -1.57 6.41
N PRO B 289 46.47 -1.51 5.86
CA PRO B 289 47.07 -0.21 5.50
C PRO B 289 46.22 0.55 4.50
N ILE B 290 46.09 1.86 4.73
CA ILE B 290 45.32 2.74 3.89
C ILE B 290 46.26 3.69 3.16
N ASP B 291 45.73 4.39 2.16
CA ASP B 291 46.52 5.35 1.41
C ASP B 291 46.47 6.75 2.00
N PHE B 292 45.39 7.10 2.71
CA PHE B 292 45.28 8.41 3.33
C PHE B 292 44.28 8.34 4.45
N LEU B 293 44.32 9.35 5.32
CA LEU B 293 43.37 9.50 6.41
C LEU B 293 42.62 10.82 6.25
N GLY B 294 41.29 10.73 6.23
CA GLY B 294 40.47 11.93 6.19
C GLY B 294 40.25 12.49 7.58
N ILE B 295 40.34 13.81 7.70
CA ILE B 295 40.23 14.50 8.98
C ILE B 295 39.02 15.42 8.94
N ASN B 296 38.07 15.18 9.84
CA ASN B 296 36.94 16.07 10.04
C ASN B 296 37.16 16.85 11.34
N PHE B 297 37.17 18.17 11.24
CA PHE B 297 37.40 19.03 12.40
C PHE B 297 36.49 20.25 12.30
N TYR B 298 35.93 20.66 13.44
CA TYR B 298 35.08 21.83 13.48
C TYR B 298 35.39 22.72 14.68
N THR B 299 35.58 22.11 15.84
CA THR B 299 35.67 22.86 17.09
C THR B 299 36.58 22.14 18.06
N ARG B 300 36.80 22.78 19.20
CA ARG B 300 37.39 22.16 20.37
C ARG B 300 36.32 22.01 21.44
N SER B 301 36.74 21.50 22.60
CA SER B 301 35.82 21.38 23.73
C SER B 301 36.62 21.42 25.02
N VAL B 302 36.32 22.40 25.85
CA VAL B 302 36.98 22.56 27.14
C VAL B 302 36.25 21.66 28.14
N VAL B 303 36.94 20.63 28.63
CA VAL B 303 36.32 19.55 29.39
C VAL B 303 36.70 19.69 30.86
N ALA B 304 35.71 19.58 31.73
CA ALA B 304 35.91 19.56 33.17
C ALA B 304 35.31 18.28 33.74
N ALA B 305 35.91 17.79 34.82
CA ALA B 305 35.39 16.58 35.47
C ALA B 305 34.03 16.84 36.09
N ASN B 306 33.14 15.86 35.97
CA ASN B 306 31.79 15.95 36.53
C ASN B 306 31.44 14.61 37.17
N PRO B 307 31.03 14.60 38.46
CA PRO B 307 30.63 13.34 39.09
C PRO B 307 29.26 12.84 38.69
N ASP B 308 28.38 13.69 38.12
CA ASP B 308 27.03 13.24 37.80
C ASP B 308 27.02 12.29 36.61
N ASP B 309 27.93 12.46 35.65
CA ASP B 309 28.05 11.54 34.53
C ASP B 309 28.58 10.21 35.04
N ALA B 310 27.73 9.18 35.04
CA ALA B 310 28.12 7.89 35.58
C ALA B 310 29.02 7.12 34.61
N LEU B 311 28.90 7.37 33.31
CA LEU B 311 29.66 6.61 32.32
C LEU B 311 31.13 6.98 32.33
N PHE B 312 31.44 8.21 31.90
CA PHE B 312 32.82 8.65 31.80
C PHE B 312 33.18 9.79 32.75
N GLY B 313 32.20 10.47 33.32
CA GLY B 313 32.46 11.55 34.25
C GLY B 313 33.08 12.78 33.59
N LEU B 314 32.39 13.33 32.58
CA LEU B 314 32.90 14.45 31.82
C LEU B 314 31.85 15.54 31.72
N ARG B 315 32.31 16.77 31.53
CA ARG B 315 31.43 17.93 31.32
C ARG B 315 32.11 18.87 30.36
N THR B 316 31.42 19.19 29.26
CA THR B 316 31.92 20.13 28.27
C THR B 316 31.33 21.50 28.54
N LEU B 317 32.19 22.52 28.58
CA LEU B 317 31.76 23.88 28.82
C LEU B 317 31.29 24.52 27.51
N GLU B 318 30.47 25.55 27.65
CA GLU B 318 29.97 26.27 26.49
C GLU B 318 31.05 27.18 25.93
N ALA B 319 30.77 27.80 24.80
CA ALA B 319 31.79 28.62 24.17
C ALA B 319 31.40 30.07 24.09
N ASN B 323 31.72 34.28 20.74
CA ASN B 323 32.51 33.72 19.64
C ASN B 323 32.20 32.24 19.42
N ARG B 324 31.15 31.96 18.64
CA ARG B 324 30.82 30.60 18.23
C ARG B 324 29.71 30.67 17.18
N THR B 325 29.32 29.50 16.70
CA THR B 325 28.43 29.35 15.56
C THR B 325 27.02 28.99 16.02
N GLU B 326 26.11 28.86 15.05
CA GLU B 326 24.74 28.47 15.31
C GLU B 326 24.62 27.06 15.86
N MET B 327 25.70 26.28 15.82
CA MET B 327 25.74 24.97 16.46
C MET B 327 26.12 25.07 17.94
N GLY B 328 26.46 26.26 18.42
CA GLY B 328 27.04 26.41 19.74
C GLY B 328 28.49 25.98 19.83
N TRP B 329 29.21 25.98 18.71
CA TRP B 329 30.57 25.46 18.63
C TRP B 329 31.59 26.60 18.60
N GLU B 330 32.51 26.59 19.57
CA GLU B 330 33.59 27.57 19.58
C GLU B 330 34.39 27.50 18.29
N ILE B 331 34.79 28.67 17.79
CA ILE B 331 35.66 28.77 16.63
C ILE B 331 37.08 28.94 17.17
N HIS B 332 37.79 27.82 17.32
CA HIS B 332 39.16 27.79 17.86
C HIS B 332 40.10 27.28 16.77
N PRO B 333 40.55 28.16 15.87
CA PRO B 333 41.37 27.69 14.74
C PRO B 333 42.68 27.05 15.15
N ASP B 334 43.33 27.55 16.21
CA ASP B 334 44.61 26.96 16.62
C ASP B 334 44.44 25.51 17.09
N SER B 335 43.23 25.13 17.52
CA SER B 335 42.99 23.73 17.86
C SER B 335 43.14 22.83 16.65
N LEU B 336 42.83 23.34 15.46
CA LEU B 336 43.07 22.56 14.24
C LEU B 336 44.55 22.27 14.07
N TYR B 337 45.40 23.28 14.28
CA TYR B 337 46.84 23.06 14.17
C TYR B 337 47.33 22.05 15.19
N ARG B 338 46.85 22.17 16.44
CA ARG B 338 47.26 21.22 17.46
C ARG B 338 46.72 19.83 17.20
N LEU B 339 45.55 19.73 16.54
CA LEU B 339 45.00 18.42 16.20
C LEU B 339 45.82 17.74 15.12
N LEU B 340 46.11 18.46 14.03
CA LEU B 340 46.92 17.88 12.96
C LEU B 340 48.29 17.48 13.47
N THR B 341 48.84 18.21 14.44
CA THR B 341 50.13 17.85 15.02
C THR B 341 50.03 16.51 15.76
N TRP B 342 48.97 16.31 16.53
CA TRP B 342 48.83 15.07 17.28
C TRP B 342 48.57 13.89 16.35
N VAL B 343 47.74 14.08 15.32
CA VAL B 343 47.46 13.02 14.36
C VAL B 343 48.74 12.61 13.64
N GLN B 344 49.57 13.60 13.27
CA GLN B 344 50.84 13.29 12.64
C GLN B 344 51.73 12.46 13.56
N SER B 345 51.70 12.74 14.86
CA SER B 345 52.49 11.98 15.81
C SER B 345 52.04 10.52 15.88
N VAL B 346 50.81 10.23 15.48
CA VAL B 346 50.29 8.86 15.48
C VAL B 346 50.43 8.21 14.12
N THR B 347 50.01 8.90 13.06
CA THR B 347 49.96 8.33 11.72
C THR B 347 51.21 8.62 10.90
N GLY B 348 52.12 9.47 11.38
CA GLY B 348 53.37 9.69 10.67
C GLY B 348 53.18 10.44 9.37
N GLN B 349 53.86 9.97 8.32
CA GLN B 349 53.82 10.60 7.02
C GLN B 349 52.70 10.08 6.13
N LEU B 350 51.70 9.41 6.70
CA LEU B 350 50.55 9.00 5.92
C LEU B 350 49.87 10.22 5.34
N PRO B 351 49.57 10.25 4.03
CA PRO B 351 48.92 11.43 3.45
C PRO B 351 47.63 11.77 4.18
N LEU B 352 47.49 13.05 4.51
CA LEU B 352 46.35 13.54 5.26
C LEU B 352 45.47 14.42 4.38
N TYR B 353 44.17 14.35 4.63
CA TYR B 353 43.19 15.20 3.97
C TYR B 353 42.23 15.73 5.02
N ILE B 354 41.85 17.00 4.88
CA ILE B 354 40.73 17.55 5.65
C ILE B 354 39.50 17.38 4.77
N THR B 355 38.71 16.35 5.06
CA THR B 355 37.54 16.04 4.25
C THR B 355 36.29 16.79 4.69
N GLU B 356 36.36 17.54 5.79
CA GLU B 356 35.23 18.33 6.26
C GLU B 356 35.73 19.46 7.15
N ASN B 357 35.32 20.69 6.84
CA ASN B 357 35.58 21.83 7.70
C ASN B 357 34.66 22.96 7.30
N GLY B 358 33.99 23.57 8.28
CA GLY B 358 33.05 24.63 8.00
C GLY B 358 32.36 25.09 9.25
N ALA B 359 31.35 25.94 9.07
CA ALA B 359 30.63 26.50 10.21
C ALA B 359 29.20 26.82 9.80
N ALA B 360 28.30 26.76 10.77
CA ALA B 360 26.90 27.08 10.57
C ALA B 360 26.64 28.50 11.03
N PHE B 361 26.08 29.32 10.15
CA PHE B 361 25.78 30.71 10.46
C PHE B 361 24.39 31.07 9.96
N ALA B 362 23.79 32.07 10.59
CA ALA B 362 22.42 32.49 10.27
C ALA B 362 22.42 33.32 8.99
N ASP B 363 22.59 32.62 7.88
CA ASP B 363 22.63 33.26 6.57
C ASP B 363 21.23 33.72 6.16
N GLU B 364 21.08 35.01 5.91
CA GLU B 364 19.80 35.58 5.47
C GLU B 364 20.06 36.37 4.19
N PRO B 365 19.47 35.96 3.06
CA PRO B 365 19.75 36.64 1.79
C PRO B 365 19.04 37.99 1.72
N VAL B 366 19.85 39.05 1.55
CA VAL B 366 19.35 40.41 1.40
C VAL B 366 19.72 40.90 0.01
N ASN B 367 18.76 41.49 -0.69
CA ASN B 367 18.96 42.00 -2.05
C ASN B 367 19.48 40.90 -2.98
N GLY B 368 19.03 39.66 -2.76
CA GLY B 368 19.54 38.55 -3.53
C GLY B 368 21.00 38.26 -3.30
N ARG B 369 21.50 38.54 -2.10
CA ARG B 369 22.91 38.37 -1.80
C ARG B 369 23.07 38.02 -0.32
N VAL B 370 23.88 37.00 -0.03
CA VAL B 370 24.14 36.56 1.33
C VAL B 370 25.56 36.99 1.69
N GLU B 371 25.66 37.99 2.56
CA GLU B 371 26.94 38.54 3.01
C GLU B 371 27.32 37.86 4.32
N ASP B 372 27.83 36.63 4.20
CA ASP B 372 28.21 35.84 5.36
C ASP B 372 29.72 35.95 5.61
N VAL B 373 30.15 37.17 5.94
CA VAL B 373 31.57 37.42 6.15
C VAL B 373 32.12 36.64 7.33
N ARG B 374 31.26 36.19 8.24
CA ARG B 374 31.72 35.34 9.34
C ARG B 374 32.29 34.03 8.81
N ARG B 375 31.65 33.44 7.81
CA ARG B 375 32.17 32.20 7.22
C ARG B 375 33.47 32.45 6.49
N ILE B 376 33.67 33.66 5.95
CA ILE B 376 34.96 34.03 5.36
C ILE B 376 36.05 33.94 6.42
N HIS B 377 35.79 34.53 7.59
CA HIS B 377 36.78 34.50 8.66
C HIS B 377 37.02 33.08 9.16
N TYR B 378 36.00 32.23 9.14
CA TYR B 378 36.18 30.85 9.59
C TYR B 378 37.12 30.10 8.65
N ILE B 379 36.82 30.08 7.36
CA ILE B 379 37.64 29.33 6.41
C ILE B 379 39.05 29.90 6.37
N ALA B 380 39.17 31.23 6.35
CA ALA B 380 40.49 31.84 6.28
C ALA B 380 41.33 31.51 7.51
N ASP B 381 40.71 31.51 8.69
CA ASP B 381 41.46 31.20 9.91
C ASP B 381 41.97 29.77 9.88
N HIS B 382 41.09 28.81 9.57
CA HIS B 382 41.50 27.42 9.59
C HIS B 382 42.45 27.08 8.46
N LEU B 383 42.29 27.73 7.30
CA LEU B 383 43.25 27.53 6.22
C LEU B 383 44.63 28.06 6.61
N GLU B 384 44.67 29.17 7.34
CA GLU B 384 45.94 29.64 7.90
C GLU B 384 46.52 28.61 8.85
N ALA B 385 45.71 28.11 9.79
CA ALA B 385 46.17 27.08 10.71
C ALA B 385 46.59 25.82 9.95
N ALA B 386 45.88 25.49 8.87
CA ALA B 386 46.29 24.36 8.04
C ALA B 386 47.60 24.66 7.31
N LYS B 387 47.84 25.93 6.96
CA LYS B 387 49.09 26.29 6.31
C LYS B 387 50.27 26.12 7.25
N ARG B 388 50.09 26.48 8.53
CA ARG B 388 51.16 26.29 9.50
C ARG B 388 51.53 24.83 9.65
N PHE B 389 50.52 23.94 9.65
CA PHE B 389 50.80 22.52 9.70
C PHE B 389 51.63 22.06 8.51
N VAL B 390 51.41 22.69 7.35
CA VAL B 390 52.25 22.40 6.19
C VAL B 390 53.66 22.95 6.39
N ASP B 391 53.76 24.17 6.90
CA ASP B 391 55.07 24.79 7.12
C ASP B 391 55.91 24.03 8.14
N ALA B 392 55.28 23.27 9.02
CA ALA B 392 56.00 22.44 9.98
C ALA B 392 56.40 21.09 9.40
N GLY B 393 56.09 20.83 8.13
CA GLY B 393 56.38 19.56 7.52
C GLY B 393 55.25 18.56 7.54
N GLY B 394 54.04 19.00 7.89
CA GLY B 394 52.90 18.11 7.95
C GLY B 394 52.42 17.68 6.58
N PRO B 395 52.08 16.40 6.43
CA PRO B 395 51.65 15.88 5.13
C PRO B 395 50.16 16.06 4.87
N LEU B 396 49.66 17.28 5.04
CA LEU B 396 48.30 17.58 4.67
C LEU B 396 48.23 17.83 3.17
N LYS B 397 47.37 17.08 2.48
CA LYS B 397 47.34 17.11 1.02
C LYS B 397 46.08 17.70 0.43
N GLY B 398 45.08 18.06 1.25
CA GLY B 398 43.85 18.58 0.70
C GLY B 398 42.98 19.21 1.76
N TYR B 399 41.95 19.91 1.29
CA TYR B 399 41.01 20.60 2.17
C TYR B 399 39.65 20.58 1.52
N PHE B 400 38.66 19.98 2.18
CA PHE B 400 37.30 19.90 1.68
C PHE B 400 36.39 20.73 2.58
N LEU B 401 35.72 21.71 2.00
CA LEU B 401 34.84 22.60 2.76
C LEU B 401 33.47 21.97 2.91
N TRP B 402 33.02 21.80 4.15
CA TRP B 402 31.65 21.38 4.43
C TRP B 402 30.84 22.63 4.76
N SER B 403 29.83 22.90 3.94
CA SER B 403 29.49 22.04 2.80
C SER B 403 29.33 22.86 1.53
N PHE B 404 29.05 22.17 0.42
CA PHE B 404 28.81 22.86 -0.84
C PHE B 404 27.55 23.72 -0.78
N MET B 405 26.51 23.21 -0.12
CA MET B 405 25.25 23.92 -0.04
C MET B 405 24.56 23.55 1.27
N ASP B 406 23.65 24.43 1.70
CA ASP B 406 22.86 24.16 2.90
C ASP B 406 22.08 22.86 2.70
N ASN B 407 21.98 22.07 3.76
CA ASN B 407 21.37 20.75 3.63
C ASN B 407 20.79 20.33 4.98
N PHE B 408 20.43 19.06 5.07
CA PHE B 408 19.79 18.46 6.24
C PHE B 408 20.84 18.20 7.29
N GLU B 409 20.91 19.09 8.30
CA GLU B 409 21.88 18.93 9.38
C GLU B 409 21.39 17.90 10.39
N TRP B 410 21.03 16.72 9.90
CA TRP B 410 20.67 15.57 10.73
C TRP B 410 19.61 15.92 11.77
N ALA B 411 19.91 15.71 13.05
CA ALA B 411 18.91 15.90 14.10
C ALA B 411 18.46 17.35 14.17
N LEU B 412 19.32 18.30 13.83
CA LEU B 412 18.95 19.71 13.85
C LEU B 412 18.18 20.14 12.60
N GLY B 413 17.91 19.22 11.68
CA GLY B 413 17.11 19.51 10.50
C GLY B 413 17.77 20.55 9.61
N TYR B 414 16.92 21.34 8.95
CA TYR B 414 17.37 22.39 8.05
C TYR B 414 17.56 23.72 8.76
N SER B 415 17.68 23.72 10.08
CA SER B 415 17.87 24.95 10.85
C SER B 415 19.34 25.32 10.98
N LYS B 416 20.24 24.61 10.30
CA LYS B 416 21.67 24.92 10.31
C LYS B 416 22.16 24.96 8.88
N ARG B 417 22.71 26.10 8.47
CA ARG B 417 23.15 26.32 7.10
C ARG B 417 24.67 26.32 7.06
N PHE B 418 25.26 25.20 6.63
CA PHE B 418 26.70 25.05 6.54
C PHE B 418 27.26 25.37 5.16
N GLY B 419 26.41 25.49 4.14
CA GLY B 419 26.90 25.55 2.79
C GLY B 419 27.52 26.88 2.42
N MET B 420 28.30 26.84 1.35
CA MET B 420 28.77 28.05 0.69
C MET B 420 27.81 28.52 -0.39
N VAL B 421 26.77 27.75 -0.67
CA VAL B 421 25.71 28.11 -1.61
C VAL B 421 24.40 28.03 -0.86
N TYR B 422 23.72 29.17 -0.72
CA TYR B 422 22.44 29.21 -0.02
C TYR B 422 21.39 28.45 -0.80
N VAL B 423 20.59 27.65 -0.09
CA VAL B 423 19.52 26.86 -0.69
C VAL B 423 18.19 27.33 -0.12
N ASP B 424 17.33 27.85 -0.99
CA ASP B 424 15.97 28.22 -0.62
C ASP B 424 15.08 27.01 -0.89
N TYR B 425 14.72 26.30 0.19
CA TYR B 425 14.06 25.01 0.04
C TYR B 425 12.66 25.11 -0.53
N GLU B 426 12.06 26.31 -0.56
CA GLU B 426 10.73 26.45 -1.15
C GLU B 426 10.79 26.37 -2.67
N SER B 427 11.82 26.95 -3.27
CA SER B 427 11.98 26.96 -4.72
C SER B 427 13.16 26.11 -5.18
N GLN B 428 13.93 25.53 -4.25
CA GLN B 428 15.15 24.79 -4.54
C GLN B 428 16.19 25.63 -5.26
N GLN B 429 16.04 26.95 -5.23
CA GLN B 429 17.02 27.83 -5.86
C GLN B 429 18.31 27.83 -5.08
N ARG B 430 19.44 27.83 -5.80
CA ARG B 430 20.76 27.91 -5.21
C ARG B 430 21.32 29.31 -5.44
N LEU B 431 21.79 29.94 -4.37
CA LEU B 431 22.39 31.26 -4.45
C LEU B 431 23.76 31.22 -3.78
N VAL B 432 24.81 31.39 -4.58
CA VAL B 432 26.17 31.34 -4.07
C VAL B 432 26.37 32.48 -3.08
N LYS B 433 26.71 32.13 -1.84
CA LYS B 433 26.98 33.13 -0.83
C LYS B 433 28.31 33.82 -1.11
N ASP B 434 28.60 34.84 -0.29
CA ASP B 434 29.92 35.46 -0.34
C ASP B 434 31.01 34.45 -0.01
N SER B 435 30.68 33.43 0.78
CA SER B 435 31.65 32.39 1.09
C SER B 435 32.01 31.57 -0.13
N GLY B 436 31.03 31.31 -1.01
CA GLY B 436 31.31 30.54 -2.21
C GLY B 436 32.25 31.27 -3.15
N ARG B 437 32.13 32.61 -3.21
CA ARG B 437 32.97 33.38 -4.13
C ARG B 437 34.39 33.54 -3.60
N TRP B 438 34.53 33.88 -2.32
CA TRP B 438 35.86 33.99 -1.73
C TRP B 438 36.60 32.65 -1.81
N PHE B 439 35.91 31.57 -1.46
CA PHE B 439 36.52 30.25 -1.56
C PHE B 439 36.86 29.91 -3.01
N SER B 440 36.04 30.38 -3.96
CA SER B 440 36.34 30.15 -5.37
C SER B 440 37.55 30.97 -5.82
N GLU B 441 37.64 32.22 -5.35
CA GLU B 441 38.84 33.02 -5.65
C GLU B 441 40.08 32.43 -5.00
N GLN B 442 39.92 31.80 -3.83
CA GLN B 442 41.04 31.11 -3.21
C GLN B 442 41.56 29.98 -4.08
N ILE B 443 40.67 29.32 -4.82
CA ILE B 443 41.10 28.27 -5.75
C ILE B 443 41.99 28.87 -6.82
N ALA B 444 41.50 29.90 -7.51
CA ALA B 444 42.24 30.48 -8.63
C ALA B 444 43.57 31.05 -8.20
N ALA B 445 43.62 31.66 -7.01
CA ALA B 445 44.88 32.18 -6.50
C ALA B 445 45.90 31.06 -6.32
N HIS B 446 45.46 29.93 -5.78
CA HIS B 446 46.33 28.77 -5.68
C HIS B 446 46.66 28.18 -7.05
N LYS B 447 45.70 28.24 -7.98
CA LYS B 447 45.94 27.71 -9.32
C LYS B 447 46.83 28.62 -10.15
N GLY B 448 46.80 29.93 -9.88
CA GLY B 448 47.56 30.89 -10.66
C GLY B 448 48.93 31.23 -10.12
N GLN B 449 49.25 30.82 -8.90
CA GLN B 449 50.55 31.14 -8.31
C GLN B 449 51.66 30.45 -9.09
N VAL B 450 52.69 31.20 -9.46
CA VAL B 450 53.83 30.65 -10.16
C VAL B 450 54.78 29.99 -9.16
N ARG B 451 55.32 28.84 -9.53
CA ARG B 451 56.19 28.08 -8.64
C ARG B 451 57.43 27.58 -9.39
N ARG C 3 -42.31 -38.54 -6.58
CA ARG C 3 -41.38 -38.41 -5.46
C ARG C 3 -42.12 -38.15 -4.16
N GLU C 4 -41.55 -38.65 -3.07
CA GLU C 4 -42.14 -38.45 -1.75
C GLU C 4 -42.12 -36.98 -1.37
N PHE C 5 -43.15 -36.56 -0.64
CA PHE C 5 -43.15 -35.22 -0.06
C PHE C 5 -42.19 -35.16 1.12
N ILE C 6 -41.64 -33.98 1.36
CA ILE C 6 -40.66 -33.77 2.42
C ILE C 6 -41.31 -32.92 3.50
N SER C 7 -41.07 -33.31 4.76
CA SER C 7 -41.69 -32.67 5.91
C SER C 7 -40.77 -31.60 6.48
N PHE C 8 -41.35 -30.51 6.95
CA PHE C 8 -40.64 -29.39 7.51
C PHE C 8 -41.43 -28.87 8.70
N PRO C 9 -40.78 -28.12 9.60
CA PRO C 9 -41.51 -27.56 10.75
C PRO C 9 -42.63 -26.63 10.30
N GLN C 10 -43.51 -26.31 11.26
CA GLN C 10 -44.64 -25.43 10.98
C GLN C 10 -44.17 -24.04 10.52
N ASP C 11 -43.02 -23.59 11.02
CA ASP C 11 -42.51 -22.27 10.66
C ASP C 11 -42.16 -22.17 9.17
N PHE C 12 -41.83 -23.31 8.54
CA PHE C 12 -41.27 -23.29 7.20
C PHE C 12 -42.18 -22.57 6.21
N LEU C 13 -41.55 -21.88 5.27
CA LEU C 13 -42.23 -21.02 4.32
C LEU C 13 -41.79 -21.38 2.91
N PHE C 14 -42.76 -21.54 2.01
CA PHE C 14 -42.48 -21.86 0.62
C PHE C 14 -42.88 -20.69 -0.28
N GLY C 15 -42.31 -20.68 -1.48
CA GLY C 15 -42.63 -19.63 -2.43
C GLY C 15 -41.86 -19.81 -3.72
N THR C 16 -42.13 -18.91 -4.66
CA THR C 16 -41.43 -18.85 -5.94
C THR C 16 -40.68 -17.52 -6.03
N ALA C 17 -39.83 -17.41 -7.05
CA ALA C 17 -38.96 -16.25 -7.19
C ALA C 17 -38.90 -15.80 -8.65
N THR C 18 -38.91 -14.49 -8.86
CA THR C 18 -38.74 -13.89 -10.17
C THR C 18 -37.88 -12.64 -10.05
N ALA C 19 -37.47 -12.10 -11.19
CA ALA C 19 -36.71 -10.86 -11.25
C ALA C 19 -37.36 -9.92 -12.26
N SER C 20 -37.35 -8.63 -11.96
CA SER C 20 -38.16 -7.65 -12.69
C SER C 20 -37.87 -7.70 -14.19
N TYR C 21 -36.61 -7.50 -14.58
CA TYR C 21 -36.29 -7.42 -16.00
C TYR C 21 -36.49 -8.74 -16.73
N GLN C 22 -36.55 -9.86 -16.00
CA GLN C 22 -36.68 -11.15 -16.65
C GLN C 22 -38.12 -11.49 -17.02
N ILE C 23 -39.11 -10.83 -16.42
CA ILE C 23 -40.50 -11.22 -16.62
C ILE C 23 -41.37 -10.03 -17.04
N GLU C 24 -41.06 -8.84 -16.52
CA GLU C 24 -41.99 -7.71 -16.64
C GLU C 24 -42.22 -7.32 -18.08
N GLY C 25 -41.15 -7.00 -18.81
CA GLY C 25 -41.37 -6.43 -20.12
C GLY C 25 -41.87 -5.00 -20.00
N ALA C 26 -42.54 -4.54 -21.05
CA ALA C 26 -43.08 -3.19 -21.13
C ALA C 26 -42.02 -2.16 -20.75
N VAL C 27 -40.93 -2.17 -21.54
CA VAL C 27 -39.73 -1.42 -21.18
C VAL C 27 -39.84 0.06 -21.48
N HIS C 28 -40.84 0.50 -22.24
CA HIS C 28 -41.07 1.90 -22.50
C HIS C 28 -42.32 2.44 -21.80
N GLU C 29 -43.07 1.60 -21.11
CA GLU C 29 -44.40 1.97 -20.63
C GLU C 29 -44.33 2.75 -19.33
N ASP C 30 -45.12 3.83 -19.26
CA ASP C 30 -45.33 4.61 -18.04
C ASP C 30 -44.01 5.17 -17.50
N GLY C 31 -43.22 5.73 -18.41
CA GLY C 31 -42.06 6.51 -18.03
C GLY C 31 -40.84 5.72 -17.59
N ARG C 32 -40.81 4.41 -17.79
CA ARG C 32 -39.65 3.63 -17.39
C ARG C 32 -38.42 4.07 -18.17
N GLY C 33 -37.33 4.32 -17.44
CA GLY C 33 -36.08 4.73 -18.07
C GLY C 33 -35.24 3.55 -18.54
N GLU C 34 -34.25 3.86 -19.36
CA GLU C 34 -33.36 2.82 -19.86
C GLU C 34 -32.51 2.26 -18.74
N SER C 35 -32.48 0.93 -18.64
CA SER C 35 -31.63 0.24 -17.69
C SER C 35 -30.36 -0.26 -18.38
N ILE C 36 -29.39 -0.68 -17.58
CA ILE C 36 -28.15 -1.20 -18.13
C ILE C 36 -28.37 -2.50 -18.88
N TRP C 37 -29.46 -3.21 -18.60
CA TRP C 37 -29.77 -4.42 -19.33
C TRP C 37 -30.58 -4.17 -20.59
N ASP C 38 -31.27 -3.02 -20.67
CA ASP C 38 -31.79 -2.58 -21.96
C ASP C 38 -30.65 -2.22 -22.90
N ARG C 39 -29.63 -1.55 -22.37
CA ARG C 39 -28.48 -1.17 -23.19
C ARG C 39 -27.62 -2.37 -23.56
N PHE C 40 -27.49 -3.33 -22.64
CA PHE C 40 -26.63 -4.49 -22.88
C PHE C 40 -27.26 -5.47 -23.85
N SER C 41 -28.54 -5.80 -23.64
CA SER C 41 -29.21 -6.76 -24.51
C SER C 41 -29.34 -6.23 -25.93
N HIS C 42 -29.45 -4.91 -26.08
CA HIS C 42 -29.51 -4.29 -27.39
C HIS C 42 -28.14 -4.01 -27.99
N THR C 43 -27.07 -4.37 -27.29
CA THR C 43 -25.73 -4.29 -27.84
C THR C 43 -25.42 -5.57 -28.60
N PRO C 44 -25.06 -5.51 -29.88
CA PRO C 44 -24.90 -6.74 -30.67
C PRO C 44 -23.78 -7.61 -30.14
N GLY C 45 -24.06 -8.91 -30.04
CA GLY C 45 -23.06 -9.88 -29.63
C GLY C 45 -22.98 -10.15 -28.15
N LYS C 46 -23.92 -9.62 -27.36
CA LYS C 46 -23.86 -9.76 -25.90
C LYS C 46 -24.85 -10.77 -25.34
N VAL C 47 -25.99 -10.98 -26.00
CA VAL C 47 -27.02 -11.91 -25.55
C VAL C 47 -27.26 -12.93 -26.65
N TYR C 48 -27.51 -14.17 -26.24
CA TYR C 48 -27.75 -15.28 -27.17
C TYR C 48 -28.83 -14.92 -28.18
N GLN C 49 -28.46 -14.93 -29.46
CA GLN C 49 -29.37 -14.63 -30.57
C GLN C 49 -29.99 -13.24 -30.44
N GLY C 50 -29.29 -12.34 -29.75
CA GLY C 50 -29.80 -10.97 -29.59
C GLY C 50 -31.13 -10.90 -28.86
N HIS C 51 -31.38 -11.83 -27.94
CA HIS C 51 -32.64 -11.80 -27.21
C HIS C 51 -32.72 -10.54 -26.35
N THR C 52 -33.95 -10.11 -26.09
CA THR C 52 -34.19 -8.86 -25.39
C THR C 52 -35.11 -9.08 -24.20
N GLY C 53 -35.21 -8.06 -23.37
CA GLY C 53 -36.20 -8.05 -22.30
C GLY C 53 -37.32 -7.08 -22.62
N ASP C 54 -37.46 -6.78 -23.92
CA ASP C 54 -38.47 -5.82 -24.36
C ASP C 54 -39.87 -6.27 -23.97
N VAL C 55 -40.20 -7.53 -24.24
CA VAL C 55 -41.50 -8.09 -23.94
C VAL C 55 -41.45 -9.09 -22.79
N ALA C 56 -40.47 -10.00 -22.83
CA ALA C 56 -40.29 -11.04 -21.80
C ALA C 56 -41.57 -11.81 -21.57
N CYS C 57 -42.09 -11.76 -20.34
CA CYS C 57 -43.31 -12.47 -19.98
C CYS C 57 -44.52 -11.55 -19.90
N ASP C 58 -44.36 -10.27 -20.26
CA ASP C 58 -45.45 -9.28 -20.20
C ASP C 58 -46.10 -9.27 -18.81
N HIS C 59 -45.30 -9.55 -17.77
CA HIS C 59 -45.81 -9.54 -16.41
C HIS C 59 -46.35 -8.17 -16.01
N TYR C 60 -45.90 -7.10 -16.68
CA TYR C 60 -46.44 -5.77 -16.41
C TYR C 60 -47.93 -5.70 -16.73
N HIS C 61 -48.40 -6.51 -17.67
CA HIS C 61 -49.81 -6.55 -18.05
C HIS C 61 -50.55 -7.78 -17.57
N ARG C 62 -49.84 -8.90 -17.36
CA ARG C 62 -50.47 -10.16 -16.99
C ARG C 62 -50.18 -10.55 -15.55
N TYR C 63 -49.81 -9.58 -14.69
CA TYR C 63 -49.51 -9.90 -13.30
C TYR C 63 -50.73 -10.45 -12.57
N ARG C 64 -51.93 -9.96 -12.90
CA ARG C 64 -53.14 -10.41 -12.21
C ARG C 64 -53.37 -11.89 -12.43
N GLU C 65 -53.20 -12.37 -13.67
CA GLU C 65 -53.33 -13.80 -13.93
C GLU C 65 -52.24 -14.60 -13.25
N ASP C 66 -51.00 -14.08 -13.28
CA ASP C 66 -49.89 -14.80 -12.68
C ASP C 66 -50.06 -14.94 -11.17
N VAL C 67 -50.52 -13.87 -10.50
CA VAL C 67 -50.82 -13.97 -9.08
C VAL C 67 -51.97 -14.94 -8.85
N ALA C 68 -52.99 -14.87 -9.69
CA ALA C 68 -54.11 -15.82 -9.58
C ALA C 68 -53.65 -17.25 -9.81
N LEU C 69 -52.68 -17.45 -10.71
CA LEU C 69 -52.10 -18.79 -10.88
C LEU C 69 -51.34 -19.22 -9.63
N MET C 70 -50.72 -18.26 -8.93
CA MET C 70 -50.02 -18.59 -7.70
C MET C 70 -51.00 -19.00 -6.61
N LYS C 71 -52.08 -18.23 -6.44
CA LYS C 71 -53.06 -18.53 -5.40
C LYS C 71 -53.79 -19.83 -5.71
N GLU C 72 -54.10 -20.08 -6.98
CA GLU C 72 -54.78 -21.31 -7.36
C GLU C 72 -53.95 -22.53 -6.99
N LEU C 73 -52.63 -22.44 -7.11
CA LEU C 73 -51.75 -23.49 -6.63
C LEU C 73 -51.47 -23.40 -5.14
N GLY C 74 -51.90 -22.33 -4.49
CA GLY C 74 -51.75 -22.21 -3.04
C GLY C 74 -50.35 -21.85 -2.56
N ILE C 75 -49.59 -21.13 -3.37
CA ILE C 75 -48.22 -20.78 -2.98
C ILE C 75 -48.26 -19.77 -1.84
N PRO C 76 -47.55 -20.00 -0.74
CA PRO C 76 -47.70 -19.12 0.43
C PRO C 76 -46.97 -17.80 0.30
N ALA C 77 -45.91 -17.74 -0.49
CA ALA C 77 -45.10 -16.54 -0.61
C ALA C 77 -44.63 -16.36 -2.03
N TYR C 78 -44.11 -15.16 -2.31
CA TYR C 78 -43.64 -14.81 -3.65
C TYR C 78 -42.49 -13.82 -3.51
N ARG C 79 -41.34 -14.16 -4.09
CA ARG C 79 -40.20 -13.27 -4.13
C ARG C 79 -40.09 -12.65 -5.51
N PHE C 80 -40.26 -11.33 -5.59
CA PHE C 80 -40.07 -10.59 -6.83
C PHE C 80 -39.15 -9.41 -6.57
N SER C 81 -38.84 -8.67 -7.63
CA SER C 81 -37.92 -7.55 -7.57
C SER C 81 -38.61 -6.28 -8.05
N ILE C 82 -38.20 -5.14 -7.49
CA ILE C 82 -38.69 -3.83 -7.91
C ILE C 82 -37.68 -3.22 -8.86
N ALA C 83 -38.15 -2.76 -10.01
CA ALA C 83 -37.27 -2.23 -11.05
C ALA C 83 -36.92 -0.79 -10.73
N TRP C 84 -35.66 -0.56 -10.36
CA TRP C 84 -35.15 0.79 -10.15
C TRP C 84 -35.44 1.75 -11.30
N PRO C 85 -35.30 1.38 -12.58
CA PRO C 85 -35.63 2.35 -13.64
C PRO C 85 -37.09 2.76 -13.67
N ARG C 86 -38.01 1.90 -13.22
CA ARG C 86 -39.41 2.29 -13.19
C ARG C 86 -39.68 3.33 -12.11
N ILE C 87 -38.85 3.36 -11.06
CA ILE C 87 -39.06 4.28 -9.94
C ILE C 87 -38.31 5.59 -10.15
N PHE C 88 -37.04 5.50 -10.57
CA PHE C 88 -36.22 6.68 -10.84
C PHE C 88 -35.74 6.59 -12.29
N PRO C 89 -36.58 6.98 -13.25
CA PRO C 89 -36.19 6.85 -14.66
C PRO C 89 -34.95 7.64 -15.03
N GLU C 90 -34.84 8.89 -14.56
CA GLU C 90 -33.66 9.70 -14.76
C GLU C 90 -33.33 10.41 -13.45
N LYS C 91 -32.31 11.27 -13.49
CA LYS C 91 -31.73 11.84 -12.28
C LYS C 91 -32.77 12.59 -11.45
N GLY C 92 -32.90 12.19 -10.18
CA GLY C 92 -33.76 12.87 -9.23
C GLY C 92 -35.18 13.09 -9.69
N MET C 93 -35.74 12.10 -10.38
CA MET C 93 -37.10 12.19 -10.93
C MET C 93 -37.87 10.96 -10.49
N LYS C 94 -38.67 11.11 -9.43
CA LYS C 94 -39.55 10.02 -9.02
C LYS C 94 -40.65 9.83 -10.06
N ASN C 95 -41.05 8.57 -10.26
CA ASN C 95 -42.08 8.22 -11.21
C ASN C 95 -43.21 7.53 -10.46
N GLU C 96 -44.31 8.24 -10.25
CA GLU C 96 -45.41 7.68 -9.47
C GLU C 96 -46.10 6.54 -10.21
N ALA C 97 -46.04 6.54 -11.54
CA ALA C 97 -46.58 5.40 -12.28
C ALA C 97 -45.79 4.13 -12.00
N GLY C 98 -44.50 4.27 -11.68
CA GLY C 98 -43.73 3.10 -11.29
C GLY C 98 -44.15 2.56 -9.94
N LEU C 99 -44.29 3.44 -8.95
CA LEU C 99 -44.74 3.01 -7.62
C LEU C 99 -46.16 2.46 -7.69
N ASP C 100 -47.03 3.11 -8.47
CA ASP C 100 -48.42 2.69 -8.52
C ASP C 100 -48.59 1.31 -9.15
N PHE C 101 -47.70 0.92 -10.05
CA PHE C 101 -47.75 -0.44 -10.58
C PHE C 101 -47.43 -1.45 -9.49
N TYR C 102 -46.34 -1.23 -8.76
CA TYR C 102 -45.96 -2.15 -7.69
C TYR C 102 -46.92 -2.09 -6.52
N ARG C 103 -47.68 -1.00 -6.37
CA ARG C 103 -48.75 -0.97 -5.38
C ARG C 103 -49.88 -1.91 -5.76
N ARG C 104 -50.28 -1.90 -7.04
CA ARG C 104 -51.33 -2.79 -7.51
C ARG C 104 -50.90 -4.25 -7.53
N LEU C 105 -49.59 -4.52 -7.63
CA LEU C 105 -49.13 -5.89 -7.57
C LEU C 105 -49.17 -6.44 -6.15
N LEU C 106 -48.80 -5.61 -5.17
CA LEU C 106 -48.82 -6.04 -3.78
C LEU C 106 -50.25 -6.24 -3.28
N GLU C 107 -51.16 -5.35 -3.69
CA GLU C 107 -52.56 -5.52 -3.31
C GLU C 107 -53.16 -6.77 -3.91
N ALA C 108 -52.63 -7.22 -5.06
CA ALA C 108 -53.04 -8.50 -5.62
C ALA C 108 -52.48 -9.66 -4.81
N LEU C 109 -51.27 -9.51 -4.26
CA LEU C 109 -50.71 -10.55 -3.43
C LEU C 109 -51.43 -10.64 -2.08
N HIS C 110 -51.91 -9.51 -1.57
CA HIS C 110 -52.57 -9.51 -0.26
C HIS C 110 -53.94 -10.16 -0.32
N GLU C 111 -54.71 -9.88 -1.38
CA GLU C 111 -56.02 -10.51 -1.50
C GLU C 111 -55.90 -12.02 -1.71
N ALA C 112 -54.83 -12.46 -2.36
CA ALA C 112 -54.55 -13.88 -2.50
C ALA C 112 -53.91 -14.48 -1.25
N ASP C 113 -53.60 -13.66 -0.25
CA ASP C 113 -52.94 -14.09 0.98
C ASP C 113 -51.62 -14.79 0.66
N ILE C 114 -50.70 -14.01 0.10
CA ILE C 114 -49.39 -14.47 -0.32
C ILE C 114 -48.35 -13.52 0.23
N ARG C 115 -47.38 -14.04 0.97
CA ARG C 115 -46.31 -13.20 1.50
C ARG C 115 -45.41 -12.72 0.36
N SER C 116 -44.76 -11.59 0.59
CA SER C 116 -43.98 -10.92 -0.46
C SER C 116 -42.58 -10.62 0.07
N PHE C 117 -41.59 -11.26 -0.52
CA PHE C 117 -40.19 -10.89 -0.36
C PHE C 117 -39.78 -10.11 -1.60
N VAL C 118 -39.34 -8.87 -1.42
CA VAL C 118 -39.09 -7.98 -2.54
C VAL C 118 -37.62 -7.60 -2.58
N THR C 119 -36.98 -7.85 -3.71
CA THR C 119 -35.60 -7.45 -3.94
C THR C 119 -35.56 -6.03 -4.49
N LEU C 120 -34.73 -5.18 -3.90
CA LEU C 120 -34.65 -3.79 -4.34
C LEU C 120 -33.78 -3.66 -5.59
N TYR C 121 -32.70 -4.43 -5.69
CA TYR C 121 -31.80 -4.38 -6.84
C TYR C 121 -31.55 -5.80 -7.33
N HIS C 122 -32.03 -6.11 -8.53
CA HIS C 122 -31.72 -7.38 -9.18
C HIS C 122 -31.10 -7.11 -10.55
N TRP C 123 -30.02 -6.33 -10.56
CA TRP C 123 -29.09 -6.10 -11.68
C TRP C 123 -29.60 -5.10 -12.72
N ASP C 124 -30.80 -4.56 -12.59
CA ASP C 124 -31.33 -3.62 -13.59
C ASP C 124 -31.04 -2.18 -13.14
N LEU C 125 -29.76 -1.83 -13.15
CA LEU C 125 -29.35 -0.48 -12.79
C LEU C 125 -29.80 0.51 -13.87
N PRO C 126 -30.28 1.69 -13.48
CA PRO C 126 -30.64 2.70 -14.49
C PRO C 126 -29.41 3.14 -15.28
N GLN C 127 -29.61 3.35 -16.58
CA GLN C 127 -28.49 3.70 -17.45
C GLN C 127 -27.96 5.10 -17.15
N TRP C 128 -28.81 6.01 -16.68
CA TRP C 128 -28.33 7.33 -16.31
C TRP C 128 -27.35 7.26 -15.14
N LEU C 129 -27.51 6.28 -14.25
CA LEU C 129 -26.52 6.04 -13.21
C LEU C 129 -25.27 5.38 -13.80
N GLN C 130 -25.46 4.52 -14.81
CA GLN C 130 -24.31 3.93 -15.48
C GLN C 130 -23.53 4.98 -16.26
N ASP C 131 -24.25 5.95 -16.84
CA ASP C 131 -23.58 7.05 -17.52
C ASP C 131 -22.71 7.85 -16.55
N ARG C 132 -23.06 7.83 -15.26
CA ARG C 132 -22.26 8.47 -14.21
C ARG C 132 -21.29 7.49 -13.55
N GLY C 133 -20.90 6.42 -14.25
CA GLY C 133 -19.95 5.47 -13.74
C GLY C 133 -20.57 4.25 -13.07
N GLY C 134 -21.81 4.34 -12.62
CA GLY C 134 -22.47 3.18 -12.03
C GLY C 134 -21.82 2.79 -10.71
N TRP C 135 -21.60 1.48 -10.55
CA TRP C 135 -21.09 0.95 -9.29
C TRP C 135 -19.60 1.22 -9.08
N ALA C 136 -18.88 1.66 -10.11
CA ALA C 136 -17.54 2.18 -9.89
C ALA C 136 -17.56 3.51 -9.16
N ASN C 137 -18.68 4.23 -9.24
CA ASN C 137 -18.84 5.51 -8.55
C ASN C 137 -19.49 5.28 -7.19
N ARG C 138 -18.87 5.83 -6.14
CA ARG C 138 -19.39 5.66 -4.80
C ARG C 138 -20.74 6.33 -4.58
N ASP C 139 -21.07 7.35 -5.38
CA ASP C 139 -22.35 8.03 -5.23
C ASP C 139 -23.51 7.10 -5.52
N THR C 140 -23.31 6.10 -6.38
CA THR C 140 -24.37 5.13 -6.68
C THR C 140 -24.85 4.43 -5.42
N ALA C 141 -23.92 4.12 -4.50
CA ALA C 141 -24.32 3.52 -3.23
C ALA C 141 -25.22 4.45 -2.43
N GLU C 142 -25.09 5.76 -2.64
CA GLU C 142 -25.93 6.72 -1.93
C GLU C 142 -27.25 6.95 -2.65
N TYR C 143 -27.28 6.77 -3.98
CA TYR C 143 -28.55 6.85 -4.69
C TYR C 143 -29.42 5.63 -4.41
N PHE C 144 -28.81 4.47 -4.20
CA PHE C 144 -29.57 3.27 -3.86
C PHE C 144 -30.21 3.37 -2.48
N ALA C 145 -29.52 4.03 -1.54
CA ALA C 145 -30.09 4.20 -0.21
C ALA C 145 -31.35 5.06 -0.24
N GLU C 146 -31.33 6.13 -1.04
CA GLU C 146 -32.52 6.95 -1.19
C GLU C 146 -33.64 6.21 -1.92
N TYR C 147 -33.28 5.47 -2.98
CA TYR C 147 -34.26 4.63 -3.65
C TYR C 147 -34.79 3.55 -2.72
N ALA C 148 -33.94 3.05 -1.81
CA ALA C 148 -34.41 2.09 -0.82
C ALA C 148 -35.35 2.75 0.19
N SER C 149 -35.01 3.96 0.62
CA SER C 149 -35.82 4.64 1.63
C SER C 149 -37.22 4.97 1.12
N LEU C 150 -37.35 5.30 -0.17
CA LEU C 150 -38.66 5.63 -0.72
C LEU C 150 -39.56 4.40 -0.77
N ILE C 151 -39.02 3.25 -1.21
CA ILE C 151 -39.80 2.02 -1.24
C ILE C 151 -40.28 1.65 0.15
N TYR C 152 -39.47 1.95 1.18
CA TYR C 152 -39.88 1.66 2.55
C TYR C 152 -41.13 2.45 2.93
N GLU C 153 -41.18 3.74 2.58
CA GLU C 153 -42.29 4.58 2.99
C GLU C 153 -43.52 4.38 2.11
N ARG C 154 -43.32 4.26 0.79
CA ARG C 154 -44.44 4.21 -0.14
C ARG C 154 -45.03 2.82 -0.31
N LEU C 155 -44.25 1.76 -0.07
CA LEU C 155 -44.73 0.41 -0.31
C LEU C 155 -44.57 -0.51 0.90
N GLY C 156 -44.13 0.03 2.05
CA GLY C 156 -43.76 -0.83 3.16
C GLY C 156 -44.89 -1.71 3.69
N ASP C 157 -46.09 -1.14 3.81
CA ASP C 157 -47.19 -1.86 4.47
C ASP C 157 -47.50 -3.18 3.79
N GLY C 158 -47.44 -3.21 2.46
CA GLY C 158 -47.76 -4.39 1.70
C GLY C 158 -46.61 -5.35 1.46
N ILE C 159 -45.47 -5.16 2.12
CA ILE C 159 -44.30 -6.01 1.94
C ILE C 159 -43.88 -6.58 3.29
N ASP C 160 -43.55 -7.87 3.29
CA ASP C 160 -43.19 -8.58 4.51
C ASP C 160 -41.68 -8.56 4.77
N ALA C 161 -40.88 -8.89 3.75
CA ALA C 161 -39.44 -8.93 3.90
C ALA C 161 -38.78 -8.26 2.71
N PHE C 162 -37.74 -7.48 2.99
CA PHE C 162 -36.98 -6.78 1.97
C PHE C 162 -35.66 -7.48 1.71
N ILE C 163 -35.19 -7.38 0.47
CA ILE C 163 -33.89 -7.87 0.04
C ILE C 163 -33.20 -6.75 -0.72
N THR C 164 -32.03 -6.33 -0.24
CA THR C 164 -31.41 -5.17 -0.87
C THR C 164 -30.69 -5.55 -2.16
N HIS C 165 -29.91 -6.63 -2.13
CA HIS C 165 -29.20 -7.06 -3.33
C HIS C 165 -29.40 -8.55 -3.58
N ASN C 166 -29.41 -8.92 -4.87
CA ASN C 166 -29.42 -10.30 -5.31
C ASN C 166 -28.13 -10.60 -6.04
N GLU C 167 -27.35 -11.54 -5.49
CA GLU C 167 -26.10 -12.01 -6.07
C GLU C 167 -25.18 -10.83 -6.42
N PRO C 168 -24.60 -10.15 -5.43
CA PRO C 168 -23.65 -9.08 -5.75
C PRO C 168 -22.40 -9.59 -6.44
N TRP C 169 -22.11 -10.89 -6.34
CA TRP C 169 -20.97 -11.46 -7.04
C TRP C 169 -21.13 -11.31 -8.55
N CYS C 170 -22.34 -11.56 -9.07
CA CYS C 170 -22.56 -11.46 -10.50
C CYS C 170 -22.54 -10.00 -10.96
N ALA C 171 -23.29 -9.14 -10.27
CA ALA C 171 -23.34 -7.73 -10.65
C ALA C 171 -21.95 -7.10 -10.66
N ALA C 172 -21.11 -7.47 -9.70
CA ALA C 172 -19.77 -6.89 -9.61
C ALA C 172 -18.82 -7.54 -10.61
N PHE C 173 -18.70 -8.86 -10.57
CA PHE C 173 -17.65 -9.54 -11.32
C PHE C 173 -18.09 -9.96 -12.72
N LEU C 174 -19.33 -10.42 -12.87
CA LEU C 174 -19.80 -10.74 -14.22
C LEU C 174 -20.10 -9.48 -15.02
N GLY C 175 -20.40 -8.38 -14.34
CA GLY C 175 -20.76 -7.15 -15.02
C GLY C 175 -19.58 -6.27 -15.35
N HIS C 176 -18.54 -6.30 -14.51
CA HIS C 176 -17.39 -5.43 -14.67
C HIS C 176 -16.07 -6.17 -14.82
N GLY C 177 -16.01 -7.45 -14.50
CA GLY C 177 -14.78 -8.20 -14.64
C GLY C 177 -14.75 -9.07 -15.88
N PHE C 178 -15.70 -10.00 -15.98
CA PHE C 178 -15.76 -10.88 -17.15
C PHE C 178 -16.44 -10.20 -18.34
N GLY C 179 -17.43 -9.34 -18.09
CA GLY C 179 -18.11 -8.64 -19.14
C GLY C 179 -19.28 -9.36 -19.76
N VAL C 180 -19.58 -10.58 -19.30
CA VAL C 180 -20.69 -11.34 -19.88
C VAL C 180 -22.04 -10.79 -19.44
N HIS C 181 -22.08 -9.96 -18.42
CA HIS C 181 -23.30 -9.35 -17.94
C HIS C 181 -23.20 -7.83 -18.05
N ALA C 182 -24.35 -7.17 -17.97
CA ALA C 182 -24.37 -5.72 -18.02
C ALA C 182 -23.59 -5.13 -16.85
N PRO C 183 -22.87 -4.02 -17.03
CA PRO C 183 -22.77 -3.24 -18.27
C PRO C 183 -21.75 -3.79 -19.27
N GLY C 184 -21.09 -4.90 -18.95
CA GLY C 184 -20.19 -5.55 -19.86
C GLY C 184 -18.75 -5.05 -19.85
N HIS C 185 -18.32 -4.43 -18.75
CA HIS C 185 -16.94 -3.99 -18.66
C HIS C 185 -16.03 -5.16 -18.31
N THR C 186 -14.73 -5.00 -18.61
CA THR C 186 -13.73 -6.04 -18.37
C THR C 186 -12.48 -5.43 -17.74
N ASP C 187 -12.65 -4.87 -16.53
CA ASP C 187 -11.54 -4.34 -15.76
C ASP C 187 -11.70 -4.82 -14.32
N TRP C 188 -10.72 -5.58 -13.83
CA TRP C 188 -10.88 -6.24 -12.55
C TRP C 188 -10.73 -5.30 -11.37
N ARG C 189 -9.98 -4.19 -11.53
CA ARG C 189 -9.99 -3.18 -10.48
C ARG C 189 -11.36 -2.53 -10.37
N GLU C 190 -12.00 -2.25 -11.51
CA GLU C 190 -13.35 -1.71 -11.50
C GLU C 190 -14.33 -2.71 -10.90
N ALA C 191 -14.11 -4.01 -11.11
CA ALA C 191 -15.03 -5.02 -10.63
C ALA C 191 -14.98 -5.15 -9.11
N PHE C 192 -13.78 -5.15 -8.54
CA PHE C 192 -13.68 -5.20 -7.07
C PHE C 192 -14.07 -3.88 -6.45
N GLN C 193 -13.87 -2.77 -7.17
CA GLN C 193 -14.36 -1.48 -6.71
C GLN C 193 -15.89 -1.45 -6.72
N ALA C 194 -16.51 -2.11 -7.70
CA ALA C 194 -17.96 -2.19 -7.72
C ALA C 194 -18.47 -3.11 -6.61
N ALA C 195 -17.72 -4.17 -6.31
CA ALA C 195 -18.14 -5.10 -5.25
C ALA C 195 -18.19 -4.41 -3.89
N HIS C 196 -17.24 -3.51 -3.63
CA HIS C 196 -17.25 -2.78 -2.37
C HIS C 196 -18.41 -1.79 -2.30
N HIS C 197 -18.67 -1.09 -3.40
CA HIS C 197 -19.76 -0.11 -3.41
C HIS C 197 -21.12 -0.79 -3.34
N ILE C 198 -21.25 -1.98 -3.94
CA ILE C 198 -22.48 -2.74 -3.81
C ILE C 198 -22.68 -3.17 -2.36
N LEU C 199 -21.63 -3.74 -1.75
CA LEU C 199 -21.69 -4.05 -0.32
C LEU C 199 -21.97 -2.80 0.50
N TYR C 200 -21.31 -1.68 0.15
CA TYR C 200 -21.55 -0.43 0.85
C TYR C 200 -22.99 0.03 0.66
N SER C 201 -23.53 -0.10 -0.56
CA SER C 201 -24.92 0.28 -0.80
C SER C 201 -25.88 -0.60 -0.01
N HIS C 202 -25.52 -1.86 0.23
CA HIS C 202 -26.37 -2.73 1.04
C HIS C 202 -26.44 -2.22 2.48
N GLY C 203 -25.30 -1.86 3.06
CA GLY C 203 -25.29 -1.40 4.43
C GLY C 203 -26.07 -0.12 4.63
N LEU C 204 -25.94 0.82 3.68
CA LEU C 204 -26.69 2.07 3.78
C LEU C 204 -28.19 1.82 3.74
N ALA C 205 -28.63 0.85 2.94
CA ALA C 205 -30.05 0.54 2.87
C ALA C 205 -30.54 -0.12 4.15
N VAL C 206 -29.70 -0.95 4.78
CA VAL C 206 -30.07 -1.55 6.05
C VAL C 206 -30.18 -0.49 7.13
N GLN C 207 -29.28 0.49 7.11
CA GLN C 207 -29.36 1.60 8.06
C GLN C 207 -30.65 2.39 7.86
N ALA C 208 -30.96 2.74 6.60
CA ALA C 208 -32.18 3.48 6.32
C ALA C 208 -33.42 2.65 6.64
N HIS C 209 -33.32 1.32 6.60
CA HIS C 209 -34.48 0.47 6.90
C HIS C 209 -34.78 0.48 8.39
N ARG C 210 -33.75 0.48 9.24
CA ARG C 210 -33.98 0.49 10.68
C ARG C 210 -34.68 1.77 11.13
N ALA C 211 -34.54 2.85 10.36
CA ALA C 211 -35.25 4.09 10.62
C ALA C 211 -36.41 4.31 9.66
N SER C 212 -36.74 3.30 8.85
CA SER C 212 -37.74 3.45 7.79
C SER C 212 -39.16 3.33 8.28
N SER C 213 -39.38 2.99 9.55
CA SER C 213 -40.69 2.72 10.14
C SER C 213 -41.35 1.49 9.55
N HIS C 214 -40.75 0.83 8.58
CA HIS C 214 -41.27 -0.45 8.09
C HIS C 214 -41.00 -1.53 9.13
N LYS C 215 -42.06 -2.21 9.56
CA LYS C 215 -41.98 -3.15 10.67
C LYS C 215 -41.68 -4.58 10.22
N GLY C 216 -41.03 -4.76 9.08
CA GLY C 216 -40.70 -6.07 8.58
C GLY C 216 -39.22 -6.39 8.66
N GLN C 217 -38.86 -7.51 8.05
CA GLN C 217 -37.49 -7.99 8.05
C GLN C 217 -36.71 -7.42 6.86
N ILE C 218 -35.38 -7.49 6.96
CA ILE C 218 -34.48 -6.99 5.94
C ILE C 218 -33.31 -7.95 5.82
N GLY C 219 -32.81 -8.12 4.60
CA GLY C 219 -31.70 -9.02 4.39
C GLY C 219 -31.02 -8.81 3.06
N ILE C 220 -30.29 -9.84 2.63
CA ILE C 220 -29.57 -9.80 1.35
C ILE C 220 -29.34 -11.23 0.91
N THR C 221 -29.52 -11.49 -0.38
CA THR C 221 -29.30 -12.80 -0.95
C THR C 221 -27.92 -12.86 -1.61
N LEU C 222 -27.13 -13.85 -1.22
CA LEU C 222 -25.87 -14.15 -1.87
C LEU C 222 -25.97 -15.53 -2.51
N ASN C 223 -25.33 -15.69 -3.66
CA ASN C 223 -25.26 -16.99 -4.32
C ASN C 223 -23.92 -17.65 -4.02
N PHE C 224 -23.95 -18.98 -3.90
CA PHE C 224 -22.77 -19.75 -3.58
C PHE C 224 -22.61 -20.90 -4.58
N THR C 225 -21.37 -21.18 -4.94
CA THR C 225 -21.01 -22.32 -5.78
C THR C 225 -20.02 -23.16 -4.98
N TRP C 226 -20.48 -24.28 -4.44
CA TRP C 226 -19.62 -25.10 -3.59
C TRP C 226 -18.41 -25.59 -4.36
N VAL C 227 -17.25 -25.58 -3.69
CA VAL C 227 -15.98 -25.89 -4.31
C VAL C 227 -15.45 -27.19 -3.73
N ASP C 228 -15.10 -28.12 -4.63
CA ASP C 228 -14.45 -29.37 -4.25
C ASP C 228 -13.19 -29.51 -5.08
N ALA C 229 -12.05 -29.72 -4.42
CA ALA C 229 -10.79 -29.84 -5.12
C ALA C 229 -10.80 -31.05 -6.06
N ALA C 230 -10.18 -30.89 -7.22
CA ALA C 230 -10.15 -31.96 -8.20
C ALA C 230 -9.34 -33.16 -7.72
N THR C 231 -8.40 -32.97 -6.81
CA THR C 231 -7.57 -34.03 -6.29
C THR C 231 -7.24 -33.73 -4.84
N ASP C 232 -6.62 -34.70 -4.16
CA ASP C 232 -6.04 -34.47 -2.84
C ASP C 232 -4.73 -33.70 -2.92
N SER C 233 -4.30 -33.32 -4.11
CA SER C 233 -3.03 -32.62 -4.28
C SER C 233 -3.05 -31.27 -3.59
N ALA C 234 -1.87 -30.82 -3.16
CA ALA C 234 -1.76 -29.56 -2.45
C ALA C 234 -2.04 -28.37 -3.35
N THR C 235 -1.68 -28.46 -4.63
CA THR C 235 -1.93 -27.35 -5.54
C THR C 235 -3.38 -27.29 -5.99
N ASP C 236 -4.08 -28.44 -5.99
CA ASP C 236 -5.51 -28.44 -6.27
C ASP C 236 -6.31 -28.03 -5.04
N GLN C 237 -5.85 -28.45 -3.85
CA GLN C 237 -6.49 -27.99 -2.62
C GLN C 237 -6.24 -26.51 -2.39
N ALA C 238 -5.16 -25.97 -2.96
CA ALA C 238 -4.89 -24.53 -2.85
C ALA C 238 -5.84 -23.74 -3.74
N ALA C 239 -5.95 -24.12 -5.02
CA ALA C 239 -6.83 -23.41 -5.94
C ALA C 239 -8.28 -23.53 -5.51
N ALA C 240 -8.67 -24.65 -4.88
CA ALA C 240 -10.03 -24.79 -4.40
C ALA C 240 -10.32 -23.80 -3.28
N GLU C 241 -9.33 -23.52 -2.43
CA GLU C 241 -9.53 -22.54 -1.37
C GLU C 241 -9.58 -21.12 -1.93
N VAL C 242 -8.92 -20.87 -3.07
CA VAL C 242 -8.97 -19.55 -3.68
C VAL C 242 -10.35 -19.30 -4.28
N SER C 243 -10.86 -20.29 -5.03
CA SER C 243 -12.19 -20.15 -5.62
C SER C 243 -13.27 -20.09 -4.55
N HIS C 244 -13.08 -20.78 -3.43
CA HIS C 244 -14.03 -20.68 -2.33
C HIS C 244 -14.10 -19.27 -1.78
N ALA C 245 -12.93 -18.62 -1.62
CA ALA C 245 -12.92 -17.24 -1.16
C ALA C 245 -13.52 -16.31 -2.21
N PHE C 246 -13.29 -16.60 -3.49
CA PHE C 246 -13.81 -15.75 -4.55
C PHE C 246 -15.33 -15.82 -4.63
N ASN C 247 -15.87 -17.04 -4.72
CA ASN C 247 -17.30 -17.20 -4.98
C ASN C 247 -18.13 -17.04 -3.71
N ASN C 248 -17.64 -17.53 -2.58
CA ASN C 248 -18.46 -17.72 -1.39
C ASN C 248 -18.10 -16.83 -0.22
N ARG C 249 -16.83 -16.44 -0.08
CA ARG C 249 -16.39 -15.67 1.09
C ARG C 249 -16.38 -14.17 0.87
N TRP C 250 -16.20 -13.70 -0.37
CA TRP C 250 -15.90 -12.30 -0.59
C TRP C 250 -17.02 -11.38 -0.12
N PHE C 251 -18.26 -11.82 -0.21
CA PHE C 251 -19.40 -11.00 0.20
C PHE C 251 -20.02 -11.41 1.52
N LEU C 252 -20.05 -12.71 1.83
CA LEU C 252 -20.72 -13.17 3.05
C LEU C 252 -19.99 -12.68 4.29
N GLU C 253 -18.67 -12.80 4.30
CA GLU C 253 -17.90 -12.48 5.51
C GLU C 253 -17.94 -11.00 5.84
N PRO C 254 -17.80 -10.08 4.88
CA PRO C 254 -18.03 -8.66 5.21
C PRO C 254 -19.42 -8.38 5.75
N VAL C 255 -20.43 -9.11 5.27
CA VAL C 255 -21.77 -8.98 5.84
C VAL C 255 -21.78 -9.45 7.29
N ALA C 256 -21.00 -10.49 7.59
CA ALA C 256 -20.96 -11.08 8.92
C ALA C 256 -20.05 -10.32 9.88
N GLY C 257 -19.52 -9.18 9.49
CA GLY C 257 -18.67 -8.40 10.38
C GLY C 257 -17.26 -8.93 10.52
N ARG C 258 -16.74 -9.62 9.51
CA ARG C 258 -15.39 -10.17 9.54
C ARG C 258 -14.43 -9.47 8.61
N GLY C 259 -14.93 -8.76 7.59
CA GLY C 259 -14.07 -8.17 6.59
C GLY C 259 -13.88 -9.09 5.40
N TYR C 260 -13.09 -8.62 4.44
CA TYR C 260 -12.77 -9.43 3.29
C TYR C 260 -11.83 -10.56 3.69
N PRO C 261 -11.91 -11.72 3.02
CA PRO C 261 -10.95 -12.80 3.29
C PRO C 261 -9.52 -12.33 3.06
N GLN C 262 -8.74 -12.27 4.15
CA GLN C 262 -7.47 -11.53 4.12
C GLN C 262 -6.46 -12.20 3.20
N GLU C 263 -6.34 -13.52 3.26
CA GLU C 263 -5.37 -14.20 2.39
C GLU C 263 -5.74 -14.01 0.92
N PHE C 264 -7.03 -13.99 0.62
CA PHE C 264 -7.47 -13.77 -0.75
C PHE C 264 -7.38 -12.30 -1.17
N GLN C 265 -7.56 -11.38 -0.21
CA GLN C 265 -7.47 -9.97 -0.56
C GLN C 265 -6.05 -9.58 -0.94
N GLN C 266 -5.05 -10.03 -0.17
CA GLN C 266 -3.66 -9.78 -0.55
C GLN C 266 -3.32 -10.45 -1.88
N LEU C 267 -4.02 -11.53 -2.21
CA LEU C 267 -3.88 -12.13 -3.54
C LEU C 267 -4.41 -11.19 -4.61
N VAL C 268 -5.58 -10.61 -4.38
CA VAL C 268 -6.19 -9.72 -5.37
C VAL C 268 -5.38 -8.44 -5.51
N GLU C 269 -4.98 -7.85 -4.38
CA GLU C 269 -4.17 -6.63 -4.44
C GLU C 269 -2.85 -6.87 -5.15
N GLN C 270 -2.37 -8.11 -5.18
CA GLN C 270 -1.11 -8.41 -5.85
C GLN C 270 -1.23 -8.25 -7.36
N ARG C 271 -2.34 -8.73 -7.94
CA ARG C 271 -2.58 -8.56 -9.36
C ARG C 271 -3.18 -7.21 -9.71
N ILE C 272 -3.67 -6.46 -8.73
CA ILE C 272 -4.21 -5.12 -8.96
C ILE C 272 -3.38 -4.11 -8.18
N GLY C 273 -3.80 -3.84 -6.95
CA GLY C 273 -3.13 -2.87 -6.12
C GLY C 273 -3.91 -2.66 -4.84
N GLN C 274 -3.38 -1.75 -4.01
CA GLN C 274 -4.01 -1.44 -2.74
C GLN C 274 -5.43 -0.93 -2.95
N PHE C 275 -6.32 -1.31 -2.05
CA PHE C 275 -7.74 -0.95 -2.16
C PHE C 275 -7.92 0.46 -1.62
N ASP C 276 -7.80 1.45 -2.50
CA ASP C 276 -8.03 2.84 -2.10
C ASP C 276 -9.50 3.20 -2.05
N PHE C 277 -10.41 2.25 -2.32
CA PHE C 277 -11.83 2.49 -2.27
C PHE C 277 -12.47 2.03 -0.97
N VAL C 278 -11.70 1.40 -0.08
CA VAL C 278 -12.21 0.98 1.22
C VAL C 278 -11.91 2.11 2.20
N ARG C 279 -12.92 2.93 2.48
CA ARG C 279 -12.77 4.04 3.40
C ARG C 279 -13.04 3.60 4.83
N GLN C 280 -12.54 4.40 5.77
CA GLN C 280 -12.70 4.10 7.19
C GLN C 280 -14.18 4.17 7.57
N GLY C 281 -14.72 3.07 8.08
CA GLY C 281 -16.11 2.99 8.47
C GLY C 281 -16.99 2.23 7.50
N ASP C 282 -16.47 1.85 6.34
CA ASP C 282 -17.28 1.13 5.35
C ASP C 282 -17.62 -0.27 5.82
N LEU C 283 -16.62 -1.00 6.33
CA LEU C 283 -16.85 -2.37 6.76
C LEU C 283 -17.83 -2.43 7.94
N ALA C 284 -17.88 -1.36 8.74
CA ALA C 284 -18.87 -1.31 9.82
C ALA C 284 -20.27 -1.08 9.25
N VAL C 285 -20.40 -0.14 8.33
CA VAL C 285 -21.68 0.10 7.67
C VAL C 285 -22.11 -1.13 6.89
N ILE C 286 -21.17 -1.75 6.18
CA ILE C 286 -21.46 -2.95 5.40
C ILE C 286 -22.04 -4.04 6.29
N ALA C 287 -21.48 -4.18 7.49
CA ALA C 287 -21.84 -5.27 8.39
C ALA C 287 -22.95 -4.91 9.37
N GLU C 288 -23.77 -3.93 9.04
CA GLU C 288 -24.89 -3.58 9.92
C GLU C 288 -25.85 -4.76 10.01
N PRO C 289 -26.32 -5.13 11.20
CA PRO C 289 -27.01 -6.40 11.37
C PRO C 289 -28.28 -6.50 10.54
N ILE C 290 -28.44 -7.64 9.87
CA ILE C 290 -29.61 -7.91 9.06
C ILE C 290 -30.51 -8.89 9.80
N ASP C 291 -31.70 -9.11 9.27
CA ASP C 291 -32.65 -10.03 9.89
C ASP C 291 -32.55 -11.45 9.35
N PHE C 292 -32.06 -11.62 8.13
CA PHE C 292 -31.94 -12.95 7.53
C PHE C 292 -30.93 -12.89 6.40
N LEU C 293 -30.49 -14.07 5.97
CA LEU C 293 -29.58 -14.21 4.83
C LEU C 293 -30.27 -15.06 3.78
N GLY C 294 -30.40 -14.51 2.57
CA GLY C 294 -30.93 -15.29 1.46
C GLY C 294 -29.82 -16.09 0.80
N ILE C 295 -30.08 -17.37 0.56
CA ILE C 295 -29.09 -18.28 0.00
C ILE C 295 -29.57 -18.72 -1.38
N ASN C 296 -28.74 -18.50 -2.40
CA ASN C 296 -29.03 -18.90 -3.77
C ASN C 296 -28.04 -20.00 -4.15
N PHE C 297 -28.51 -21.24 -4.21
CA PHE C 297 -27.68 -22.36 -4.59
C PHE C 297 -28.24 -23.02 -5.84
N TYR C 298 -27.36 -23.58 -6.66
CA TYR C 298 -27.75 -24.24 -7.89
C TYR C 298 -26.90 -25.48 -8.14
N THR C 299 -25.60 -25.36 -7.91
CA THR C 299 -24.67 -26.45 -8.21
C THR C 299 -23.37 -26.20 -7.47
N ARG C 300 -22.51 -27.21 -7.49
CA ARG C 300 -21.16 -27.09 -6.97
C ARG C 300 -20.18 -26.97 -8.13
N SER C 301 -18.91 -26.79 -7.79
CA SER C 301 -17.84 -26.72 -8.76
C SER C 301 -16.71 -27.65 -8.33
N VAL C 302 -16.00 -28.20 -9.31
CA VAL C 302 -14.74 -28.89 -9.06
C VAL C 302 -13.65 -28.09 -9.77
N VAL C 303 -12.64 -27.68 -9.01
CA VAL C 303 -11.66 -26.71 -9.45
C VAL C 303 -10.27 -27.30 -9.30
N ALA C 304 -9.50 -27.27 -10.38
CA ALA C 304 -8.10 -27.68 -10.37
C ALA C 304 -7.21 -26.46 -10.60
N ALA C 305 -5.94 -26.62 -10.26
CA ALA C 305 -4.98 -25.54 -10.45
C ALA C 305 -4.73 -25.30 -11.93
N ASN C 306 -4.21 -24.11 -12.24
CA ASN C 306 -3.93 -23.74 -13.61
C ASN C 306 -2.85 -22.66 -13.68
N ASP C 309 -4.59 -19.05 -16.72
CA ASP C 309 -5.18 -18.07 -15.80
C ASP C 309 -4.10 -17.24 -15.14
N ALA C 310 -3.97 -15.98 -15.57
CA ALA C 310 -3.03 -15.04 -14.97
C ALA C 310 -3.64 -14.29 -13.80
N LEU C 311 -4.92 -14.51 -13.50
CA LEU C 311 -5.59 -13.80 -12.40
C LEU C 311 -5.51 -14.61 -11.11
N PHE C 312 -6.22 -15.73 -11.05
CA PHE C 312 -6.27 -16.54 -9.84
C PHE C 312 -5.81 -17.98 -10.05
N GLY C 313 -5.39 -18.34 -11.26
CA GLY C 313 -4.87 -19.68 -11.50
C GLY C 313 -5.89 -20.79 -11.32
N LEU C 314 -7.13 -20.55 -11.72
CA LEU C 314 -8.22 -21.49 -11.52
C LEU C 314 -8.72 -22.04 -12.85
N ARG C 315 -9.30 -23.24 -12.78
CA ARG C 315 -9.94 -23.87 -13.94
C ARG C 315 -10.98 -24.85 -13.41
N THR C 316 -12.23 -24.68 -13.83
CA THR C 316 -13.30 -25.57 -13.42
C THR C 316 -13.51 -26.64 -14.50
N LEU C 317 -13.77 -27.86 -14.06
CA LEU C 317 -14.00 -28.98 -14.95
C LEU C 317 -15.48 -29.11 -15.25
N GLU C 318 -15.80 -29.33 -16.52
CA GLU C 318 -17.20 -29.46 -16.93
C GLU C 318 -17.84 -30.65 -16.25
N ALA C 319 -19.16 -30.58 -16.08
CA ALA C 319 -19.91 -31.61 -15.36
C ALA C 319 -19.88 -32.95 -16.08
N ASN C 323 -25.40 -36.15 -15.89
CA ASN C 323 -26.00 -35.62 -14.67
C ASN C 323 -25.73 -34.11 -14.54
N ARG C 324 -26.43 -33.31 -15.35
CA ARG C 324 -26.23 -31.87 -15.30
C ARG C 324 -27.40 -31.16 -15.94
N THR C 325 -27.47 -29.85 -15.68
CA THR C 325 -28.49 -28.94 -16.14
C THR C 325 -28.16 -28.45 -17.56
N GLU C 326 -29.19 -28.00 -18.28
CA GLU C 326 -28.97 -27.38 -19.58
C GLU C 326 -28.06 -26.16 -19.49
N MET C 327 -27.90 -25.58 -18.30
CA MET C 327 -26.86 -24.60 -18.03
C MET C 327 -25.47 -25.22 -17.97
N GLY C 328 -25.36 -26.54 -18.12
CA GLY C 328 -24.12 -27.23 -17.86
C GLY C 328 -23.82 -27.46 -16.40
N TRP C 329 -24.76 -27.15 -15.51
CA TRP C 329 -24.53 -27.21 -14.07
C TRP C 329 -24.82 -28.61 -13.56
N GLU C 330 -23.82 -29.23 -12.93
CA GLU C 330 -24.00 -30.55 -12.34
C GLU C 330 -25.01 -30.48 -11.19
N ILE C 331 -25.90 -31.46 -11.14
CA ILE C 331 -26.89 -31.55 -10.07
C ILE C 331 -26.25 -32.35 -8.94
N HIS C 332 -25.83 -31.65 -7.89
CA HIS C 332 -25.16 -32.25 -6.73
C HIS C 332 -25.90 -31.82 -5.48
N PRO C 333 -26.87 -32.60 -5.01
CA PRO C 333 -27.78 -32.12 -3.95
C PRO C 333 -27.11 -31.87 -2.60
N ASP C 334 -26.23 -32.77 -2.15
CA ASP C 334 -25.65 -32.63 -0.81
C ASP C 334 -24.65 -31.48 -0.74
N SER C 335 -24.12 -31.04 -1.88
CA SER C 335 -23.36 -29.80 -1.90
C SER C 335 -24.16 -28.66 -1.31
N LEU C 336 -25.49 -28.70 -1.47
CA LEU C 336 -26.36 -27.74 -0.79
C LEU C 336 -26.30 -27.92 0.72
N TYR C 337 -26.34 -29.17 1.19
CA TYR C 337 -26.21 -29.41 2.62
C TYR C 337 -24.83 -28.99 3.13
N ARG C 338 -23.79 -29.27 2.35
CA ARG C 338 -22.45 -28.83 2.73
C ARG C 338 -22.38 -27.30 2.76
N LEU C 339 -23.07 -26.64 1.84
CA LEU C 339 -23.07 -25.17 1.81
C LEU C 339 -23.83 -24.61 3.00
N LEU C 340 -25.04 -25.13 3.25
CA LEU C 340 -25.83 -24.67 4.39
C LEU C 340 -25.06 -24.87 5.70
N THR C 341 -24.28 -25.95 5.79
CA THR C 341 -23.50 -26.21 7.00
C THR C 341 -22.37 -25.19 7.15
N TRP C 342 -21.67 -24.87 6.07
CA TRP C 342 -20.57 -23.92 6.15
C TRP C 342 -21.08 -22.51 6.40
N VAL C 343 -22.18 -22.13 5.74
CA VAL C 343 -22.76 -20.81 5.97
C VAL C 343 -23.11 -20.64 7.44
N GLN C 344 -23.74 -21.64 8.05
CA GLN C 344 -24.12 -21.55 9.46
C GLN C 344 -22.91 -21.43 10.38
N SER C 345 -21.75 -21.97 9.98
CA SER C 345 -20.54 -21.78 10.77
C SER C 345 -20.17 -20.30 10.84
N VAL C 346 -20.49 -19.52 9.81
CA VAL C 346 -20.24 -18.09 9.83
C VAL C 346 -21.45 -17.29 10.32
N THR C 347 -22.69 -17.72 10.02
CA THR C 347 -23.85 -16.93 10.40
C THR C 347 -24.42 -17.32 11.76
N GLY C 348 -24.28 -18.58 12.15
CA GLY C 348 -24.72 -19.01 13.46
C GLY C 348 -26.21 -19.26 13.54
N GLN C 349 -26.93 -18.41 14.27
CA GLN C 349 -28.36 -18.61 14.51
C GLN C 349 -29.24 -17.71 13.66
N LEU C 350 -28.66 -16.83 12.84
CA LEU C 350 -29.46 -15.91 12.05
C LEU C 350 -30.33 -16.70 11.08
N PRO C 351 -31.60 -16.33 10.92
CA PRO C 351 -32.50 -17.07 10.02
C PRO C 351 -31.95 -17.15 8.60
N LEU C 352 -32.19 -18.29 7.95
CA LEU C 352 -31.71 -18.56 6.61
C LEU C 352 -32.88 -18.95 5.72
N TYR C 353 -32.97 -18.32 4.55
CA TYR C 353 -33.91 -18.68 3.51
C TYR C 353 -33.16 -19.07 2.25
N ILE C 354 -33.60 -20.14 1.59
CA ILE C 354 -33.13 -20.44 0.24
C ILE C 354 -33.97 -19.61 -0.71
N THR C 355 -33.46 -18.46 -1.12
CA THR C 355 -34.22 -17.55 -1.96
C THR C 355 -34.20 -17.92 -3.43
N GLU C 356 -33.36 -18.86 -3.84
CA GLU C 356 -33.29 -19.25 -5.24
C GLU C 356 -32.69 -20.64 -5.34
N ASN C 357 -33.42 -21.57 -5.95
CA ASN C 357 -32.93 -22.90 -6.23
C ASN C 357 -33.78 -23.50 -7.34
N GLY C 358 -33.12 -24.13 -8.31
CA GLY C 358 -33.84 -24.72 -9.42
C GLY C 358 -32.87 -25.21 -10.49
N ALA C 359 -33.44 -25.62 -11.61
CA ALA C 359 -32.65 -26.15 -12.71
C ALA C 359 -33.29 -25.77 -14.03
N ALA C 360 -32.50 -25.91 -15.11
CA ALA C 360 -32.95 -25.63 -16.46
C ALA C 360 -32.88 -26.92 -17.27
N PHE C 361 -34.03 -27.40 -17.72
CA PHE C 361 -34.10 -28.59 -18.56
C PHE C 361 -34.77 -28.23 -19.88
N ALA C 362 -34.50 -29.05 -20.90
CA ALA C 362 -35.07 -28.85 -22.23
C ALA C 362 -36.56 -29.15 -22.17
N ASP C 363 -37.32 -28.19 -21.63
CA ASP C 363 -38.75 -28.36 -21.52
C ASP C 363 -39.40 -28.36 -22.89
N GLU C 364 -40.42 -29.21 -23.06
CA GLU C 364 -41.12 -29.36 -24.31
C GLU C 364 -42.59 -29.66 -23.99
N PRO C 365 -43.53 -28.90 -24.54
CA PRO C 365 -44.95 -29.18 -24.28
C PRO C 365 -45.56 -30.14 -25.31
N VAL C 366 -46.09 -31.26 -24.84
CA VAL C 366 -46.79 -32.21 -25.70
C VAL C 366 -48.18 -32.44 -25.12
N ASN C 367 -49.18 -32.56 -26.01
CA ASN C 367 -50.56 -32.82 -25.62
C ASN C 367 -51.05 -31.85 -24.54
N GLY C 368 -50.55 -30.61 -24.58
CA GLY C 368 -50.90 -29.64 -23.57
C GLY C 368 -50.40 -29.98 -22.18
N ARG C 369 -49.26 -30.66 -22.08
CA ARG C 369 -48.72 -31.05 -20.78
C ARG C 369 -47.20 -31.05 -20.85
N VAL C 370 -46.56 -30.44 -19.85
CA VAL C 370 -45.12 -30.44 -19.72
C VAL C 370 -44.75 -31.48 -18.68
N GLU C 371 -44.16 -32.59 -19.13
CA GLU C 371 -43.79 -33.68 -18.24
C GLU C 371 -42.29 -33.62 -17.94
N ASP C 372 -41.92 -32.62 -17.14
CA ASP C 372 -40.52 -32.42 -16.75
C ASP C 372 -40.25 -33.23 -15.49
N VAL C 373 -39.99 -34.52 -15.69
CA VAL C 373 -39.68 -35.40 -14.56
C VAL C 373 -38.35 -35.02 -13.93
N ARG C 374 -37.44 -34.44 -14.71
CA ARG C 374 -36.11 -34.13 -14.19
C ARG C 374 -36.15 -33.04 -13.12
N ARG C 375 -37.03 -32.03 -13.29
CA ARG C 375 -37.09 -30.96 -12.30
C ARG C 375 -37.78 -31.43 -11.03
N ILE C 376 -38.82 -32.27 -11.17
CA ILE C 376 -39.46 -32.87 -10.01
C ILE C 376 -38.42 -33.58 -9.15
N HIS C 377 -37.52 -34.32 -9.78
CA HIS C 377 -36.45 -34.99 -9.03
C HIS C 377 -35.47 -33.99 -8.44
N TYR C 378 -35.14 -32.93 -9.20
CA TYR C 378 -34.23 -31.91 -8.68
C TYR C 378 -34.80 -31.24 -7.44
N ILE C 379 -36.05 -30.78 -7.52
CA ILE C 379 -36.67 -30.10 -6.38
C ILE C 379 -36.70 -31.03 -5.17
N ALA C 380 -37.00 -32.31 -5.38
CA ALA C 380 -37.08 -33.25 -4.27
C ALA C 380 -35.70 -33.52 -3.67
N ASP C 381 -34.68 -33.68 -4.52
CA ASP C 381 -33.34 -33.96 -4.01
C ASP C 381 -32.86 -32.85 -3.08
N HIS C 382 -32.98 -31.59 -3.53
CA HIS C 382 -32.52 -30.47 -2.71
C HIS C 382 -33.45 -30.23 -1.52
N LEU C 383 -34.74 -30.56 -1.67
CA LEU C 383 -35.63 -30.48 -0.52
C LEU C 383 -35.22 -31.46 0.56
N GLU C 384 -34.82 -32.69 0.16
CA GLU C 384 -34.26 -33.63 1.12
C GLU C 384 -32.97 -33.09 1.70
N ALA C 385 -32.09 -32.56 0.85
CA ALA C 385 -30.84 -31.96 1.33
C ALA C 385 -31.12 -30.78 2.24
N ALA C 386 -32.13 -29.97 1.91
CA ALA C 386 -32.52 -28.88 2.80
C ALA C 386 -33.10 -29.41 4.11
N LYS C 387 -33.77 -30.56 4.05
CA LYS C 387 -34.36 -31.13 5.25
C LYS C 387 -33.30 -31.60 6.24
N ARG C 388 -32.24 -32.25 5.74
CA ARG C 388 -31.18 -32.72 6.62
C ARG C 388 -30.55 -31.57 7.40
N PHE C 389 -30.47 -30.38 6.79
CA PHE C 389 -29.96 -29.22 7.49
C PHE C 389 -30.93 -28.76 8.58
N VAL C 390 -32.23 -28.94 8.36
CA VAL C 390 -33.20 -28.58 9.39
C VAL C 390 -33.11 -29.53 10.56
N ASP C 391 -32.89 -30.82 10.29
CA ASP C 391 -32.77 -31.80 11.37
C ASP C 391 -31.53 -31.56 12.22
N ALA C 392 -30.46 -31.05 11.60
CA ALA C 392 -29.22 -30.80 12.33
C ALA C 392 -29.25 -29.55 13.18
N GLY C 393 -30.39 -28.85 13.26
CA GLY C 393 -30.51 -27.65 14.04
C GLY C 393 -30.26 -26.36 13.30
N GLY C 394 -30.06 -26.42 11.98
CA GLY C 394 -29.83 -25.23 11.20
C GLY C 394 -31.07 -24.38 11.07
N PRO C 395 -30.90 -23.06 11.19
CA PRO C 395 -32.05 -22.14 11.15
C PRO C 395 -32.50 -21.82 9.73
N LEU C 396 -32.96 -22.85 9.02
CA LEU C 396 -33.49 -22.70 7.68
C LEU C 396 -34.99 -22.41 7.79
N LYS C 397 -35.39 -21.21 7.37
CA LYS C 397 -36.77 -20.77 7.52
C LYS C 397 -37.63 -20.96 6.27
N GLY C 398 -37.03 -20.93 5.08
CA GLY C 398 -37.83 -21.01 3.87
C GLY C 398 -37.04 -21.44 2.65
N TYR C 399 -37.77 -21.75 1.59
CA TYR C 399 -37.18 -22.21 0.33
C TYR C 399 -37.98 -21.61 -0.81
N PHE C 400 -37.37 -20.70 -1.57
CA PHE C 400 -38.03 -20.06 -2.71
C PHE C 400 -37.56 -20.72 -4.00
N LEU C 401 -38.52 -21.15 -4.82
CA LEU C 401 -38.21 -21.88 -6.05
C LEU C 401 -37.93 -20.91 -7.19
N TRP C 402 -36.84 -21.17 -7.92
CA TRP C 402 -36.54 -20.44 -9.15
C TRP C 402 -36.81 -21.35 -10.34
N SER C 403 -37.73 -20.94 -11.21
CA SER C 403 -38.49 -19.71 -11.03
C SER C 403 -39.98 -20.01 -11.13
N PHE C 404 -40.81 -19.00 -10.90
CA PHE C 404 -42.26 -19.21 -11.04
C PHE C 404 -42.61 -19.59 -12.48
N MET C 405 -42.03 -18.90 -13.45
CA MET C 405 -42.29 -19.17 -14.86
C MET C 405 -41.01 -18.95 -15.65
N ASP C 406 -40.94 -19.59 -16.82
CA ASP C 406 -39.81 -19.40 -17.71
C ASP C 406 -39.67 -17.93 -18.06
N ASN C 407 -38.43 -17.47 -18.17
CA ASN C 407 -38.19 -16.03 -18.32
C ASN C 407 -36.86 -15.81 -19.02
N PHE C 408 -36.45 -14.55 -19.08
CA PHE C 408 -35.21 -14.11 -19.72
C PHE C 408 -34.04 -14.45 -18.80
N GLU C 409 -33.29 -15.49 -19.15
CA GLU C 409 -32.12 -15.88 -18.37
C GLU C 409 -30.87 -15.18 -18.89
N TRP C 410 -30.95 -13.84 -18.86
CA TRP C 410 -29.81 -12.95 -19.05
C TRP C 410 -29.02 -13.22 -20.33
N ALA C 411 -27.71 -13.50 -20.19
CA ALA C 411 -26.84 -13.59 -21.34
C ALA C 411 -27.22 -14.72 -22.29
N LEU C 412 -27.94 -15.73 -21.81
CA LEU C 412 -28.37 -16.84 -22.65
C LEU C 412 -29.76 -16.65 -23.23
N GLY C 413 -30.39 -15.49 -22.98
CA GLY C 413 -31.70 -15.21 -23.53
C GLY C 413 -32.77 -16.10 -22.93
N TYR C 414 -33.77 -16.42 -23.75
CA TYR C 414 -34.88 -17.29 -23.36
C TYR C 414 -34.59 -18.76 -23.65
N SER C 415 -33.33 -19.12 -23.89
CA SER C 415 -32.97 -20.50 -24.20
C SER C 415 -33.00 -21.39 -22.97
N LYS C 416 -33.11 -20.83 -21.77
CA LYS C 416 -33.11 -21.60 -20.54
C LYS C 416 -34.41 -21.33 -19.79
N ARG C 417 -35.16 -22.41 -19.52
CA ARG C 417 -36.49 -22.31 -18.94
C ARG C 417 -36.43 -22.88 -17.52
N PHE C 418 -36.17 -21.99 -16.56
CA PHE C 418 -36.03 -22.34 -15.16
C PHE C 418 -37.36 -22.47 -14.42
N GLY C 419 -38.48 -22.26 -15.11
CA GLY C 419 -39.76 -22.08 -14.43
C GLY C 419 -40.56 -23.36 -14.27
N MET C 420 -41.31 -23.41 -13.17
CA MET C 420 -42.31 -24.45 -12.95
C MET C 420 -43.57 -24.22 -13.76
N VAL C 421 -43.69 -23.09 -14.44
CA VAL C 421 -44.81 -22.78 -15.33
C VAL C 421 -44.24 -22.52 -16.71
N TYR C 422 -44.72 -23.26 -17.70
CA TYR C 422 -44.26 -23.07 -19.06
C TYR C 422 -44.90 -21.80 -19.65
N VAL C 423 -44.09 -21.00 -20.32
CA VAL C 423 -44.54 -19.78 -20.96
C VAL C 423 -44.32 -19.91 -22.45
N ASP C 424 -45.40 -19.81 -23.23
CA ASP C 424 -45.32 -19.82 -24.68
C ASP C 424 -45.17 -18.38 -25.15
N TYR C 425 -43.93 -17.96 -25.42
CA TYR C 425 -43.62 -16.55 -25.65
C TYR C 425 -44.28 -15.97 -26.89
N GLU C 426 -44.89 -16.80 -27.75
CA GLU C 426 -45.64 -16.27 -28.88
C GLU C 426 -47.09 -15.97 -28.52
N SER C 427 -47.67 -16.73 -27.59
CA SER C 427 -49.02 -16.47 -27.11
C SER C 427 -49.06 -15.96 -25.68
N GLN C 428 -47.94 -16.01 -24.96
CA GLN C 428 -47.85 -15.59 -23.57
C GLN C 428 -48.82 -16.36 -22.67
N GLN C 429 -49.10 -17.60 -23.02
CA GLN C 429 -49.95 -18.47 -22.21
C GLN C 429 -49.11 -19.16 -21.14
N ARG C 430 -49.64 -19.20 -19.93
CA ARG C 430 -48.99 -19.88 -18.81
C ARG C 430 -49.54 -21.30 -18.72
N LEU C 431 -48.65 -22.28 -18.86
CA LEU C 431 -49.01 -23.69 -18.75
C LEU C 431 -48.21 -24.28 -17.59
N VAL C 432 -48.91 -24.62 -16.52
CA VAL C 432 -48.27 -25.13 -15.31
C VAL C 432 -47.63 -26.48 -15.62
N LYS C 433 -46.31 -26.56 -15.47
CA LYS C 433 -45.60 -27.80 -15.70
C LYS C 433 -45.94 -28.81 -14.60
N ASP C 434 -45.59 -30.08 -14.86
CA ASP C 434 -45.82 -31.11 -13.86
C ASP C 434 -44.99 -30.87 -12.60
N SER C 435 -43.86 -30.18 -12.74
CA SER C 435 -43.07 -29.82 -11.55
C SER C 435 -43.79 -28.77 -10.71
N GLY C 436 -44.61 -27.92 -11.35
CA GLY C 436 -45.34 -26.92 -10.58
C GLY C 436 -46.45 -27.52 -9.75
N ARG C 437 -47.20 -28.46 -10.31
CA ARG C 437 -48.25 -29.13 -9.55
C ARG C 437 -47.67 -29.96 -8.41
N TRP C 438 -46.50 -30.57 -8.62
CA TRP C 438 -45.84 -31.29 -7.54
C TRP C 438 -45.49 -30.35 -6.39
N PHE C 439 -44.95 -29.18 -6.71
CA PHE C 439 -44.64 -28.19 -5.69
C PHE C 439 -45.91 -27.81 -4.93
N SER C 440 -47.01 -27.60 -5.64
CA SER C 440 -48.27 -27.24 -4.98
C SER C 440 -48.73 -28.34 -4.04
N GLU C 441 -48.57 -29.60 -4.44
CA GLU C 441 -48.87 -30.70 -3.53
C GLU C 441 -47.93 -30.69 -2.33
N GLN C 442 -46.67 -30.33 -2.55
CA GLN C 442 -45.73 -30.19 -1.44
C GLN C 442 -46.16 -29.06 -0.49
N ILE C 443 -46.76 -28.01 -1.03
CA ILE C 443 -47.28 -26.94 -0.19
C ILE C 443 -48.40 -27.47 0.69
N ALA C 444 -49.41 -28.10 0.08
CA ALA C 444 -50.56 -28.58 0.83
C ALA C 444 -50.17 -29.68 1.80
N ALA C 445 -49.25 -30.56 1.39
CA ALA C 445 -48.82 -31.63 2.29
C ALA C 445 -48.14 -31.08 3.53
N HIS C 446 -47.38 -30.00 3.37
CA HIS C 446 -46.75 -29.37 4.53
C HIS C 446 -47.79 -28.78 5.47
N LYS C 447 -48.79 -28.10 4.92
CA LYS C 447 -49.86 -27.53 5.74
C LYS C 447 -51.11 -28.40 5.65
N ARG D 3 16.29 15.90 -51.08
CA ARG D 3 15.10 16.66 -51.40
C ARG D 3 15.33 18.16 -51.20
N GLU D 4 14.80 18.96 -52.12
CA GLU D 4 14.96 20.41 -52.04
C GLU D 4 14.07 20.99 -50.95
N PHE D 5 14.54 22.06 -50.32
CA PHE D 5 13.80 22.71 -49.25
C PHE D 5 12.61 23.47 -49.81
N ILE D 6 11.47 23.36 -49.15
CA ILE D 6 10.25 24.00 -49.62
C ILE D 6 10.16 25.41 -49.07
N SER D 7 9.77 26.34 -49.92
CA SER D 7 9.68 27.75 -49.57
C SER D 7 8.28 28.08 -49.04
N PHE D 8 8.23 28.96 -48.06
CA PHE D 8 7.01 29.39 -47.41
C PHE D 8 7.11 30.87 -47.12
N PRO D 9 5.98 31.55 -46.90
CA PRO D 9 6.02 32.97 -46.54
C PRO D 9 6.73 33.20 -45.20
N GLN D 10 7.03 34.47 -44.93
CA GLN D 10 7.72 34.84 -43.70
C GLN D 10 6.91 34.48 -42.47
N ASP D 11 5.57 34.52 -42.57
CA ASP D 11 4.72 34.22 -41.43
C ASP D 11 4.81 32.76 -41.01
N PHE D 12 5.17 31.87 -41.93
CA PHE D 12 5.07 30.44 -41.69
C PHE D 12 5.88 30.03 -40.46
N LEU D 13 5.35 29.06 -39.72
CA LEU D 13 5.85 28.71 -38.40
C LEU D 13 6.01 27.20 -38.31
N PHE D 14 7.23 26.74 -38.11
CA PHE D 14 7.54 25.32 -38.02
C PHE D 14 7.68 24.89 -36.56
N GLY D 15 7.56 23.59 -36.33
CA GLY D 15 7.67 23.05 -34.99
C GLY D 15 7.45 21.55 -34.98
N THR D 16 7.65 20.97 -33.80
CA THR D 16 7.43 19.55 -33.57
C THR D 16 6.39 19.38 -32.47
N ALA D 17 5.77 18.19 -32.44
CA ALA D 17 4.64 17.93 -31.56
C ALA D 17 4.87 16.65 -30.76
N THR D 18 4.38 16.65 -29.52
CA THR D 18 4.42 15.48 -28.65
C THR D 18 3.08 15.38 -27.91
N ALA D 19 3.00 14.46 -26.96
CA ALA D 19 1.82 14.27 -26.12
C ALA D 19 2.25 13.74 -24.77
N SER D 20 1.53 14.16 -23.73
CA SER D 20 1.99 13.95 -22.35
C SER D 20 2.26 12.47 -22.08
N TYR D 21 1.23 11.63 -22.18
CA TYR D 21 1.39 10.22 -21.79
C TYR D 21 2.37 9.48 -22.69
N GLN D 22 2.49 9.89 -23.95
CA GLN D 22 3.38 9.19 -24.88
C GLN D 22 4.84 9.47 -24.60
N ILE D 23 5.16 10.56 -23.90
CA ILE D 23 6.54 11.01 -23.78
C ILE D 23 7.05 11.04 -22.34
N GLU D 24 6.16 11.34 -21.38
CA GLU D 24 6.62 11.81 -20.07
C GLU D 24 7.14 10.66 -19.21
N GLY D 25 6.33 9.63 -19.02
CA GLY D 25 6.66 8.62 -18.03
C GLY D 25 6.50 9.18 -16.63
N ALA D 26 7.24 8.57 -15.69
CA ALA D 26 7.23 8.99 -14.29
C ALA D 26 5.79 9.13 -13.79
N VAL D 27 5.04 8.06 -13.96
CA VAL D 27 3.59 8.08 -13.73
C VAL D 27 3.24 8.27 -12.27
N HIS D 28 4.04 7.73 -11.35
CA HIS D 28 3.76 7.85 -9.92
C HIS D 28 4.38 9.09 -9.28
N GLU D 29 5.13 9.91 -10.03
CA GLU D 29 6.01 10.89 -9.40
C GLU D 29 5.28 12.17 -9.06
N ASP D 30 5.58 12.69 -7.87
CA ASP D 30 5.03 13.96 -7.37
C ASP D 30 3.51 14.07 -7.56
N GLY D 31 2.79 13.04 -7.19
CA GLY D 31 1.36 13.16 -6.99
C GLY D 31 0.49 12.94 -8.19
N ARG D 32 1.05 12.50 -9.32
CA ARG D 32 0.22 12.27 -10.50
C ARG D 32 -0.77 11.16 -10.24
N GLY D 33 -2.06 11.46 -10.45
CA GLY D 33 -3.09 10.45 -10.29
C GLY D 33 -3.15 9.50 -11.46
N GLU D 34 -3.88 8.40 -11.25
CA GLU D 34 -4.02 7.40 -12.29
C GLU D 34 -4.85 7.94 -13.44
N SER D 35 -4.39 7.72 -14.66
CA SER D 35 -5.12 8.11 -15.86
C SER D 35 -5.78 6.89 -16.49
N ILE D 36 -6.68 7.15 -17.44
CA ILE D 36 -7.37 6.07 -18.12
C ILE D 36 -6.42 5.26 -19.00
N TRP D 37 -5.29 5.84 -19.39
CA TRP D 37 -4.31 5.11 -20.16
C TRP D 37 -3.32 4.33 -19.29
N ASP D 38 -3.23 4.68 -17.99
CA ASP D 38 -2.56 3.78 -17.06
C ASP D 38 -3.42 2.54 -16.81
N ARG D 39 -4.72 2.74 -16.63
CA ARG D 39 -5.63 1.61 -16.45
C ARG D 39 -5.68 0.74 -17.71
N PHE D 40 -5.69 1.37 -18.88
CA PHE D 40 -5.81 0.63 -20.13
C PHE D 40 -4.54 -0.14 -20.45
N SER D 41 -3.37 0.49 -20.27
CA SER D 41 -2.11 -0.19 -20.59
C SER D 41 -1.87 -1.37 -19.66
N HIS D 42 -2.23 -1.24 -18.38
CA HIS D 42 -2.03 -2.31 -17.43
C HIS D 42 -3.18 -3.32 -17.44
N THR D 43 -4.06 -3.24 -18.43
CA THR D 43 -5.07 -4.28 -18.66
C THR D 43 -4.58 -5.24 -19.72
N PRO D 44 -4.54 -6.54 -19.43
CA PRO D 44 -3.90 -7.48 -20.34
C PRO D 44 -4.59 -7.53 -21.70
N GLY D 45 -3.77 -7.71 -22.75
CA GLY D 45 -4.29 -7.89 -24.08
C GLY D 45 -4.86 -6.67 -24.75
N LYS D 46 -4.56 -5.47 -24.23
CA LYS D 46 -5.07 -4.23 -24.80
C LYS D 46 -4.02 -3.45 -25.57
N VAL D 47 -2.79 -3.39 -25.07
CA VAL D 47 -1.68 -2.72 -25.74
C VAL D 47 -0.72 -3.78 -26.25
N TYR D 48 -0.11 -3.52 -27.40
CA TYR D 48 0.78 -4.47 -28.04
C TYR D 48 1.89 -4.91 -27.09
N GLN D 49 1.94 -6.23 -26.83
CA GLN D 49 2.96 -6.85 -25.98
C GLN D 49 2.98 -6.25 -24.58
N GLY D 50 1.83 -5.78 -24.11
CA GLY D 50 1.73 -5.24 -22.76
C GLY D 50 2.58 -4.01 -22.51
N HIS D 51 2.95 -3.28 -23.57
CA HIS D 51 3.71 -2.07 -23.39
C HIS D 51 2.89 -1.04 -22.61
N THR D 52 3.60 -0.20 -21.86
CA THR D 52 2.96 0.80 -21.01
C THR D 52 3.68 2.12 -21.16
N GLY D 53 3.07 3.17 -20.63
CA GLY D 53 3.70 4.47 -20.56
C GLY D 53 4.34 4.71 -19.21
N ASP D 54 4.73 3.62 -18.53
CA ASP D 54 5.37 3.73 -17.23
C ASP D 54 6.62 4.60 -17.30
N VAL D 55 7.54 4.26 -18.21
CA VAL D 55 8.78 5.01 -18.39
C VAL D 55 8.72 5.87 -19.64
N ALA D 56 8.32 5.28 -20.76
CA ALA D 56 8.16 5.98 -22.06
C ALA D 56 9.51 6.60 -22.41
N CYS D 57 9.57 7.89 -22.72
CA CYS D 57 10.82 8.58 -23.04
C CYS D 57 11.45 9.25 -21.83
N ASP D 58 10.82 9.16 -20.66
CA ASP D 58 11.32 9.81 -19.44
C ASP D 58 11.51 11.31 -19.65
N HIS D 59 10.60 11.91 -20.43
CA HIS D 59 10.67 13.35 -20.68
C HIS D 59 10.50 14.14 -19.39
N TYR D 60 9.83 13.56 -18.39
CA TYR D 60 9.68 14.23 -17.10
C TYR D 60 11.03 14.55 -16.48
N HIS D 61 12.08 13.80 -16.84
CA HIS D 61 13.43 14.03 -16.34
C HIS D 61 14.38 14.60 -17.38
N ARG D 62 14.19 14.29 -18.66
CA ARG D 62 15.08 14.72 -19.73
C ARG D 62 14.53 15.91 -20.51
N TYR D 63 13.55 16.62 -19.96
CA TYR D 63 12.94 17.73 -20.70
C TYR D 63 13.95 18.83 -21.01
N ARG D 64 14.91 19.05 -20.12
CA ARG D 64 15.97 20.03 -20.41
C ARG D 64 16.84 19.56 -21.56
N GLU D 65 17.18 18.27 -21.59
CA GLU D 65 17.95 17.72 -22.71
C GLU D 65 17.17 17.85 -24.02
N ASP D 66 15.88 17.55 -23.99
CA ASP D 66 15.08 17.56 -25.21
C ASP D 66 14.88 18.97 -25.73
N VAL D 67 14.57 19.92 -24.85
CA VAL D 67 14.44 21.31 -25.27
C VAL D 67 15.76 21.83 -25.84
N ALA D 68 16.86 21.50 -25.19
CA ALA D 68 18.18 21.90 -25.69
C ALA D 68 18.46 21.28 -27.06
N LEU D 69 18.01 20.04 -27.26
CA LEU D 69 18.17 19.41 -28.57
C LEU D 69 17.29 20.09 -29.61
N MET D 70 16.12 20.58 -29.21
N MET D 70 16.11 20.58 -29.21
CA MET D 70 15.26 21.31 -30.14
CA MET D 70 15.26 21.31 -30.14
C MET D 70 15.88 22.65 -30.54
C MET D 70 15.91 22.63 -30.55
N LYS D 71 16.44 23.37 -29.57
CA LYS D 71 17.05 24.66 -29.86
C LYS D 71 18.34 24.50 -30.65
N GLU D 72 19.10 23.42 -30.41
CA GLU D 72 20.29 23.17 -31.20
C GLU D 72 19.95 23.03 -32.67
N LEU D 73 18.85 22.36 -32.99
CA LEU D 73 18.38 22.24 -34.36
C LEU D 73 17.62 23.48 -34.83
N GLY D 74 17.42 24.47 -33.96
CA GLY D 74 16.74 25.68 -34.33
C GLY D 74 15.31 25.47 -34.78
N ILE D 75 14.48 24.91 -33.91
CA ILE D 75 13.07 24.66 -34.20
C ILE D 75 12.26 25.82 -33.63
N PRO D 76 11.43 26.49 -34.43
CA PRO D 76 10.75 27.70 -33.91
C PRO D 76 9.71 27.40 -32.85
N ALA D 77 8.95 26.33 -32.98
CA ALA D 77 7.82 26.08 -32.10
C ALA D 77 7.87 24.65 -31.55
N TYR D 78 7.04 24.42 -30.53
CA TYR D 78 6.90 23.10 -29.92
C TYR D 78 5.47 22.96 -29.44
N ARG D 79 4.83 21.86 -29.84
CA ARG D 79 3.45 21.56 -29.43
C ARG D 79 3.47 20.36 -28.50
N PHE D 80 3.04 20.56 -27.26
CA PHE D 80 2.95 19.49 -26.28
C PHE D 80 1.61 19.60 -25.56
N SER D 81 1.35 18.64 -24.68
CA SER D 81 0.08 18.58 -23.96
C SER D 81 0.34 18.52 -22.46
N ILE D 82 -0.54 19.17 -21.70
CA ILE D 82 -0.48 19.15 -20.25
C ILE D 82 -1.28 17.94 -19.75
N ALA D 83 -0.67 17.15 -18.87
CA ALA D 83 -1.31 15.95 -18.35
C ALA D 83 -2.32 16.34 -17.27
N TRP D 84 -3.60 16.22 -17.60
CA TRP D 84 -4.67 16.44 -16.62
C TRP D 84 -4.46 15.69 -15.30
N PRO D 85 -4.04 14.42 -15.29
CA PRO D 85 -3.81 13.75 -13.99
C PRO D 85 -2.71 14.41 -13.16
N ARG D 86 -1.73 15.05 -13.78
CA ARG D 86 -0.70 15.74 -13.00
C ARG D 86 -1.26 16.97 -12.30
N ILE D 87 -2.31 17.56 -12.83
CA ILE D 87 -2.86 18.80 -12.28
C ILE D 87 -3.96 18.51 -11.26
N PHE D 88 -4.95 17.69 -11.63
CA PHE D 88 -6.02 17.27 -10.74
C PHE D 88 -5.94 15.76 -10.57
N PRO D 89 -5.09 15.28 -9.66
CA PRO D 89 -4.91 13.83 -9.52
C PRO D 89 -6.16 13.10 -9.06
N GLU D 90 -6.96 13.73 -8.20
CA GLU D 90 -8.23 13.17 -7.75
C GLU D 90 -9.22 14.31 -7.59
N LYS D 91 -10.44 13.95 -7.20
CA LYS D 91 -11.57 14.88 -7.25
C LYS D 91 -11.30 16.13 -6.40
N GLY D 92 -11.32 17.29 -7.06
CA GLY D 92 -11.17 18.57 -6.39
C GLY D 92 -9.88 18.73 -5.62
N MET D 93 -8.75 18.38 -6.23
CA MET D 93 -7.44 18.45 -5.57
C MET D 93 -6.44 19.01 -6.58
N LYS D 94 -6.27 20.32 -6.58
CA LYS D 94 -5.23 20.93 -7.39
C LYS D 94 -3.86 20.52 -6.87
N ASN D 95 -3.00 20.07 -7.78
CA ASN D 95 -1.65 19.61 -7.45
C ASN D 95 -0.65 20.62 -8.00
N GLU D 96 -0.07 21.42 -7.11
CA GLU D 96 0.85 22.47 -7.57
C GLU D 96 2.15 21.87 -8.08
N ALA D 97 2.53 20.68 -7.61
CA ALA D 97 3.68 20.00 -8.17
C ALA D 97 3.48 19.70 -9.66
N GLY D 98 2.24 19.39 -10.05
CA GLY D 98 1.95 19.19 -11.46
C GLY D 98 2.16 20.46 -12.26
N LEU D 99 1.65 21.58 -11.75
CA LEU D 99 1.91 22.87 -12.40
C LEU D 99 3.39 23.23 -12.32
N ASP D 100 4.09 22.75 -11.30
CA ASP D 100 5.50 23.08 -11.14
C ASP D 100 6.35 22.44 -12.24
N PHE D 101 5.99 21.24 -12.71
CA PHE D 101 6.75 20.63 -13.79
C PHE D 101 6.55 21.39 -15.09
N TYR D 102 5.31 21.79 -15.38
CA TYR D 102 5.03 22.47 -16.64
C TYR D 102 5.45 23.93 -16.63
N ARG D 103 5.58 24.55 -15.45
CA ARG D 103 6.11 25.90 -15.41
C ARG D 103 7.61 25.91 -15.67
N ARG D 104 8.30 24.81 -15.36
CA ARG D 104 9.73 24.73 -15.65
CA ARG D 104 9.73 24.73 -15.65
C ARG D 104 10.00 24.41 -17.12
N LEU D 105 9.12 23.63 -17.75
CA LEU D 105 9.28 23.29 -19.16
C LEU D 105 9.07 24.52 -20.04
N LEU D 106 8.07 25.34 -19.71
CA LEU D 106 7.78 26.52 -20.52
C LEU D 106 8.91 27.54 -20.46
N GLU D 107 9.47 27.77 -19.26
CA GLU D 107 10.60 28.69 -19.15
C GLU D 107 11.84 28.14 -19.83
N ALA D 108 11.95 26.81 -19.95
CA ALA D 108 13.04 26.24 -20.73
C ALA D 108 12.84 26.52 -22.21
N LEU D 109 11.60 26.47 -22.69
CA LEU D 109 11.32 26.83 -24.08
C LEU D 109 11.53 28.32 -24.31
N HIS D 110 11.06 29.15 -23.37
CA HIS D 110 11.24 30.59 -23.49
C HIS D 110 12.72 30.97 -23.49
N GLU D 111 13.52 30.29 -22.68
CA GLU D 111 14.97 30.52 -22.69
C GLU D 111 15.56 30.15 -24.04
N ALA D 112 15.01 29.15 -24.71
CA ALA D 112 15.46 28.75 -26.04
C ALA D 112 14.72 29.46 -27.16
N ASP D 113 13.82 30.39 -26.83
CA ASP D 113 13.04 31.14 -27.81
C ASP D 113 12.26 30.20 -28.73
N ILE D 114 11.40 29.39 -28.11
CA ILE D 114 10.58 28.42 -28.82
C ILE D 114 9.13 28.68 -28.47
N ARG D 115 8.30 28.88 -29.49
CA ARG D 115 6.88 29.11 -29.26
C ARG D 115 6.19 27.82 -28.83
N SER D 116 5.25 27.93 -27.91
CA SER D 116 4.63 26.77 -27.28
C SER D 116 3.15 26.74 -27.60
N PHE D 117 2.72 25.66 -28.25
CA PHE D 117 1.30 25.34 -28.42
C PHE D 117 0.98 24.20 -27.45
N VAL D 118 0.05 24.44 -26.54
CA VAL D 118 -0.23 23.51 -25.45
C VAL D 118 -1.61 22.90 -25.67
N THR D 119 -1.67 21.56 -25.67
CA THR D 119 -2.91 20.83 -25.73
C THR D 119 -3.38 20.53 -24.31
N LEU D 120 -4.66 20.82 -24.03
CA LEU D 120 -5.18 20.60 -22.68
C LEU D 120 -5.62 19.16 -22.47
N TYR D 121 -6.16 18.50 -23.50
CA TYR D 121 -6.59 17.12 -23.41
C TYR D 121 -6.00 16.34 -24.58
N HIS D 122 -5.10 15.41 -24.27
CA HIS D 122 -4.61 14.48 -25.27
C HIS D 122 -4.85 13.05 -24.78
N TRP D 123 -6.11 12.77 -24.43
CA TRP D 123 -6.66 11.43 -24.19
C TRP D 123 -6.42 10.92 -22.78
N ASP D 124 -5.42 11.44 -22.07
CA ASP D 124 -5.07 10.92 -20.74
C ASP D 124 -6.03 11.46 -19.70
N LEU D 125 -7.27 10.98 -19.76
CA LEU D 125 -8.27 11.38 -18.78
C LEU D 125 -7.94 10.77 -17.42
N PRO D 126 -8.12 11.51 -16.34
CA PRO D 126 -7.89 10.94 -15.00
C PRO D 126 -8.90 9.83 -14.71
N GLN D 127 -8.42 8.76 -14.08
CA GLN D 127 -9.27 7.60 -13.82
C GLN D 127 -10.40 7.93 -12.85
N TRP D 128 -10.16 8.84 -11.90
CA TRP D 128 -11.23 9.25 -11.00
C TRP D 128 -12.37 9.91 -11.76
N LEU D 129 -12.06 10.59 -12.87
CA LEU D 129 -13.11 11.10 -13.73
C LEU D 129 -13.79 9.97 -14.50
N GLN D 130 -13.01 8.96 -14.89
CA GLN D 130 -13.59 7.79 -15.55
C GLN D 130 -14.46 7.00 -14.60
N ASP D 131 -14.10 6.94 -13.31
CA ASP D 131 -14.96 6.30 -12.33
C ASP D 131 -16.30 7.01 -12.20
N ARG D 132 -16.38 8.27 -12.62
CA ARG D 132 -17.63 9.01 -12.66
C ARG D 132 -18.31 8.94 -14.02
N GLY D 133 -17.92 8.00 -14.86
CA GLY D 133 -18.51 7.83 -16.17
C GLY D 133 -17.73 8.47 -17.30
N GLY D 134 -16.73 9.29 -17.01
CA GLY D 134 -15.90 9.86 -18.05
C GLY D 134 -16.70 10.78 -18.96
N TRP D 135 -16.41 10.68 -20.25
CA TRP D 135 -17.06 11.54 -21.23
C TRP D 135 -18.50 11.14 -21.52
N ALA D 136 -18.94 9.98 -21.07
CA ALA D 136 -20.36 9.67 -21.10
C ALA D 136 -21.14 10.52 -20.10
N ASN D 137 -20.46 11.06 -19.10
CA ASN D 137 -21.06 11.94 -18.11
C ASN D 137 -20.82 13.38 -18.52
N ARG D 138 -21.89 14.18 -18.52
CA ARG D 138 -21.78 15.59 -18.92
C ARG D 138 -20.95 16.40 -17.94
N ASP D 139 -20.87 15.98 -16.67
CA ASP D 139 -20.08 16.71 -15.69
C ASP D 139 -18.61 16.82 -16.12
N THR D 140 -18.10 15.80 -16.81
CA THR D 140 -16.71 15.83 -17.26
C THR D 140 -16.43 17.03 -18.15
N ALA D 141 -17.42 17.46 -18.94
CA ALA D 141 -17.23 18.63 -19.78
C ALA D 141 -17.05 19.89 -18.94
N GLU D 142 -17.63 19.92 -17.74
CA GLU D 142 -17.54 21.09 -16.87
C GLU D 142 -16.31 21.05 -15.97
N TYR D 143 -15.84 19.85 -15.61
CA TYR D 143 -14.54 19.75 -14.94
C TYR D 143 -13.42 20.18 -15.87
N PHE D 144 -13.56 19.91 -17.17
CA PHE D 144 -12.53 20.29 -18.12
C PHE D 144 -12.45 21.81 -18.27
N ALA D 145 -13.60 22.49 -18.20
CA ALA D 145 -13.59 23.95 -18.25
C ALA D 145 -12.90 24.55 -17.03
N GLU D 146 -13.09 23.94 -15.86
CA GLU D 146 -12.38 24.38 -14.67
C GLU D 146 -10.88 24.10 -14.79
N TYR D 147 -10.53 22.89 -15.24
CA TYR D 147 -9.12 22.56 -15.45
C TYR D 147 -8.50 23.45 -16.52
N ALA D 148 -9.28 23.84 -17.53
CA ALA D 148 -8.75 24.75 -18.55
C ALA D 148 -8.55 26.15 -17.99
N SER D 149 -9.51 26.63 -17.19
CA SER D 149 -9.41 27.98 -16.64
C SER D 149 -8.23 28.10 -15.67
N LEU D 150 -7.90 27.02 -14.96
CA LEU D 150 -6.73 27.03 -14.09
C LEU D 150 -5.45 27.20 -14.88
N ILE D 151 -5.31 26.46 -16.00
CA ILE D 151 -4.09 26.52 -16.79
C ILE D 151 -3.88 27.92 -17.35
N TYR D 152 -4.97 28.59 -17.74
CA TYR D 152 -4.85 29.93 -18.30
C TYR D 152 -4.26 30.91 -17.29
N GLU D 153 -4.70 30.84 -16.03
CA GLU D 153 -4.28 31.81 -15.03
C GLU D 153 -2.89 31.50 -14.49
N ARG D 154 -2.50 30.23 -14.43
CA ARG D 154 -1.25 29.83 -13.80
C ARG D 154 -0.09 29.68 -14.77
N LEU D 155 -0.36 29.43 -16.05
CA LEU D 155 0.69 29.20 -17.03
C LEU D 155 0.51 30.03 -18.30
N GLY D 156 -0.42 30.99 -18.30
CA GLY D 156 -0.76 31.66 -19.55
C GLY D 156 0.38 32.44 -20.16
N ASP D 157 1.20 33.07 -19.32
CA ASP D 157 2.25 33.95 -19.85
C ASP D 157 3.27 33.17 -20.67
N GLY D 158 3.56 31.94 -20.29
CA GLY D 158 4.53 31.12 -20.99
C GLY D 158 3.97 30.34 -22.16
N ILE D 159 2.71 30.58 -22.54
CA ILE D 159 2.04 29.80 -23.58
C ILE D 159 1.56 30.76 -24.66
N ASP D 160 1.99 30.52 -25.91
CA ASP D 160 1.61 31.37 -27.02
C ASP D 160 0.22 31.02 -27.54
N ALA D 161 -0.10 29.73 -27.63
CA ALA D 161 -1.37 29.29 -28.17
C ALA D 161 -1.86 28.06 -27.43
N PHE D 162 -3.18 27.96 -27.26
CA PHE D 162 -3.82 26.84 -26.59
C PHE D 162 -4.56 25.97 -27.58
N ILE D 163 -4.60 24.68 -27.29
CA ILE D 163 -5.40 23.71 -28.04
C ILE D 163 -6.26 22.96 -27.05
N THR D 164 -7.58 23.11 -27.16
CA THR D 164 -8.49 22.52 -26.17
C THR D 164 -8.43 20.99 -26.22
N HIS D 165 -8.78 20.40 -27.36
CA HIS D 165 -8.83 18.95 -27.50
C HIS D 165 -7.96 18.52 -28.67
N ASN D 166 -7.49 17.27 -28.61
CA ASN D 166 -6.73 16.66 -29.69
C ASN D 166 -7.48 15.42 -30.17
N GLU D 167 -7.88 15.43 -31.44
CA GLU D 167 -8.55 14.32 -32.09
C GLU D 167 -9.71 13.78 -31.26
N PRO D 168 -10.82 14.51 -31.15
CA PRO D 168 -11.98 13.97 -30.42
C PRO D 168 -12.57 12.75 -31.08
N TRP D 169 -12.29 12.52 -32.37
CA TRP D 169 -12.77 11.32 -33.03
C TRP D 169 -12.22 10.06 -32.39
N CYS D 170 -10.94 10.07 -32.03
CA CYS D 170 -10.33 8.89 -31.42
C CYS D 170 -10.79 8.71 -29.98
N ALA D 171 -10.78 9.81 -29.20
CA ALA D 171 -11.21 9.72 -27.81
C ALA D 171 -12.65 9.20 -27.71
N ALA D 172 -13.53 9.69 -28.57
CA ALA D 172 -14.93 9.27 -28.52
C ALA D 172 -15.12 7.87 -29.09
N PHE D 173 -14.79 7.69 -30.37
CA PHE D 173 -15.16 6.47 -31.07
C PHE D 173 -14.17 5.33 -30.88
N LEU D 174 -12.87 5.61 -30.78
CA LEU D 174 -11.91 4.55 -30.50
C LEU D 174 -11.91 4.18 -29.03
N GLY D 175 -12.23 5.12 -28.15
CA GLY D 175 -12.21 4.87 -26.72
C GLY D 175 -13.51 4.30 -26.18
N HIS D 176 -14.63 4.59 -26.86
CA HIS D 176 -15.93 4.15 -26.39
C HIS D 176 -16.72 3.35 -27.41
N GLY D 177 -16.34 3.34 -28.68
CA GLY D 177 -17.06 2.59 -29.68
C GLY D 177 -16.36 1.31 -30.09
N PHE D 178 -15.13 1.42 -30.57
CA PHE D 178 -14.36 0.24 -30.97
C PHE D 178 -13.68 -0.43 -29.78
N GLY D 179 -13.29 0.35 -28.77
CA GLY D 179 -12.68 -0.20 -27.59
C GLY D 179 -11.20 -0.48 -27.68
N VAL D 180 -10.53 -0.01 -28.75
CA VAL D 180 -9.10 -0.24 -28.89
C VAL D 180 -8.27 0.78 -28.11
N HIS D 181 -8.85 1.94 -27.80
CA HIS D 181 -8.20 2.95 -26.99
C HIS D 181 -8.92 3.06 -25.65
N ALA D 182 -8.26 3.73 -24.69
CA ALA D 182 -8.84 3.91 -23.37
C ALA D 182 -10.11 4.75 -23.46
N PRO D 183 -11.12 4.47 -22.62
CA PRO D 183 -11.12 3.46 -21.55
C PRO D 183 -11.42 2.05 -22.04
N GLY D 184 -11.64 1.88 -23.35
CA GLY D 184 -11.84 0.57 -23.91
C GLY D 184 -13.27 0.06 -23.90
N HIS D 185 -14.25 0.95 -23.93
CA HIS D 185 -15.64 0.54 -23.98
C HIS D 185 -16.06 0.31 -25.43
N THR D 186 -17.09 -0.53 -25.60
CA THR D 186 -17.60 -0.88 -26.92
C THR D 186 -19.12 -0.70 -26.94
N ASP D 187 -19.55 0.54 -26.76
CA ASP D 187 -20.97 0.92 -26.75
C ASP D 187 -21.12 2.12 -27.66
N TRP D 188 -21.83 1.95 -28.77
CA TRP D 188 -21.84 2.99 -29.79
C TRP D 188 -22.73 4.17 -29.42
N ARG D 189 -23.75 3.96 -28.58
CA ARG D 189 -24.47 5.10 -28.04
C ARG D 189 -23.60 5.90 -27.08
N GLU D 190 -22.84 5.20 -26.24
CA GLU D 190 -21.92 5.88 -25.33
C GLU D 190 -20.86 6.67 -26.09
N ALA D 191 -20.47 6.19 -27.27
CA ALA D 191 -19.42 6.86 -28.04
C ALA D 191 -19.90 8.18 -28.61
N PHE D 192 -21.08 8.19 -29.22
CA PHE D 192 -21.64 9.44 -29.74
C PHE D 192 -22.06 10.36 -28.61
N GLN D 193 -22.42 9.80 -27.45
CA GLN D 193 -22.68 10.61 -26.27
C GLN D 193 -21.40 11.24 -25.75
N ALA D 194 -20.29 10.50 -25.81
CA ALA D 194 -19.00 11.06 -25.41
C ALA D 194 -18.53 12.11 -26.41
N ALA D 195 -18.82 11.90 -27.70
CA ALA D 195 -18.39 12.86 -28.71
C ALA D 195 -19.06 14.22 -28.51
N HIS D 196 -20.33 14.22 -28.11
CA HIS D 196 -21.01 15.49 -27.85
C HIS D 196 -20.45 16.18 -26.62
N HIS D 197 -20.13 15.41 -25.58
CA HIS D 197 -19.60 16.00 -24.36
C HIS D 197 -18.16 16.46 -24.54
N ILE D 198 -17.39 15.79 -25.41
CA ILE D 198 -16.07 16.30 -25.75
C ILE D 198 -16.18 17.62 -26.50
N LEU D 199 -17.08 17.68 -27.48
CA LEU D 199 -17.34 18.93 -28.18
C LEU D 199 -17.85 20.00 -27.22
N TYR D 200 -18.76 19.62 -26.32
CA TYR D 200 -19.29 20.57 -25.34
C TYR D 200 -18.18 21.07 -24.42
N SER D 201 -17.27 20.19 -24.01
CA SER D 201 -16.16 20.62 -23.16
C SER D 201 -15.25 21.60 -23.90
N HIS D 202 -15.13 21.46 -25.22
CA HIS D 202 -14.32 22.40 -25.98
C HIS D 202 -14.93 23.80 -25.95
N GLY D 203 -16.25 23.90 -26.11
CA GLY D 203 -16.89 25.21 -26.10
C GLY D 203 -16.78 25.89 -24.76
N LEU D 204 -16.95 25.13 -23.67
CA LEU D 204 -16.80 25.71 -22.34
C LEU D 204 -15.38 26.21 -22.11
N ALA D 205 -14.39 25.49 -22.65
CA ALA D 205 -13.00 25.92 -22.50
C ALA D 205 -12.71 27.17 -23.33
N VAL D 206 -13.40 27.34 -24.46
CA VAL D 206 -13.21 28.54 -25.27
C VAL D 206 -13.84 29.74 -24.57
N GLN D 207 -15.03 29.55 -24.00
CA GLN D 207 -15.66 30.63 -23.23
C GLN D 207 -14.81 31.01 -22.03
N ALA D 208 -14.25 30.02 -21.33
CA ALA D 208 -13.39 30.30 -20.19
C ALA D 208 -12.12 31.02 -20.60
N HIS D 209 -11.65 30.80 -21.84
CA HIS D 209 -10.45 31.49 -22.30
C HIS D 209 -10.75 32.95 -22.65
N ARG D 210 -11.91 33.21 -23.28
CA ARG D 210 -12.26 34.58 -23.64
C ARG D 210 -12.35 35.48 -22.42
N ALA D 211 -12.58 34.91 -21.23
CA ALA D 211 -12.54 35.66 -19.98
C ALA D 211 -11.33 35.28 -19.13
N SER D 212 -10.37 34.54 -19.69
CA SER D 212 -9.24 34.03 -18.92
C SER D 212 -8.17 35.09 -18.68
N SER D 213 -8.16 36.16 -19.47
CA SER D 213 -7.11 37.18 -19.50
C SER D 213 -5.82 36.68 -20.14
N HIS D 214 -5.83 35.50 -20.75
CA HIS D 214 -4.68 35.06 -21.52
C HIS D 214 -4.57 35.89 -22.79
N LYS D 215 -3.33 36.21 -23.17
CA LYS D 215 -3.12 37.11 -24.31
C LYS D 215 -3.21 36.40 -25.65
N GLY D 216 -2.89 35.11 -25.70
CA GLY D 216 -2.73 34.40 -26.95
C GLY D 216 -4.03 33.95 -27.58
N GLN D 217 -3.94 32.86 -28.35
CA GLN D 217 -5.05 32.33 -29.13
C GLN D 217 -5.44 30.95 -28.62
N ILE D 218 -6.63 30.51 -29.05
CA ILE D 218 -7.17 29.21 -28.66
C ILE D 218 -7.75 28.53 -29.88
N GLY D 219 -7.74 27.21 -29.88
CA GLY D 219 -8.33 26.45 -30.97
C GLY D 219 -8.55 25.00 -30.59
N ILE D 220 -8.84 24.20 -31.61
CA ILE D 220 -9.06 22.78 -31.45
C ILE D 220 -8.31 22.05 -32.56
N THR D 221 -7.77 20.88 -32.24
CA THR D 221 -7.04 20.05 -33.20
C THR D 221 -7.94 18.87 -33.60
N LEU D 222 -8.20 18.76 -34.89
CA LEU D 222 -9.05 17.70 -35.43
C LEU D 222 -8.25 16.88 -36.44
N ASN D 223 -8.36 15.56 -36.34
CA ASN D 223 -7.72 14.70 -37.32
C ASN D 223 -8.68 14.38 -38.45
N PHE D 224 -8.12 14.23 -39.65
CA PHE D 224 -8.89 13.92 -40.84
C PHE D 224 -8.22 12.80 -41.61
N THR D 225 -9.03 11.92 -42.19
CA THR D 225 -8.57 10.93 -43.16
C THR D 225 -9.40 11.13 -44.42
N TRP D 226 -8.81 11.76 -45.43
CA TRP D 226 -9.50 11.97 -46.70
C TRP D 226 -9.97 10.63 -47.25
N VAL D 227 -11.18 10.61 -47.81
CA VAL D 227 -11.79 9.40 -48.30
C VAL D 227 -12.12 9.56 -49.78
N ASP D 228 -11.77 8.57 -50.57
CA ASP D 228 -12.15 8.49 -51.98
C ASP D 228 -12.84 7.15 -52.19
N ALA D 229 -13.99 7.18 -52.87
CA ALA D 229 -14.74 5.97 -53.14
C ALA D 229 -13.89 4.97 -53.93
N ALA D 230 -14.16 3.69 -53.72
CA ALA D 230 -13.41 2.64 -54.43
C ALA D 230 -13.60 2.77 -55.94
N THR D 231 -14.85 2.89 -56.38
CA THR D 231 -15.16 3.06 -57.80
C THR D 231 -16.21 4.15 -57.94
N ASP D 232 -16.66 4.33 -59.19
CA ASP D 232 -17.75 5.26 -59.50
C ASP D 232 -19.11 4.74 -59.07
N SER D 233 -19.17 3.51 -58.55
CA SER D 233 -20.44 2.86 -58.27
C SER D 233 -21.27 3.69 -57.29
N ALA D 234 -22.57 3.74 -57.53
CA ALA D 234 -23.47 4.56 -56.73
C ALA D 234 -23.46 4.15 -55.26
N THR D 235 -23.25 2.86 -54.97
CA THR D 235 -23.23 2.45 -53.58
C THR D 235 -21.85 2.65 -52.95
N ASP D 236 -20.80 2.71 -53.77
CA ASP D 236 -19.50 3.17 -53.27
C ASP D 236 -19.46 4.68 -53.13
N GLN D 237 -20.19 5.40 -53.99
CA GLN D 237 -20.35 6.84 -53.79
C GLN D 237 -21.05 7.13 -52.47
N ALA D 238 -22.04 6.31 -52.11
CA ALA D 238 -22.76 6.53 -50.86
C ALA D 238 -21.90 6.17 -49.66
N ALA D 239 -21.16 5.07 -49.74
CA ALA D 239 -20.34 4.64 -48.61
C ALA D 239 -19.22 5.64 -48.33
N ALA D 240 -18.63 6.21 -49.37
CA ALA D 240 -17.57 7.19 -49.17
C ALA D 240 -18.10 8.47 -48.52
N GLU D 241 -19.36 8.82 -48.79
CA GLU D 241 -19.95 9.98 -48.14
C GLU D 241 -20.25 9.71 -46.67
N VAL D 242 -20.63 8.47 -46.34
CA VAL D 242 -20.85 8.12 -44.94
C VAL D 242 -19.54 8.11 -44.18
N SER D 243 -18.50 7.50 -44.78
CA SER D 243 -17.18 7.51 -44.16
C SER D 243 -16.63 8.93 -44.05
N HIS D 244 -16.96 9.80 -45.01
CA HIS D 244 -16.50 11.18 -44.95
C HIS D 244 -17.12 11.91 -43.76
N ALA D 245 -18.44 11.83 -43.62
CA ALA D 245 -19.10 12.49 -42.51
C ALA D 245 -18.67 11.90 -41.17
N PHE D 246 -18.41 10.60 -41.13
CA PHE D 246 -18.02 9.97 -39.87
C PHE D 246 -16.66 10.46 -39.41
N ASN D 247 -15.68 10.52 -40.32
CA ASN D 247 -14.32 10.85 -39.94
C ASN D 247 -14.05 12.35 -39.94
N ASN D 248 -14.60 13.08 -40.90
CA ASN D 248 -14.17 14.45 -41.15
C ASN D 248 -15.22 15.51 -40.85
N ARG D 249 -16.51 15.16 -40.85
CA ARG D 249 -17.56 16.17 -40.70
C ARG D 249 -18.20 16.18 -39.31
N TRP D 250 -18.05 15.11 -38.53
CA TRP D 250 -18.82 15.02 -37.29
C TRP D 250 -18.38 16.06 -36.27
N PHE D 251 -17.12 16.48 -36.30
CA PHE D 251 -16.61 17.44 -35.34
C PHE D 251 -16.34 18.81 -35.94
N LEU D 252 -15.82 18.86 -37.18
CA LEU D 252 -15.47 20.14 -37.78
C LEU D 252 -16.70 21.03 -37.97
N GLU D 253 -17.78 20.45 -38.46
CA GLU D 253 -18.96 21.24 -38.81
C GLU D 253 -19.69 21.79 -37.58
N PRO D 254 -19.84 21.02 -36.49
CA PRO D 254 -20.36 21.65 -35.26
C PRO D 254 -19.47 22.76 -34.74
N VAL D 255 -18.15 22.62 -34.88
CA VAL D 255 -17.24 23.69 -34.50
C VAL D 255 -17.45 24.90 -35.39
N ALA D 256 -17.78 24.67 -36.67
CA ALA D 256 -18.02 25.75 -37.62
C ALA D 256 -19.42 26.35 -37.51
N GLY D 257 -20.18 26.01 -36.46
CA GLY D 257 -21.51 26.55 -36.31
C GLY D 257 -22.53 25.98 -37.25
N ARG D 258 -22.32 24.77 -37.76
CA ARG D 258 -23.22 24.13 -38.70
C ARG D 258 -23.95 22.93 -38.12
N GLY D 259 -23.70 22.58 -36.87
CA GLY D 259 -24.31 21.40 -36.29
C GLY D 259 -23.76 20.11 -36.88
N TYR D 260 -24.28 19.00 -36.39
CA TYR D 260 -23.87 17.70 -36.88
C TYR D 260 -24.33 17.51 -38.32
N PRO D 261 -23.55 16.78 -39.14
CA PRO D 261 -24.01 16.43 -40.49
C PRO D 261 -25.32 15.66 -40.43
N GLN D 262 -26.40 16.28 -40.92
CA GLN D 262 -27.74 15.79 -40.63
C GLN D 262 -28.01 14.43 -41.29
N GLU D 263 -27.67 14.30 -42.57
CA GLU D 263 -27.98 13.05 -43.27
C GLU D 263 -27.24 11.87 -42.66
N PHE D 264 -26.04 12.10 -42.12
CA PHE D 264 -25.33 11.05 -41.41
C PHE D 264 -25.86 10.84 -40.00
N GLN D 265 -26.34 11.91 -39.36
CA GLN D 265 -26.84 11.79 -38.00
C GLN D 265 -28.10 10.94 -37.94
N GLN D 266 -29.01 11.10 -38.90
CA GLN D 266 -30.22 10.29 -38.91
C GLN D 266 -29.92 8.84 -39.24
N LEU D 267 -28.80 8.55 -39.90
CA LEU D 267 -28.35 7.17 -40.02
C LEU D 267 -27.86 6.65 -38.68
N VAL D 268 -27.17 7.49 -37.92
CA VAL D 268 -26.69 7.09 -36.59
C VAL D 268 -27.87 6.87 -35.65
N GLU D 269 -28.83 7.80 -35.65
CA GLU D 269 -30.03 7.63 -34.83
C GLU D 269 -30.81 6.39 -35.25
N GLN D 270 -30.72 6.01 -36.53
CA GLN D 270 -31.36 4.78 -36.99
C GLN D 270 -30.74 3.57 -36.31
N ARG D 271 -29.41 3.53 -36.25
CA ARG D 271 -28.71 2.40 -35.64
C ARG D 271 -28.83 2.40 -34.12
N ILE D 272 -29.05 3.57 -33.52
CA ILE D 272 -29.18 3.67 -32.07
C ILE D 272 -30.56 4.23 -31.72
N GLY D 273 -30.63 5.55 -31.59
CA GLY D 273 -31.88 6.20 -31.25
C GLY D 273 -31.69 7.70 -31.25
N GLN D 274 -32.78 8.40 -30.93
CA GLN D 274 -32.74 9.85 -30.90
C GLN D 274 -31.71 10.34 -29.87
N PHE D 275 -30.96 11.37 -30.25
CA PHE D 275 -29.93 11.93 -29.39
C PHE D 275 -30.54 12.71 -28.24
N ASP D 276 -30.72 12.07 -27.09
CA ASP D 276 -31.27 12.72 -25.92
C ASP D 276 -30.23 13.49 -25.12
N PHE D 277 -28.98 13.57 -25.61
CA PHE D 277 -27.92 14.25 -24.91
C PHE D 277 -27.58 15.61 -25.51
N VAL D 278 -28.29 16.04 -26.54
CA VAL D 278 -28.05 17.33 -27.18
C VAL D 278 -29.06 18.31 -26.59
N ARG D 279 -28.68 18.97 -25.51
CA ARG D 279 -29.56 19.96 -24.90
C ARG D 279 -29.55 21.24 -25.72
N GLN D 280 -30.63 22.01 -25.59
CA GLN D 280 -30.76 23.25 -26.34
C GLN D 280 -29.72 24.26 -25.87
N GLY D 281 -29.00 24.83 -26.83
CA GLY D 281 -27.90 25.73 -26.54
C GLY D 281 -26.54 25.07 -26.56
N ASP D 282 -26.47 23.75 -26.68
CA ASP D 282 -25.19 23.08 -26.72
C ASP D 282 -24.39 23.48 -27.95
N LEU D 283 -24.95 23.24 -29.15
CA LEU D 283 -24.23 23.54 -30.39
C LEU D 283 -23.84 25.01 -30.49
N ALA D 284 -24.56 25.90 -29.81
CA ALA D 284 -24.15 27.29 -29.77
C ALA D 284 -22.88 27.45 -28.95
N VAL D 285 -22.81 26.79 -27.78
CA VAL D 285 -21.58 26.78 -27.00
C VAL D 285 -20.48 26.04 -27.76
N ILE D 286 -20.81 24.89 -28.34
CA ILE D 286 -19.85 24.15 -29.16
C ILE D 286 -19.22 25.06 -30.21
N ALA D 287 -20.04 25.89 -30.87
CA ALA D 287 -19.58 26.72 -31.99
C ALA D 287 -18.96 28.03 -31.52
N GLU D 288 -18.44 28.09 -30.30
CA GLU D 288 -17.80 29.31 -29.83
C GLU D 288 -16.63 29.65 -30.76
N PRO D 289 -16.56 30.88 -31.27
CA PRO D 289 -15.53 31.22 -32.27
C PRO D 289 -14.13 30.98 -31.74
N ILE D 290 -13.34 30.25 -32.52
CA ILE D 290 -11.98 29.92 -32.17
C ILE D 290 -11.04 30.82 -32.95
N ASP D 291 -9.76 30.79 -32.57
CA ASP D 291 -8.76 31.62 -33.24
C ASP D 291 -7.99 30.87 -34.33
N PHE D 292 -7.96 29.53 -34.28
CA PHE D 292 -7.29 28.75 -35.31
C PHE D 292 -7.84 27.33 -35.26
N LEU D 293 -7.49 26.56 -36.28
CA LEU D 293 -7.92 25.16 -36.40
C LEU D 293 -6.70 24.29 -36.67
N GLY D 294 -6.57 23.22 -35.89
CA GLY D 294 -5.46 22.30 -36.01
C GLY D 294 -5.81 21.09 -36.84
N ILE D 295 -5.16 20.95 -38.00
CA ILE D 295 -5.39 19.85 -38.91
C ILE D 295 -4.37 18.75 -38.64
N ASN D 296 -4.85 17.52 -38.45
CA ASN D 296 -4.00 16.36 -38.27
C ASN D 296 -4.24 15.42 -39.45
N PHE D 297 -3.28 15.34 -40.35
CA PHE D 297 -3.38 14.49 -41.53
C PHE D 297 -2.23 13.49 -41.55
N TYR D 298 -2.53 12.28 -42.03
CA TYR D 298 -1.52 11.24 -42.18
C TYR D 298 -1.70 10.49 -43.49
N THR D 299 -2.94 10.15 -43.80
CA THR D 299 -3.23 9.32 -44.97
C THR D 299 -4.66 9.56 -45.42
N ARG D 300 -4.95 9.10 -46.64
CA ARG D 300 -6.31 8.98 -47.11
C ARG D 300 -6.84 7.59 -46.79
N SER D 301 -8.12 7.39 -47.06
CA SER D 301 -8.75 6.07 -46.93
C SER D 301 -9.56 5.78 -48.18
N VAL D 302 -9.48 4.54 -48.64
CA VAL D 302 -10.26 4.07 -49.78
C VAL D 302 -11.38 3.19 -49.24
N VAL D 303 -12.62 3.54 -49.55
CA VAL D 303 -13.79 2.97 -48.90
C VAL D 303 -14.73 2.43 -49.97
N ALA D 304 -15.23 1.22 -49.77
CA ALA D 304 -16.27 0.63 -50.61
C ALA D 304 -17.43 0.19 -49.72
N ALA D 305 -18.60 0.03 -50.34
CA ALA D 305 -19.78 -0.38 -49.60
C ALA D 305 -19.63 -1.80 -49.08
N ASN D 306 -20.30 -2.07 -47.95
CA ASN D 306 -20.19 -3.36 -47.29
C ASN D 306 -21.46 -3.64 -46.50
N PRO D 307 -22.33 -4.55 -46.97
CA PRO D 307 -23.55 -4.91 -46.26
C PRO D 307 -23.28 -5.61 -44.93
N ASP D 309 -20.84 -5.06 -41.99
CA ASP D 309 -21.03 -3.91 -41.13
C ASP D 309 -22.52 -3.65 -40.89
N ALA D 310 -22.96 -3.91 -39.67
CA ALA D 310 -24.33 -3.61 -39.27
C ALA D 310 -24.51 -2.17 -38.79
N LEU D 311 -23.43 -1.41 -38.70
CA LEU D 311 -23.49 -0.03 -38.20
C LEU D 311 -23.63 0.96 -39.35
N PHE D 312 -22.56 1.17 -40.10
CA PHE D 312 -22.56 2.16 -41.18
C PHE D 312 -22.39 1.57 -42.57
N GLY D 313 -21.95 0.32 -42.68
CA GLY D 313 -21.83 -0.32 -43.98
C GLY D 313 -20.62 0.11 -44.77
N LEU D 314 -19.46 0.14 -44.12
CA LEU D 314 -18.23 0.62 -44.73
C LEU D 314 -17.16 -0.48 -44.69
N ARG D 315 -16.23 -0.40 -45.64
CA ARG D 315 -15.08 -1.29 -45.66
C ARG D 315 -13.90 -0.53 -46.25
N THR D 316 -12.81 -0.44 -45.50
CA THR D 316 -11.58 0.16 -45.98
C THR D 316 -10.71 -0.90 -46.65
N LEU D 317 -9.97 -0.48 -47.67
CA LEU D 317 -9.22 -1.41 -48.50
C LEU D 317 -7.79 -1.59 -48.00
N GLU D 318 -7.04 -0.49 -47.90
CA GLU D 318 -5.64 -0.55 -47.47
C GLU D 318 -5.38 0.37 -46.28
N ASP D 322 2.86 -1.66 -50.40
CA ASP D 322 3.60 -1.12 -51.54
C ASP D 322 3.88 0.36 -51.35
N ASN D 323 2.90 1.08 -50.81
CA ASN D 323 3.00 2.51 -50.58
C ASN D 323 2.46 2.85 -49.20
N ARG D 324 2.69 1.97 -48.23
CA ARG D 324 2.18 2.12 -46.88
C ARG D 324 3.32 2.19 -45.88
N THR D 325 3.02 2.75 -44.71
CA THR D 325 3.99 2.89 -43.64
C THR D 325 3.86 1.70 -42.69
N GLU D 326 4.57 1.76 -41.55
CA GLU D 326 4.48 0.71 -40.55
C GLU D 326 3.15 0.71 -39.83
N MET D 327 2.36 1.77 -39.97
CA MET D 327 0.96 1.75 -39.53
C MET D 327 0.03 1.16 -40.58
N GLY D 328 0.55 0.84 -41.77
CA GLY D 328 -0.28 0.36 -42.86
C GLY D 328 -1.00 1.45 -43.62
N TRP D 329 -0.57 2.70 -43.48
CA TRP D 329 -1.27 3.85 -44.06
C TRP D 329 -0.62 4.23 -45.39
N GLU D 330 -1.45 4.37 -46.43
CA GLU D 330 -0.97 4.81 -47.72
C GLU D 330 -0.38 6.21 -47.62
N ILE D 331 0.75 6.41 -48.31
CA ILE D 331 1.40 7.72 -48.38
C ILE D 331 0.83 8.44 -49.60
N HIS D 332 -0.16 9.31 -49.38
CA HIS D 332 -0.86 10.01 -50.45
C HIS D 332 -0.72 11.52 -50.21
N PRO D 333 0.35 12.13 -50.72
CA PRO D 333 0.56 13.56 -50.46
C PRO D 333 -0.52 14.46 -51.04
N ASP D 334 -1.08 14.12 -52.20
CA ASP D 334 -2.09 14.98 -52.80
C ASP D 334 -3.37 15.01 -51.98
N SER D 335 -3.64 13.94 -51.20
CA SER D 335 -4.82 13.93 -50.36
C SER D 335 -4.78 15.00 -49.28
N LEU D 336 -3.58 15.45 -48.89
CA LEU D 336 -3.47 16.56 -47.95
C LEU D 336 -3.96 17.86 -48.58
N TYR D 337 -3.56 18.11 -49.83
CA TYR D 337 -4.06 19.29 -50.52
C TYR D 337 -5.58 19.26 -50.65
N ARG D 338 -6.12 18.11 -51.08
CA ARG D 338 -7.57 17.96 -51.18
C ARG D 338 -8.24 18.22 -49.83
N LEU D 339 -7.60 17.80 -48.75
CA LEU D 339 -8.16 18.01 -47.42
C LEU D 339 -8.21 19.49 -47.06
N LEU D 340 -7.10 20.20 -47.28
CA LEU D 340 -7.03 21.61 -46.90
C LEU D 340 -8.01 22.45 -47.72
N THR D 341 -8.22 22.10 -48.99
CA THR D 341 -9.19 22.83 -49.81
C THR D 341 -10.58 22.71 -49.22
N TRP D 342 -10.96 21.50 -48.82
CA TRP D 342 -12.32 21.29 -48.31
C TRP D 342 -12.48 21.93 -46.93
N VAL D 343 -11.47 21.83 -46.07
CA VAL D 343 -11.53 22.48 -44.77
C VAL D 343 -11.67 23.99 -44.93
N GLN D 344 -10.91 24.56 -45.88
CA GLN D 344 -11.06 25.99 -46.17
C GLN D 344 -12.46 26.32 -46.66
N SER D 345 -13.08 25.40 -47.42
CA SER D 345 -14.45 25.62 -47.86
C SER D 345 -15.44 25.67 -46.71
N VAL D 346 -15.06 25.16 -45.54
CA VAL D 346 -15.93 25.15 -44.37
C VAL D 346 -15.54 26.22 -43.36
N THR D 347 -14.24 26.47 -43.18
CA THR D 347 -13.77 27.42 -42.19
C THR D 347 -13.38 28.77 -42.79
N GLY D 348 -13.33 28.88 -44.12
CA GLY D 348 -13.12 30.18 -44.72
C GLY D 348 -11.70 30.67 -44.51
N GLN D 349 -11.58 31.87 -43.95
CA GLN D 349 -10.30 32.51 -43.72
C GLN D 349 -9.78 32.31 -42.30
N LEU D 350 -10.36 31.39 -41.55
CA LEU D 350 -9.84 31.07 -40.23
C LEU D 350 -8.42 30.53 -40.36
N PRO D 351 -7.46 31.00 -39.57
CA PRO D 351 -6.10 30.48 -39.67
C PRO D 351 -6.05 28.98 -39.43
N LEU D 352 -5.19 28.30 -40.18
CA LEU D 352 -5.09 26.85 -40.15
C LEU D 352 -3.66 26.44 -39.86
N TYR D 353 -3.48 25.52 -38.92
CA TYR D 353 -2.19 24.95 -38.59
C TYR D 353 -2.26 23.44 -38.76
N ILE D 354 -1.32 22.87 -39.52
CA ILE D 354 -1.14 21.42 -39.51
C ILE D 354 -0.43 21.08 -38.22
N THR D 355 -1.17 20.53 -37.26
CA THR D 355 -0.62 20.27 -35.94
C THR D 355 0.05 18.91 -35.82
N GLU D 356 -0.24 17.98 -36.74
CA GLU D 356 0.40 16.67 -36.72
C GLU D 356 0.46 16.13 -38.14
N ASN D 357 1.63 15.62 -38.51
CA ASN D 357 1.85 15.04 -39.83
C ASN D 357 3.17 14.27 -39.85
N GLY D 358 3.13 12.99 -40.20
CA GLY D 358 4.34 12.20 -40.19
C GLY D 358 4.03 10.77 -40.57
N ALA D 359 5.06 9.93 -40.51
CA ALA D 359 4.94 8.53 -40.85
C ALA D 359 5.80 7.69 -39.90
N ALA D 360 5.44 6.43 -39.78
CA ALA D 360 6.18 5.47 -38.96
C ALA D 360 6.92 4.52 -39.90
N PHE D 361 8.25 4.59 -39.87
CA PHE D 361 9.10 3.70 -40.64
C PHE D 361 9.96 2.86 -39.71
N ALA D 362 10.32 1.67 -40.16
CA ALA D 362 11.16 0.75 -39.38
C ALA D 362 12.57 1.33 -39.31
N ASP D 363 12.74 2.33 -38.44
CA ASP D 363 14.03 2.97 -38.28
C ASP D 363 15.00 2.06 -37.53
N GLU D 364 16.23 1.99 -38.04
CA GLU D 364 17.25 1.14 -37.46
C GLU D 364 18.58 1.91 -37.40
N PRO D 365 19.24 1.93 -36.24
CA PRO D 365 20.53 2.63 -36.15
C PRO D 365 21.71 1.72 -36.46
N VAL D 366 22.51 2.10 -37.45
CA VAL D 366 23.73 1.39 -37.79
C VAL D 366 24.90 2.37 -37.68
N ASN D 367 25.88 2.02 -36.85
CA ASN D 367 27.06 2.83 -36.60
C ASN D 367 26.69 4.28 -36.25
N GLY D 368 25.80 4.40 -35.27
CA GLY D 368 25.57 5.70 -34.65
C GLY D 368 24.80 6.71 -35.47
N ARG D 369 24.10 6.29 -36.52
CA ARG D 369 23.24 7.24 -37.22
C ARG D 369 22.18 6.48 -38.00
N VAL D 370 21.04 7.12 -38.16
CA VAL D 370 19.86 6.55 -38.79
C VAL D 370 19.59 7.34 -40.06
N GLU D 371 19.37 6.63 -41.16
CA GLU D 371 19.02 7.28 -42.43
C GLU D 371 17.62 6.82 -42.81
N ASP D 372 16.63 7.57 -42.36
CA ASP D 372 15.24 7.34 -42.71
C ASP D 372 14.87 8.21 -43.91
N VAL D 373 15.48 7.88 -45.05
CA VAL D 373 15.25 8.64 -46.27
C VAL D 373 13.79 8.63 -46.68
N ARG D 374 13.04 7.61 -46.26
CA ARG D 374 11.60 7.60 -46.51
C ARG D 374 10.88 8.68 -45.73
N ARG D 375 11.42 9.08 -44.58
CA ARG D 375 10.80 10.14 -43.79
C ARG D 375 11.07 11.52 -44.37
N ILE D 376 12.26 11.73 -44.94
CA ILE D 376 12.52 12.98 -45.66
C ILE D 376 11.59 13.10 -46.85
N HIS D 377 11.42 12.01 -47.60
CA HIS D 377 10.49 12.01 -48.72
C HIS D 377 9.07 12.30 -48.24
N TYR D 378 8.67 11.70 -47.11
CA TYR D 378 7.32 11.92 -46.59
C TYR D 378 7.12 13.38 -46.18
N ILE D 379 8.07 13.95 -45.44
CA ILE D 379 7.95 15.33 -44.99
C ILE D 379 7.93 16.27 -46.18
N ALA D 380 8.89 16.11 -47.10
CA ALA D 380 8.98 16.99 -48.25
C ALA D 380 7.78 16.84 -49.18
N ASP D 381 7.21 15.64 -49.26
CA ASP D 381 6.00 15.44 -50.06
C ASP D 381 4.85 16.27 -49.52
N HIS D 382 4.55 16.14 -48.23
CA HIS D 382 3.43 16.89 -47.68
C HIS D 382 3.76 18.37 -47.55
N LEU D 383 5.04 18.72 -47.39
CA LEU D 383 5.41 20.13 -47.36
C LEU D 383 5.17 20.80 -48.70
N GLU D 384 5.38 20.07 -49.80
CA GLU D 384 5.03 20.62 -51.11
C GLU D 384 3.52 20.74 -51.27
N ALA D 385 2.80 19.71 -50.85
CA ALA D 385 1.34 19.77 -50.85
C ALA D 385 0.85 20.89 -49.95
N ALA D 386 1.57 21.18 -48.86
CA ALA D 386 1.21 22.30 -48.01
C ALA D 386 1.43 23.63 -48.72
N LYS D 387 2.47 23.71 -49.54
CA LYS D 387 2.76 24.96 -50.24
C LYS D 387 1.77 25.22 -51.37
N ARG D 388 1.32 24.16 -52.06
CA ARG D 388 0.32 24.33 -53.10
C ARG D 388 -0.97 24.93 -52.54
N PHE D 389 -1.28 24.62 -51.28
CA PHE D 389 -2.51 25.15 -50.68
C PHE D 389 -2.37 26.64 -50.38
N VAL D 390 -1.23 27.07 -49.85
CA VAL D 390 -1.04 28.49 -49.58
C VAL D 390 -0.80 29.27 -50.86
N ASP D 391 -0.24 28.62 -51.89
CA ASP D 391 -0.11 29.27 -53.19
C ASP D 391 -1.48 29.49 -53.85
N ALA D 392 -2.51 28.78 -53.40
CA ALA D 392 -3.87 29.00 -53.85
C ALA D 392 -4.65 29.96 -52.96
N GLY D 393 -3.99 30.57 -51.98
CA GLY D 393 -4.65 31.50 -51.09
C GLY D 393 -5.15 30.90 -49.79
N GLY D 394 -4.56 29.81 -49.34
CA GLY D 394 -5.00 29.14 -48.14
C GLY D 394 -4.38 29.72 -46.88
N PRO D 395 -5.19 29.84 -45.82
CA PRO D 395 -4.67 30.39 -44.57
C PRO D 395 -3.89 29.39 -43.74
N LEU D 396 -3.04 28.60 -44.39
CA LEU D 396 -2.17 27.67 -43.68
C LEU D 396 -1.00 28.45 -43.10
N LYS D 397 -0.92 28.50 -41.76
CA LYS D 397 0.04 29.36 -41.09
C LYS D 397 1.14 28.60 -40.36
N GLY D 398 1.05 27.27 -40.26
CA GLY D 398 2.05 26.52 -39.53
C GLY D 398 1.99 25.05 -39.84
N TYR D 399 3.13 24.38 -39.64
CA TYR D 399 3.26 22.94 -39.88
C TYR D 399 4.00 22.33 -38.70
N PHE D 400 3.33 21.43 -37.98
CA PHE D 400 3.92 20.75 -36.84
C PHE D 400 4.18 19.29 -37.20
N LEU D 401 5.42 18.87 -37.08
CA LEU D 401 5.80 17.50 -37.40
C LEU D 401 5.58 16.59 -36.21
N TRP D 402 5.06 15.39 -36.47
CA TRP D 402 4.93 14.36 -35.45
C TRP D 402 5.86 13.22 -35.80
N SER D 403 6.74 12.86 -34.86
CA SER D 403 6.85 13.59 -33.60
C SER D 403 8.27 14.10 -33.46
N PHE D 404 8.55 14.84 -32.39
CA PHE D 404 9.93 15.25 -32.14
C PHE D 404 10.82 14.03 -31.90
N MET D 405 10.28 12.99 -31.26
CA MET D 405 11.03 11.78 -31.01
C MET D 405 10.08 10.60 -30.97
N ASP D 406 10.63 9.40 -31.16
CA ASP D 406 9.82 8.19 -31.05
C ASP D 406 9.21 8.09 -29.65
N ASN D 407 8.02 7.50 -29.58
CA ASN D 407 7.31 7.46 -28.31
C ASN D 407 6.26 6.36 -28.34
N PHE D 408 5.64 6.14 -27.19
CA PHE D 408 4.54 5.20 -27.00
C PHE D 408 3.39 5.52 -27.95
N GLU D 409 3.19 4.68 -28.97
CA GLU D 409 2.11 4.90 -29.93
C GLU D 409 0.87 4.11 -29.51
N TRP D 410 0.39 4.41 -28.31
CA TRP D 410 -0.88 3.94 -27.79
C TRP D 410 -1.01 2.42 -27.86
N ALA D 411 -2.06 1.93 -28.53
CA ALA D 411 -2.36 0.51 -28.52
C ALA D 411 -1.28 -0.33 -29.20
N LEU D 412 -0.39 0.29 -29.96
CA LEU D 412 0.72 -0.42 -30.58
C LEU D 412 1.99 -0.36 -29.76
N GLY D 413 1.95 0.28 -28.58
CA GLY D 413 3.13 0.34 -27.75
C GLY D 413 4.23 1.17 -28.40
N TYR D 414 5.46 0.65 -28.32
CA TYR D 414 6.62 1.32 -28.88
C TYR D 414 7.06 0.70 -30.20
N SER D 415 6.15 0.01 -30.89
CA SER D 415 6.46 -0.66 -32.15
C SER D 415 6.43 0.29 -33.35
N LYS D 416 6.06 1.55 -33.16
CA LYS D 416 5.99 2.52 -34.25
C LYS D 416 6.77 3.76 -33.84
N ARG D 417 7.76 4.12 -34.66
CA ARG D 417 8.67 5.23 -34.37
C ARG D 417 8.35 6.38 -35.31
N PHE D 418 7.47 7.28 -34.85
CA PHE D 418 7.06 8.44 -35.63
C PHE D 418 8.02 9.61 -35.55
N GLY D 419 8.99 9.57 -34.63
CA GLY D 419 9.76 10.76 -34.34
C GLY D 419 10.92 10.99 -35.30
N MET D 420 11.38 12.24 -35.30
CA MET D 420 12.59 12.64 -36.00
C MET D 420 13.83 12.53 -35.14
N VAL D 421 13.69 12.06 -33.90
CA VAL D 421 14.81 11.80 -33.01
C VAL D 421 14.67 10.38 -32.49
N TYR D 422 15.63 9.52 -32.82
CA TYR D 422 15.58 8.14 -32.38
C TYR D 422 15.80 8.05 -30.89
N VAL D 423 15.03 7.19 -30.22
CA VAL D 423 15.15 6.96 -28.79
C VAL D 423 15.39 5.46 -28.57
N ASP D 424 16.53 5.13 -27.99
CA ASP D 424 16.84 3.75 -27.60
C ASP D 424 16.38 3.59 -26.15
N TYR D 425 15.22 2.96 -25.97
CA TYR D 425 14.50 2.99 -24.70
C TYR D 425 15.20 2.24 -23.57
N GLU D 426 16.33 1.60 -23.87
CA GLU D 426 17.15 1.01 -22.83
C GLU D 426 18.29 1.92 -22.40
N SER D 427 18.78 2.77 -23.31
CA SER D 427 19.75 3.79 -22.96
C SER D 427 19.10 5.13 -22.71
N GLN D 428 17.90 5.35 -23.25
CA GLN D 428 17.20 6.63 -23.30
C GLN D 428 17.98 7.68 -24.07
N GLN D 429 18.96 7.27 -24.86
CA GLN D 429 19.74 8.22 -25.66
C GLN D 429 18.91 8.74 -26.82
N ARG D 430 19.10 10.02 -27.14
CA ARG D 430 18.39 10.67 -28.24
C ARG D 430 19.35 10.78 -29.41
N LEU D 431 19.08 10.01 -30.46
CA LEU D 431 19.90 10.02 -31.68
C LEU D 431 19.10 10.72 -32.77
N VAL D 432 19.54 11.93 -33.15
CA VAL D 432 18.79 12.72 -34.12
C VAL D 432 18.76 12.00 -35.45
N LYS D 433 17.56 11.89 -36.03
CA LYS D 433 17.40 11.18 -37.28
C LYS D 433 17.82 12.05 -38.46
N ASP D 434 18.17 11.38 -39.58
CA ASP D 434 18.49 12.12 -40.78
C ASP D 434 17.29 12.89 -41.32
N SER D 435 16.08 12.50 -40.92
CA SER D 435 14.93 13.36 -41.16
C SER D 435 14.97 14.60 -40.27
N GLY D 436 15.48 14.47 -39.05
CA GLY D 436 15.73 15.63 -38.22
C GLY D 436 16.84 16.50 -38.76
N ARG D 437 17.84 15.88 -39.39
CA ARG D 437 18.85 16.66 -40.13
C ARG D 437 18.18 17.55 -41.16
N TRP D 438 17.31 16.96 -41.98
CA TRP D 438 16.69 17.70 -43.08
C TRP D 438 15.73 18.77 -42.56
N PHE D 439 14.89 18.43 -41.58
CA PHE D 439 13.89 19.37 -41.10
C PHE D 439 14.54 20.59 -40.46
N SER D 440 15.64 20.39 -39.74
CA SER D 440 16.35 21.52 -39.15
C SER D 440 16.91 22.44 -40.24
N GLU D 441 17.31 21.88 -41.38
CA GLU D 441 17.80 22.70 -42.48
C GLU D 441 16.65 23.32 -43.26
N GLN D 442 15.53 22.60 -43.40
CA GLN D 442 14.35 23.18 -44.03
C GLN D 442 13.85 24.39 -43.25
N ILE D 443 13.93 24.33 -41.91
CA ILE D 443 13.59 25.49 -41.09
C ILE D 443 14.57 26.62 -41.34
N ALA D 444 15.87 26.31 -41.37
CA ALA D 444 16.89 27.33 -41.57
C ALA D 444 16.77 27.99 -42.95
N ALA D 445 16.37 27.21 -43.97
CA ALA D 445 16.27 27.77 -45.31
C ALA D 445 15.12 28.77 -45.41
N HIS D 446 13.98 28.46 -44.80
CA HIS D 446 12.82 29.34 -44.85
C HIS D 446 13.01 30.55 -43.93
#